data_6N21
#
_entry.id   6N21
#
_cell.length_a   101.305
_cell.length_b   101.305
_cell.length_c   449.205
_cell.angle_alpha   90.00
_cell.angle_beta   90.00
_cell.angle_gamma   120.00
#
_symmetry.space_group_name_H-M   'P 32 2 1'
#
loop_
_entity.id
_entity.type
_entity.pdbx_description
1 polymer 'Carotenoid oxygenase'
2 non-polymer 'FE (II) ION'
3 non-polymer 'CHLORIDE ION'
4 water water
#
_entity_poly.entity_id   1
_entity_poly.type   'polypeptide(L)'
_entity_poly.pdbx_seq_one_letter_code
;MAEYVFSDAPKDSHGNGVKDAVPGKQPEELPPAPRYFQGENTAGFMRPVRFEGDITNLEVVGEIPKSIEGTFYRVMPEPH
LPSFIPNDPWFNGDGNISGFYFKDGHVDLKQRYVRTEKFVREAEARRSLLGKYRNRYTDLVEFKIRSTANTNIVYWRGQL
LALKEDSPPYAMDPETLETFGVYDFDGQLPSLTFTAHPKFDPVTREMVCFGYEAKGDGTRDICYYSFGPDGKIAETVWLV
SPVCGMIHDFAVTENFVIFPIIPLVCDVERMKQGGDHWQWDYSIPMYIGVLPRRGAQGSDVKWFEAPHGFAGHVANAFED
DKGHIQLQMAYAKDNVFFWWPDANGKGPRPGEVEAHFANFVLDYQSDKLPLAEPTYLVDDDMEFPRIDDRVATRKHKHTF
FCIFDRKPGVTDFEFVMPRAGGGAPMSNGLAHLNHETGDIQRYLPGPRKLTGECIFIPRNSEAAEGDGYVMVLLANYEDM
CSELAVLDTKDLTNEVALIKLPVRLRPGLHGNWVDKSDVDGHPAPL
;
_entity_poly.pdbx_strand_id   A,B,C,D
#
loop_
_chem_comp.id
_chem_comp.type
_chem_comp.name
_chem_comp.formula
CL non-polymer 'CHLORIDE ION' 'Cl -1'
FE2 non-polymer 'FE (II) ION' 'Fe 2'
#
# COMPACT_ATOMS: atom_id res chain seq x y z
N LEU A 30 -23.99 -23.27 18.32
CA LEU A 30 -24.18 -21.81 18.04
C LEU A 30 -25.53 -21.61 17.34
N PRO A 31 -26.27 -20.49 17.57
CA PRO A 31 -27.46 -20.19 16.78
C PRO A 31 -27.05 -20.07 15.31
N PRO A 32 -27.82 -20.63 14.35
CA PRO A 32 -27.37 -20.73 12.96
C PRO A 32 -27.20 -19.32 12.37
N ALA A 33 -26.22 -19.18 11.47
CA ALA A 33 -25.97 -17.95 10.69
C ALA A 33 -26.80 -18.02 9.42
N PRO A 34 -27.77 -17.11 9.20
CA PRO A 34 -28.49 -17.08 7.93
C PRO A 34 -27.50 -16.72 6.80
N ARG A 35 -27.77 -17.18 5.58
CA ARG A 35 -26.90 -17.01 4.40
C ARG A 35 -27.44 -15.94 3.44
N TYR A 36 -28.58 -15.32 3.78
CA TYR A 36 -29.13 -14.16 3.04
C TYR A 36 -29.93 -13.31 4.01
N PHE A 37 -30.09 -12.02 3.72
CA PHE A 37 -30.77 -11.06 4.62
C PHE A 37 -32.28 -11.29 4.54
N GLN A 38 -32.95 -11.29 5.68
CA GLN A 38 -34.43 -11.44 5.85
C GLN A 38 -34.91 -10.42 6.88
N GLY A 39 -36.17 -10.03 6.84
CA GLY A 39 -36.72 -9.01 7.75
C GLY A 39 -36.79 -7.66 7.08
N GLU A 40 -37.68 -6.80 7.57
CA GLU A 40 -38.03 -5.48 6.97
C GLU A 40 -36.79 -4.57 7.03
N ASN A 41 -35.96 -4.75 8.07
CA ASN A 41 -34.76 -3.91 8.33
C ASN A 41 -33.71 -4.10 7.23
N THR A 42 -33.87 -5.10 6.35
CA THR A 42 -32.90 -5.38 5.27
C THR A 42 -33.66 -5.63 3.95
N ALA A 43 -34.89 -5.12 3.83
CA ALA A 43 -35.71 -5.26 2.59
C ALA A 43 -35.64 -3.96 1.77
N GLY A 44 -35.98 -4.03 0.50
CA GLY A 44 -36.04 -2.89 -0.44
C GLY A 44 -34.74 -2.10 -0.42
N PHE A 45 -34.84 -0.79 -0.20
CA PHE A 45 -33.70 0.14 -0.22
C PHE A 45 -32.80 -0.10 1.00
N MET A 46 -33.27 -0.83 2.01
CA MET A 46 -32.47 -1.16 3.22
C MET A 46 -31.64 -2.44 3.01
N ARG A 47 -31.76 -3.10 1.86
CA ARG A 47 -30.97 -4.33 1.61
C ARG A 47 -29.50 -3.95 1.61
N PRO A 48 -28.66 -4.58 2.47
CA PRO A 48 -27.21 -4.35 2.42
C PRO A 48 -26.67 -4.62 1.02
N VAL A 49 -25.76 -3.76 0.58
CA VAL A 49 -24.97 -3.94 -0.66
C VAL A 49 -23.60 -4.53 -0.27
N ARG A 50 -22.92 -3.89 0.67
CA ARG A 50 -21.70 -4.39 1.36
C ARG A 50 -20.49 -4.32 0.43
N PHE A 51 -20.51 -3.39 -0.50
CA PHE A 51 -19.37 -3.22 -1.42
C PHE A 51 -18.37 -2.29 -0.75
N GLU A 52 -17.11 -2.58 -0.99
CA GLU A 52 -15.94 -1.73 -0.67
C GLU A 52 -15.16 -1.53 -1.96
N GLY A 53 -14.71 -0.31 -2.21
CA GLY A 53 -13.74 -0.02 -3.29
C GLY A 53 -13.98 1.36 -3.86
N ASP A 54 -13.98 1.48 -5.18
CA ASP A 54 -13.90 2.79 -5.86
C ASP A 54 -14.90 2.83 -7.01
N ILE A 55 -15.58 3.96 -7.15
CA ILE A 55 -16.22 4.37 -8.43
C ILE A 55 -15.76 5.79 -8.71
N THR A 56 -14.86 5.95 -9.67
CA THR A 56 -14.26 7.28 -10.01
C THR A 56 -15.15 7.94 -11.08
N ASN A 57 -15.01 9.25 -11.24
CA ASN A 57 -15.66 9.97 -12.37
C ASN A 57 -17.17 9.70 -12.33
N LEU A 58 -17.81 9.92 -11.18
CA LEU A 58 -19.28 9.72 -11.07
C LEU A 58 -20.00 10.55 -12.15
N GLU A 59 -21.07 9.99 -12.70
CA GLU A 59 -21.98 10.69 -13.64
C GLU A 59 -22.54 11.93 -12.93
N VAL A 60 -22.58 13.05 -13.64
CA VAL A 60 -23.09 14.35 -13.12
C VAL A 60 -24.11 14.88 -14.12
N VAL A 61 -25.30 15.18 -13.65
CA VAL A 61 -26.32 16.02 -14.34
C VAL A 61 -26.18 17.42 -13.77
N GLY A 62 -26.12 18.43 -14.62
CA GLY A 62 -25.79 19.82 -14.24
C GLY A 62 -24.29 20.00 -14.14
N GLU A 63 -23.84 20.83 -13.20
CA GLU A 63 -22.42 21.24 -13.14
C GLU A 63 -22.02 21.43 -11.68
N ILE A 64 -21.03 20.68 -11.22
CA ILE A 64 -20.45 20.86 -9.87
C ILE A 64 -19.62 22.13 -9.92
N PRO A 65 -19.87 23.16 -9.09
CA PRO A 65 -19.02 24.35 -9.05
C PRO A 65 -17.55 23.93 -8.97
N LYS A 66 -16.73 24.46 -9.88
CA LYS A 66 -15.34 24.01 -10.13
C LYS A 66 -14.45 24.41 -8.95
N SER A 67 -14.84 25.41 -8.18
CA SER A 67 -14.05 25.91 -7.03
C SER A 67 -14.25 25.00 -5.80
N ILE A 68 -15.25 24.10 -5.78
CA ILE A 68 -15.42 23.17 -4.62
C ILE A 68 -14.23 22.20 -4.61
N GLU A 69 -13.51 22.14 -3.49
CA GLU A 69 -12.37 21.21 -3.34
C GLU A 69 -12.32 20.67 -1.91
N GLY A 70 -12.48 19.36 -1.79
CA GLY A 70 -12.49 18.67 -0.49
C GLY A 70 -13.22 17.37 -0.60
N THR A 71 -13.60 16.83 0.55
CA THR A 71 -14.20 15.48 0.65
C THR A 71 -15.40 15.52 1.58
N PHE A 72 -16.50 14.94 1.13
CA PHE A 72 -17.69 14.63 1.93
C PHE A 72 -17.54 13.19 2.43
N TYR A 73 -17.34 13.01 3.73
CA TYR A 73 -17.31 11.68 4.38
C TYR A 73 -18.67 11.44 5.04
N ARG A 74 -19.28 10.28 4.81
CA ARG A 74 -20.48 9.86 5.56
C ARG A 74 -20.34 8.38 5.95
N VAL A 75 -21.03 8.01 7.01
CA VAL A 75 -21.04 6.62 7.52
C VAL A 75 -22.48 6.10 7.49
N MET A 76 -22.63 4.86 7.07
CA MET A 76 -23.90 4.12 7.16
C MET A 76 -23.67 2.84 7.93
N PRO A 77 -24.62 2.45 8.81
CA PRO A 77 -24.68 1.10 9.32
C PRO A 77 -25.01 0.19 8.12
N GLU A 78 -24.26 -0.89 7.96
CA GLU A 78 -24.47 -1.83 6.84
C GLU A 78 -23.96 -3.20 7.26
N PRO A 79 -24.83 -4.07 7.81
CA PRO A 79 -24.38 -5.39 8.26
C PRO A 79 -23.57 -6.06 7.15
N HIS A 80 -22.36 -6.52 7.49
N HIS A 80 -22.37 -6.52 7.48
CA HIS A 80 -21.47 -7.25 6.57
CA HIS A 80 -21.46 -7.24 6.56
C HIS A 80 -21.94 -8.70 6.44
C HIS A 80 -21.93 -8.70 6.44
N LEU A 81 -22.57 -9.22 7.49
CA LEU A 81 -23.07 -10.62 7.56
C LEU A 81 -24.45 -10.63 8.19
N PRO A 82 -25.36 -11.52 7.72
CA PRO A 82 -26.68 -11.63 8.34
C PRO A 82 -26.54 -11.93 9.83
N SER A 83 -27.24 -11.14 10.64
CA SER A 83 -27.30 -11.25 12.11
C SER A 83 -28.01 -12.55 12.50
N PHE A 84 -27.61 -13.14 13.63
CA PHE A 84 -28.37 -14.25 14.26
C PHE A 84 -29.48 -13.65 15.13
N ILE A 85 -29.46 -12.33 15.38
CA ILE A 85 -30.53 -11.57 16.10
C ILE A 85 -31.62 -11.18 15.10
N PRO A 86 -32.88 -11.66 15.24
CA PRO A 86 -33.96 -11.24 14.33
C PRO A 86 -34.30 -9.76 14.51
N ASN A 87 -34.58 -9.05 13.41
CA ASN A 87 -34.92 -7.61 13.41
C ASN A 87 -33.87 -6.80 14.19
N ASP A 88 -32.60 -7.11 13.95
CA ASP A 88 -31.49 -6.32 14.55
C ASP A 88 -31.74 -4.87 14.17
N PRO A 89 -31.79 -3.92 15.13
CA PRO A 89 -31.94 -2.51 14.79
C PRO A 89 -30.85 -1.99 13.85
N TRP A 90 -31.24 -0.98 13.07
CA TRP A 90 -30.42 -0.27 12.07
C TRP A 90 -29.12 0.20 12.73
N PHE A 91 -29.17 0.73 13.96
CA PHE A 91 -27.99 1.22 14.73
C PHE A 91 -26.96 0.12 15.02
N ASN A 92 -27.24 -1.16 14.75
CA ASN A 92 -26.30 -2.26 15.13
C ASN A 92 -25.47 -2.71 13.91
N GLY A 93 -25.63 -2.10 12.73
CA GLY A 93 -24.92 -2.49 11.49
C GLY A 93 -23.48 -1.97 11.43
N ASP A 94 -22.58 -2.78 10.86
CA ASP A 94 -21.14 -2.44 10.67
C ASP A 94 -21.01 -1.10 9.93
N GLY A 95 -20.19 -0.20 10.45
CA GLY A 95 -19.94 1.12 9.84
C GLY A 95 -19.19 0.99 8.53
N ASN A 96 -19.78 1.49 7.44
CA ASN A 96 -19.16 1.56 6.10
C ASN A 96 -18.98 3.05 5.75
N ILE A 97 -17.76 3.46 5.46
CA ILE A 97 -17.42 4.88 5.19
C ILE A 97 -17.44 5.16 3.68
N SER A 98 -18.18 6.18 3.27
CA SER A 98 -18.16 6.76 1.90
C SER A 98 -17.34 8.05 1.95
N GLY A 99 -16.42 8.21 1.02
CA GLY A 99 -15.76 9.49 0.72
C GLY A 99 -16.08 9.95 -0.68
N PHE A 100 -16.61 11.16 -0.82
CA PHE A 100 -16.84 11.82 -2.13
C PHE A 100 -15.78 12.90 -2.28
N TYR A 101 -14.79 12.65 -3.15
CA TYR A 101 -13.58 13.48 -3.35
C TYR A 101 -13.82 14.41 -4.54
N PHE A 102 -13.92 15.71 -4.27
CA PHE A 102 -14.30 16.74 -5.25
C PHE A 102 -13.06 17.54 -5.62
N LYS A 103 -12.83 17.71 -6.92
CA LYS A 103 -11.83 18.67 -7.46
C LYS A 103 -12.21 19.05 -8.90
N ASP A 104 -12.20 20.35 -9.19
CA ASP A 104 -12.37 20.90 -10.56
C ASP A 104 -13.65 20.36 -11.19
N GLY A 105 -14.71 20.19 -10.38
CA GLY A 105 -16.02 19.77 -10.90
C GLY A 105 -16.12 18.29 -11.21
N HIS A 106 -15.09 17.52 -10.83
CA HIS A 106 -15.05 16.03 -10.92
C HIS A 106 -15.25 15.47 -9.51
N VAL A 107 -15.87 14.30 -9.41
CA VAL A 107 -16.05 13.64 -8.09
C VAL A 107 -15.85 12.13 -8.21
N ASP A 108 -15.10 11.59 -7.27
CA ASP A 108 -14.83 10.13 -7.12
C ASP A 108 -15.40 9.65 -5.78
N LEU A 109 -15.93 8.43 -5.76
CA LEU A 109 -16.37 7.71 -4.54
C LEU A 109 -15.30 6.69 -4.15
N LYS A 110 -14.85 6.74 -2.91
CA LYS A 110 -14.16 5.61 -2.25
C LYS A 110 -15.04 5.15 -1.07
N GLN A 111 -15.13 3.85 -0.90
CA GLN A 111 -16.05 3.19 0.06
C GLN A 111 -15.27 2.09 0.78
N ARG A 112 -15.28 2.09 2.10
CA ARG A 112 -14.61 1.01 2.86
C ARG A 112 -15.21 0.84 4.26
N TYR A 113 -15.36 -0.40 4.69
CA TYR A 113 -15.78 -0.75 6.07
C TYR A 113 -14.67 -0.38 7.07
N VAL A 114 -15.07 0.14 8.22
CA VAL A 114 -14.16 0.29 9.38
C VAL A 114 -13.77 -1.11 9.85
N ARG A 115 -12.48 -1.36 10.04
CA ARG A 115 -11.98 -2.66 10.55
C ARG A 115 -12.10 -2.67 12.07
N THR A 116 -13.32 -2.67 12.56
CA THR A 116 -13.61 -2.86 14.01
C THR A 116 -13.21 -4.28 14.38
N GLU A 117 -13.05 -4.53 15.68
CA GLU A 117 -12.86 -5.92 16.18
C GLU A 117 -14.01 -6.79 15.68
N LYS A 118 -15.24 -6.30 15.77
CA LYS A 118 -16.44 -7.06 15.30
C LYS A 118 -16.26 -7.40 13.82
N PHE A 119 -15.96 -6.41 12.98
CA PHE A 119 -15.86 -6.63 11.51
C PHE A 119 -14.81 -7.71 11.24
N VAL A 120 -13.65 -7.58 11.88
CA VAL A 120 -12.48 -8.46 11.58
C VAL A 120 -12.79 -9.89 12.03
N ARG A 121 -13.35 -10.07 13.24
CA ARG A 121 -13.55 -11.44 13.78
C ARG A 121 -14.67 -12.10 13.01
N GLU A 122 -15.72 -11.36 12.66
CA GLU A 122 -16.86 -11.91 11.89
C GLU A 122 -16.40 -12.27 10.47
N ALA A 123 -15.53 -11.45 9.86
CA ALA A 123 -15.00 -11.74 8.51
C ALA A 123 -14.17 -13.03 8.56
N GLU A 124 -13.35 -13.18 9.59
CA GLU A 124 -12.52 -14.39 9.86
C GLU A 124 -13.41 -15.61 9.96
N ALA A 125 -14.50 -15.53 10.74
CA ALA A 125 -15.42 -16.66 10.99
C ALA A 125 -16.42 -16.81 9.83
N ARG A 126 -16.61 -15.77 9.01
CA ARG A 126 -17.67 -15.73 7.95
C ARG A 126 -19.04 -15.97 8.60
N ARG A 127 -19.30 -15.39 9.77
CA ARG A 127 -20.64 -15.43 10.40
C ARG A 127 -20.71 -14.34 11.48
N SER A 128 -21.92 -13.92 11.82
CA SER A 128 -22.14 -12.94 12.92
C SER A 128 -21.79 -13.60 14.25
N LEU A 129 -21.13 -12.83 15.12
CA LEU A 129 -20.69 -13.25 16.46
C LEU A 129 -21.21 -12.24 17.50
N LEU A 130 -21.21 -10.96 17.18
CA LEU A 130 -21.75 -9.92 18.10
C LEU A 130 -23.27 -10.00 18.09
N GLY A 131 -23.88 -9.92 19.29
CA GLY A 131 -25.34 -10.14 19.45
C GLY A 131 -26.11 -8.82 19.44
N LYS A 132 -26.93 -8.63 20.47
CA LYS A 132 -27.88 -7.50 20.57
C LYS A 132 -27.11 -6.19 20.77
N TYR A 133 -27.73 -5.12 20.29
CA TYR A 133 -27.26 -3.74 20.47
C TYR A 133 -26.85 -3.53 21.93
N ARG A 134 -25.57 -3.22 22.15
CA ARG A 134 -24.98 -2.79 23.44
C ARG A 134 -25.29 -3.82 24.53
N ASN A 135 -25.38 -5.11 24.18
CA ASN A 135 -25.55 -6.18 25.19
C ASN A 135 -24.50 -7.27 25.00
N ARG A 136 -23.36 -7.14 25.69
CA ARG A 136 -22.23 -8.11 25.59
C ARG A 136 -22.66 -9.50 26.07
N TYR A 137 -23.71 -9.62 26.89
CA TYR A 137 -24.16 -10.92 27.46
C TYR A 137 -24.80 -11.76 26.35
N THR A 138 -25.07 -11.21 25.17
CA THR A 138 -25.67 -11.97 24.03
C THR A 138 -24.62 -12.32 22.96
N ASP A 139 -23.37 -11.88 23.12
CA ASP A 139 -22.28 -12.13 22.15
C ASP A 139 -21.90 -13.62 22.17
N LEU A 140 -21.51 -14.18 21.03
CA LEU A 140 -21.14 -15.61 20.92
C LEU A 140 -19.67 -15.79 21.27
N VAL A 141 -18.90 -14.69 21.30
CA VAL A 141 -17.48 -14.70 21.75
C VAL A 141 -17.32 -13.44 22.59
N GLU A 142 -16.25 -13.35 23.34
CA GLU A 142 -15.96 -12.16 24.16
C GLU A 142 -15.20 -11.15 23.31
N PHE A 143 -15.75 -9.94 23.18
CA PHE A 143 -15.13 -8.79 22.48
C PHE A 143 -14.47 -7.89 23.51
N LYS A 144 -13.29 -7.35 23.20
CA LYS A 144 -12.66 -6.25 23.97
C LYS A 144 -13.40 -4.97 23.59
N ILE A 145 -13.64 -4.73 22.30
CA ILE A 145 -14.32 -3.51 21.79
C ILE A 145 -15.52 -3.97 20.95
N ARG A 146 -16.69 -3.39 21.20
CA ARG A 146 -17.94 -3.82 20.53
C ARG A 146 -18.36 -2.81 19.45
N SER A 147 -17.57 -1.74 19.24
CA SER A 147 -17.90 -0.67 18.26
C SER A 147 -18.28 -1.27 16.91
N THR A 148 -19.35 -0.74 16.32
CA THR A 148 -19.63 -0.87 14.86
C THR A 148 -19.12 0.39 14.13
N ALA A 149 -18.67 1.40 14.87
CA ALA A 149 -18.07 2.64 14.32
C ALA A 149 -18.97 3.22 13.22
N ASN A 150 -20.29 3.30 13.46
CA ASN A 150 -21.28 3.44 12.38
C ASN A 150 -22.11 4.73 12.51
N THR A 151 -21.74 5.67 13.38
CA THR A 151 -22.63 6.79 13.77
C THR A 151 -22.12 8.11 13.17
N ASN A 152 -20.83 8.39 13.29
CA ASN A 152 -20.26 9.64 12.75
C ASN A 152 -18.85 9.37 12.26
N ILE A 153 -18.36 10.25 11.39
CA ILE A 153 -17.01 10.17 10.78
C ILE A 153 -16.50 11.61 10.69
N VAL A 154 -15.54 11.94 11.55
CA VAL A 154 -15.02 13.32 11.72
C VAL A 154 -13.53 13.30 11.41
N TYR A 155 -12.98 14.48 11.19
CA TYR A 155 -11.56 14.72 10.87
C TYR A 155 -10.90 15.32 12.09
N TRP A 156 -9.75 14.79 12.45
CA TRP A 156 -8.95 15.32 13.59
C TRP A 156 -7.48 15.06 13.32
N ARG A 157 -6.69 16.13 13.23
CA ARG A 157 -5.20 16.11 13.14
C ARG A 157 -4.77 15.04 12.12
N GLY A 158 -5.30 15.10 10.90
CA GLY A 158 -4.84 14.32 9.74
C GLY A 158 -5.39 12.90 9.70
N GLN A 159 -6.29 12.52 10.61
CA GLN A 159 -6.96 11.19 10.59
C GLN A 159 -8.47 11.39 10.53
N LEU A 160 -9.21 10.39 10.05
CA LEU A 160 -10.66 10.29 10.30
C LEU A 160 -10.85 9.55 11.62
N LEU A 161 -11.86 9.94 12.40
CA LEU A 161 -12.32 9.19 13.59
C LEU A 161 -13.74 8.69 13.31
N ALA A 162 -13.90 7.37 13.25
CA ALA A 162 -15.17 6.67 13.06
C ALA A 162 -15.75 6.40 14.45
N LEU A 163 -16.88 7.03 14.76
CA LEU A 163 -17.40 7.19 16.14
C LEU A 163 -18.58 6.26 16.41
N LYS A 164 -18.62 5.77 17.65
CA LYS A 164 -19.75 4.99 18.21
C LYS A 164 -19.67 5.17 19.73
N GLU A 165 -20.78 5.64 20.32
CA GLU A 165 -20.79 6.25 21.67
C GLU A 165 -20.56 5.22 22.78
N ASP A 166 -20.49 3.93 22.44
CA ASP A 166 -20.19 2.84 23.43
C ASP A 166 -18.70 2.53 23.43
N SER A 167 -17.86 3.30 22.73
CA SER A 167 -16.49 2.86 22.38
C SER A 167 -15.57 4.06 22.19
N PRO A 168 -14.23 3.82 22.18
CA PRO A 168 -13.30 4.79 21.64
C PRO A 168 -13.52 4.93 20.13
N PRO A 169 -12.98 5.97 19.49
CA PRO A 169 -13.03 6.10 18.04
C PRO A 169 -12.15 5.03 17.39
N TYR A 170 -12.38 4.76 16.11
CA TYR A 170 -11.43 4.06 15.21
C TYR A 170 -10.80 5.11 14.31
N ALA A 171 -9.47 5.15 14.26
CA ALA A 171 -8.69 6.09 13.43
C ALA A 171 -8.55 5.48 12.04
N MET A 172 -8.72 6.31 11.02
CA MET A 172 -8.67 5.88 9.61
C MET A 172 -7.89 6.92 8.79
N ASP A 173 -7.35 6.45 7.65
CA ASP A 173 -6.63 7.29 6.68
C ASP A 173 -7.65 8.04 5.81
N PRO A 174 -7.67 9.39 5.80
CA PRO A 174 -8.64 10.15 5.02
C PRO A 174 -8.56 9.91 3.49
N GLU A 175 -7.38 9.48 3.02
CA GLU A 175 -7.13 9.34 1.57
C GLU A 175 -7.51 7.92 1.13
N THR A 176 -7.11 6.88 1.87
CA THR A 176 -7.30 5.47 1.46
C THR A 176 -8.46 4.81 2.22
N LEU A 177 -8.93 5.41 3.33
CA LEU A 177 -9.95 4.83 4.25
C LEU A 177 -9.45 3.53 4.88
N GLU A 178 -8.14 3.29 4.84
CA GLU A 178 -7.51 2.23 5.68
C GLU A 178 -7.85 2.53 7.14
N THR A 179 -8.16 1.50 7.92
CA THR A 179 -8.35 1.60 9.39
C THR A 179 -6.99 1.41 10.08
N PHE A 180 -6.53 2.38 10.88
CA PHE A 180 -5.30 2.23 11.69
C PHE A 180 -5.59 1.35 12.90
N GLY A 181 -6.70 1.59 13.58
CA GLY A 181 -7.15 0.80 14.74
C GLY A 181 -7.87 1.66 15.74
N VAL A 182 -8.32 1.06 16.83
CA VAL A 182 -8.99 1.79 17.93
C VAL A 182 -8.02 2.86 18.40
N TYR A 183 -8.49 4.06 18.67
CA TYR A 183 -7.64 5.26 18.88
C TYR A 183 -7.78 5.73 20.33
N ASP A 184 -6.66 5.92 21.02
CA ASP A 184 -6.64 6.34 22.44
C ASP A 184 -5.90 7.67 22.62
N PHE A 185 -5.72 8.45 21.56
CA PHE A 185 -5.14 9.82 21.62
C PHE A 185 -3.78 9.79 22.32
N ASP A 186 -2.87 8.92 21.87
CA ASP A 186 -1.49 8.82 22.37
C ASP A 186 -1.55 8.41 23.85
N GLY A 187 -2.43 7.47 24.18
CA GLY A 187 -2.62 6.97 25.55
C GLY A 187 -3.32 7.96 26.49
N GLN A 188 -3.85 9.09 26.01
CA GLN A 188 -4.45 10.13 26.89
C GLN A 188 -5.96 9.91 27.11
N LEU A 189 -6.63 9.10 26.28
CA LEU A 189 -8.11 8.95 26.37
C LEU A 189 -8.46 8.49 27.78
N PRO A 190 -9.21 9.27 28.59
CA PRO A 190 -9.49 8.88 29.98
C PRO A 190 -10.73 8.00 30.16
N SER A 191 -11.50 7.79 29.10
CA SER A 191 -12.89 7.25 29.10
C SER A 191 -12.93 5.96 28.28
N LEU A 192 -13.80 5.02 28.64
CA LEU A 192 -14.09 3.83 27.80
C LEU A 192 -14.91 4.24 26.56
N THR A 193 -15.52 5.44 26.59
CA THR A 193 -16.54 5.83 25.59
C THR A 193 -16.23 7.22 25.06
N PHE A 194 -16.52 7.43 23.79
CA PHE A 194 -16.26 8.71 23.07
C PHE A 194 -17.52 9.00 22.26
N THR A 195 -18.17 10.12 22.56
CA THR A 195 -19.44 10.55 21.91
C THR A 195 -19.31 10.53 20.39
N ALA A 196 -20.43 10.30 19.71
CA ALA A 196 -20.53 10.43 18.25
C ALA A 196 -20.61 11.92 17.85
N HIS A 197 -20.74 12.84 18.81
CA HIS A 197 -20.98 14.28 18.50
C HIS A 197 -20.01 15.17 19.25
N PRO A 198 -18.69 15.03 19.02
CA PRO A 198 -17.74 16.00 19.57
C PRO A 198 -17.98 17.35 18.88
N LYS A 199 -17.57 18.46 19.49
CA LYS A 199 -17.73 19.81 18.90
C LYS A 199 -16.34 20.38 18.63
N PHE A 200 -16.19 21.07 17.50
CA PHE A 200 -14.92 21.71 17.09
C PHE A 200 -15.07 23.21 17.34
N ASP A 201 -14.33 23.72 18.32
CA ASP A 201 -14.32 25.18 18.62
C ASP A 201 -13.57 25.88 17.50
N PRO A 202 -14.22 26.72 16.66
CA PRO A 202 -13.54 27.34 15.53
C PRO A 202 -12.52 28.42 15.94
N VAL A 203 -12.62 28.93 17.17
CA VAL A 203 -11.68 29.97 17.68
C VAL A 203 -10.49 29.26 18.35
N THR A 204 -10.70 28.33 19.29
CA THR A 204 -9.59 27.70 20.05
C THR A 204 -9.03 26.50 19.29
N ARG A 205 -9.75 25.98 18.29
CA ARG A 205 -9.36 24.79 17.49
C ARG A 205 -9.33 23.54 18.39
N GLU A 206 -9.99 23.59 19.55
CA GLU A 206 -10.14 22.42 20.45
C GLU A 206 -11.19 21.47 19.88
N MET A 207 -11.00 20.18 20.10
CA MET A 207 -12.08 19.17 19.95
C MET A 207 -12.66 18.92 21.34
N VAL A 208 -13.94 19.25 21.54
CA VAL A 208 -14.60 19.13 22.87
C VAL A 208 -15.43 17.85 22.84
N CYS A 209 -15.19 16.99 23.83
CA CYS A 209 -15.67 15.59 23.87
C CYS A 209 -16.33 15.26 25.21
N PHE A 210 -17.02 14.14 25.21
CA PHE A 210 -17.39 13.43 26.46
C PHE A 210 -17.66 11.98 26.09
N GLY A 211 -17.78 11.14 27.11
CA GLY A 211 -18.45 9.83 27.01
C GLY A 211 -19.33 9.61 28.21
N TYR A 212 -20.47 8.94 28.02
CA TYR A 212 -21.36 8.49 29.13
C TYR A 212 -21.19 6.97 29.24
N GLU A 213 -21.70 6.38 30.31
CA GLU A 213 -21.37 4.99 30.71
C GLU A 213 -19.84 4.85 30.62
N ALA A 214 -19.13 5.88 31.07
CA ALA A 214 -17.69 6.09 30.84
C ALA A 214 -16.87 5.07 31.65
N LYS A 215 -17.47 4.34 32.60
CA LYS A 215 -16.77 3.28 33.38
C LYS A 215 -17.39 1.92 33.12
N GLY A 216 -18.25 1.80 32.10
CA GLY A 216 -18.79 0.48 31.72
C GLY A 216 -20.29 0.46 31.73
N ASP A 217 -20.84 -0.67 31.30
CA ASP A 217 -22.29 -0.90 31.18
C ASP A 217 -22.98 -0.41 32.45
N GLY A 218 -23.99 0.46 32.27
CA GLY A 218 -24.90 0.91 33.32
C GLY A 218 -24.30 1.88 34.30
N THR A 219 -23.06 2.30 34.13
CA THR A 219 -22.44 3.32 35.02
C THR A 219 -23.09 4.68 34.72
N ARG A 220 -23.16 5.54 35.73
CA ARG A 220 -23.72 6.90 35.62
C ARG A 220 -22.59 7.90 35.44
N ASP A 221 -21.37 7.40 35.28
CA ASP A 221 -20.16 8.23 35.06
C ASP A 221 -20.21 8.84 33.66
N ILE A 222 -20.09 10.16 33.63
CA ILE A 222 -19.79 10.98 32.42
C ILE A 222 -18.37 11.47 32.58
N CYS A 223 -17.56 11.28 31.56
CA CYS A 223 -16.23 11.89 31.47
C CYS A 223 -16.28 12.98 30.40
N TYR A 224 -16.12 14.23 30.82
CA TYR A 224 -16.01 15.41 29.94
C TYR A 224 -14.52 15.63 29.71
N TYR A 225 -14.11 15.70 28.45
CA TYR A 225 -12.66 15.88 28.10
C TYR A 225 -12.53 16.62 26.78
N SER A 226 -11.39 17.30 26.60
CA SER A 226 -11.11 18.12 25.41
C SER A 226 -9.66 17.92 24.99
N PHE A 227 -9.39 18.20 23.73
CA PHE A 227 -8.03 18.13 23.14
C PHE A 227 -7.76 19.45 22.46
N GLY A 228 -6.60 20.02 22.76
CA GLY A 228 -6.11 21.22 22.06
C GLY A 228 -5.68 20.85 20.65
N PRO A 229 -5.48 21.85 19.77
CA PRO A 229 -5.15 21.58 18.37
C PRO A 229 -3.83 20.82 18.20
N ASP A 230 -2.96 20.83 19.21
CA ASP A 230 -1.66 20.10 19.21
C ASP A 230 -1.88 18.64 19.59
N GLY A 231 -3.09 18.21 19.93
CA GLY A 231 -3.36 16.80 20.28
C GLY A 231 -3.24 16.51 21.78
N LYS A 232 -2.87 17.49 22.60
CA LYS A 232 -2.74 17.30 24.08
C LYS A 232 -4.10 17.42 24.76
N ILE A 233 -4.39 16.51 25.68
CA ILE A 233 -5.65 16.57 26.47
C ILE A 233 -5.61 17.86 27.29
N ALA A 234 -6.73 18.56 27.39
CA ALA A 234 -6.88 19.78 28.22
C ALA A 234 -7.81 19.45 29.38
N GLU A 235 -9.12 19.58 29.21
CA GLU A 235 -10.09 19.24 30.28
C GLU A 235 -10.17 17.72 30.45
N THR A 236 -10.35 17.28 31.70
CA THR A 236 -10.85 15.94 32.07
C THR A 236 -11.61 16.06 33.37
N VAL A 237 -12.95 15.99 33.32
CA VAL A 237 -13.83 16.14 34.51
C VAL A 237 -14.76 14.94 34.54
N TRP A 238 -14.74 14.21 35.65
CA TRP A 238 -15.69 13.11 35.93
C TRP A 238 -16.90 13.69 36.66
N LEU A 239 -18.10 13.43 36.15
CA LEU A 239 -19.35 13.80 36.84
C LEU A 239 -20.28 12.60 36.80
N VAL A 240 -21.44 12.77 37.43
CA VAL A 240 -22.42 11.69 37.68
C VAL A 240 -23.78 12.17 37.16
N SER A 241 -24.36 11.37 36.29
CA SER A 241 -25.71 11.52 35.71
C SER A 241 -26.74 11.16 36.78
N PRO A 242 -27.88 11.85 36.94
CA PRO A 242 -28.90 11.44 37.91
C PRO A 242 -29.47 10.05 37.65
N VAL A 243 -29.54 9.62 36.38
CA VAL A 243 -29.95 8.26 35.95
C VAL A 243 -28.90 7.74 34.98
N CYS A 244 -28.87 6.44 34.71
CA CYS A 244 -28.04 5.90 33.60
C CYS A 244 -28.85 6.06 32.32
N GLY A 245 -28.83 7.26 31.78
CA GLY A 245 -29.61 7.65 30.60
C GLY A 245 -28.71 7.88 29.39
N MET A 246 -29.28 7.78 28.20
CA MET A 246 -28.59 7.95 26.92
C MET A 246 -28.29 9.44 26.72
N ILE A 247 -27.01 9.81 26.68
CA ILE A 247 -26.56 11.19 26.31
C ILE A 247 -25.93 11.11 24.92
N HIS A 248 -26.78 11.15 23.90
CA HIS A 248 -26.40 10.95 22.48
C HIS A 248 -25.64 12.15 21.95
N ASP A 249 -26.07 13.35 22.33
CA ASP A 249 -25.49 14.61 21.81
C ASP A 249 -25.24 15.51 23.00
N PHE A 250 -24.50 16.59 22.79
CA PHE A 250 -24.24 17.61 23.83
C PHE A 250 -23.98 18.91 23.12
N ALA A 251 -23.80 19.98 23.89
CA ALA A 251 -23.65 21.35 23.38
C ALA A 251 -22.50 22.00 24.13
N VAL A 252 -21.82 22.90 23.44
CA VAL A 252 -20.62 23.63 23.94
C VAL A 252 -20.83 25.09 23.59
N THR A 253 -20.64 25.96 24.58
CA THR A 253 -20.64 27.44 24.46
C THR A 253 -19.25 27.90 24.89
N GLU A 254 -19.01 29.20 24.88
CA GLU A 254 -17.70 29.77 25.27
C GLU A 254 -17.32 29.27 26.69
N ASN A 255 -18.27 29.21 27.63
CA ASN A 255 -17.99 28.99 29.07
C ASN A 255 -18.68 27.74 29.64
N PHE A 256 -19.52 27.04 28.88
CA PHE A 256 -20.30 25.90 29.41
C PHE A 256 -20.29 24.73 28.43
N VAL A 257 -20.48 23.54 29.00
CA VAL A 257 -20.86 22.30 28.25
C VAL A 257 -22.17 21.79 28.84
N ILE A 258 -23.05 21.30 27.98
CA ILE A 258 -24.47 21.01 28.28
C ILE A 258 -24.77 19.57 27.84
N PHE A 259 -25.30 18.76 28.76
CA PHE A 259 -25.62 17.33 28.57
C PHE A 259 -27.12 17.09 28.67
N PRO A 260 -27.84 17.06 27.53
CA PRO A 260 -29.24 16.64 27.50
C PRO A 260 -29.33 15.11 27.54
N ILE A 261 -30.09 14.59 28.50
CA ILE A 261 -30.31 13.14 28.71
C ILE A 261 -31.65 12.73 28.11
N ILE A 262 -31.60 11.82 27.15
CA ILE A 262 -32.80 11.09 26.64
C ILE A 262 -33.25 10.16 27.75
N PRO A 263 -34.55 10.17 28.14
CA PRO A 263 -35.10 9.26 29.15
C PRO A 263 -35.13 7.78 28.74
N LEU A 264 -34.13 7.32 28.00
CA LEU A 264 -33.85 5.87 27.84
C LEU A 264 -32.87 5.50 28.94
N VAL A 265 -33.15 4.45 29.70
CA VAL A 265 -32.40 4.15 30.94
C VAL A 265 -31.91 2.71 30.86
N CYS A 266 -30.69 2.51 31.34
CA CYS A 266 -29.98 1.21 31.30
C CYS A 266 -30.06 0.54 32.66
N ASP A 267 -30.42 -0.73 32.68
CA ASP A 267 -30.33 -1.63 33.87
C ASP A 267 -29.49 -2.86 33.47
N VAL A 268 -28.32 -3.03 34.04
CA VAL A 268 -27.38 -4.12 33.67
CA VAL A 268 -27.39 -4.13 33.65
C VAL A 268 -28.03 -5.48 33.99
N GLU A 269 -28.85 -5.54 35.05
CA GLU A 269 -29.51 -6.81 35.45
C GLU A 269 -30.47 -7.25 34.36
N ARG A 270 -31.22 -6.31 33.74
CA ARG A 270 -32.06 -6.62 32.55
C ARG A 270 -31.17 -7.17 31.42
N MET A 271 -30.02 -6.53 31.21
CA MET A 271 -29.09 -6.90 30.09
C MET A 271 -28.58 -8.33 30.33
N LYS A 272 -28.19 -8.67 31.56
CA LYS A 272 -27.69 -10.03 31.93
C LYS A 272 -28.71 -11.11 31.59
N GLN A 273 -30.01 -10.80 31.57
CA GLN A 273 -31.04 -11.80 31.21
C GLN A 273 -31.33 -11.77 29.71
N GLY A 274 -30.57 -11.00 28.93
CA GLY A 274 -30.74 -10.91 27.46
C GLY A 274 -31.67 -9.76 27.07
N GLY A 275 -32.05 -8.89 28.01
CA GLY A 275 -32.92 -7.74 27.72
C GLY A 275 -32.19 -6.60 27.03
N ASP A 276 -32.93 -5.55 26.72
CA ASP A 276 -32.43 -4.37 25.97
C ASP A 276 -31.56 -3.54 26.89
N HIS A 277 -30.48 -2.97 26.33
CA HIS A 277 -29.65 -1.96 27.03
C HIS A 277 -30.56 -0.81 27.47
N TRP A 278 -31.49 -0.38 26.60
CA TRP A 278 -32.28 0.87 26.79
C TRP A 278 -33.76 0.56 27.01
N GLN A 279 -34.39 1.27 27.94
CA GLN A 279 -35.83 1.15 28.27
C GLN A 279 -36.35 2.54 28.64
N TRP A 280 -37.39 3.00 27.96
CA TRP A 280 -38.00 4.32 28.24
C TRP A 280 -38.50 4.37 29.68
N ASP A 281 -38.36 5.53 30.31
CA ASP A 281 -38.90 5.86 31.65
C ASP A 281 -39.78 7.11 31.52
N TYR A 282 -41.10 6.95 31.59
CA TYR A 282 -42.10 8.06 31.44
C TYR A 282 -42.08 8.98 32.66
N SER A 283 -41.43 8.56 33.75
CA SER A 283 -41.55 9.19 35.09
C SER A 283 -40.45 10.22 35.32
N ILE A 284 -39.48 10.37 34.40
CA ILE A 284 -38.36 11.32 34.63
C ILE A 284 -38.47 12.49 33.66
N PRO A 285 -37.87 13.63 34.05
CA PRO A 285 -37.74 14.77 33.17
C PRO A 285 -36.70 14.48 32.10
N MET A 286 -36.63 15.33 31.08
CA MET A 286 -35.44 15.39 30.19
C MET A 286 -34.40 16.23 30.92
N TYR A 287 -33.49 15.59 31.63
CA TYR A 287 -32.40 16.27 32.36
C TYR A 287 -31.51 17.00 31.35
N ILE A 288 -31.07 18.20 31.71
CA ILE A 288 -30.09 19.00 30.93
C ILE A 288 -29.03 19.48 31.93
N GLY A 289 -27.88 18.81 31.96
CA GLY A 289 -26.76 19.16 32.85
C GLY A 289 -25.97 20.32 32.29
N VAL A 290 -25.57 21.25 33.14
CA VAL A 290 -24.69 22.38 32.74
C VAL A 290 -23.48 22.36 33.65
N LEU A 291 -22.29 22.37 33.03
CA LEU A 291 -20.97 22.33 33.71
C LEU A 291 -20.13 23.47 33.14
N PRO A 292 -19.36 24.20 33.97
CA PRO A 292 -18.41 25.18 33.45
C PRO A 292 -17.43 24.45 32.55
N ARG A 293 -17.11 25.06 31.41
CA ARG A 293 -16.30 24.42 30.34
C ARG A 293 -14.87 24.18 30.82
N ARG A 294 -14.34 25.06 31.68
CA ARG A 294 -12.90 25.05 32.07
C ARG A 294 -12.77 25.06 33.61
N GLY A 295 -11.95 24.17 34.16
CA GLY A 295 -11.49 24.24 35.55
C GLY A 295 -12.49 23.66 36.54
N ALA A 296 -13.62 23.09 36.09
CA ALA A 296 -14.72 22.61 36.96
C ALA A 296 -14.34 21.31 37.66
N GLN A 297 -15.04 21.01 38.75
CA GLN A 297 -15.13 19.68 39.38
C GLN A 297 -16.50 19.09 39.01
N GLY A 298 -16.65 17.78 39.16
CA GLY A 298 -17.90 17.04 38.87
C GLY A 298 -19.07 17.62 39.65
N SER A 299 -18.87 18.03 40.91
CA SER A 299 -19.93 18.59 41.78
C SER A 299 -20.47 19.93 41.24
N ASP A 300 -19.76 20.58 40.29
CA ASP A 300 -20.20 21.89 39.74
C ASP A 300 -21.34 21.72 38.73
N VAL A 301 -21.65 20.50 38.30
CA VAL A 301 -22.75 20.29 37.32
C VAL A 301 -24.08 20.64 38.01
N LYS A 302 -24.97 21.31 37.30
CA LYS A 302 -26.38 21.53 37.70
C LYS A 302 -27.26 20.73 36.75
N TRP A 303 -28.07 19.83 37.28
CA TRP A 303 -29.00 18.99 36.50
C TRP A 303 -30.37 19.68 36.43
N PHE A 304 -30.54 20.58 35.46
CA PHE A 304 -31.83 21.23 35.14
C PHE A 304 -32.77 20.13 34.63
N GLU A 305 -34.07 20.37 34.77
CA GLU A 305 -35.12 19.38 34.47
C GLU A 305 -36.07 20.03 33.47
N ALA A 306 -35.91 19.71 32.20
CA ALA A 306 -36.82 20.12 31.12
C ALA A 306 -38.03 19.20 31.17
N PRO A 307 -39.20 19.64 30.67
CA PRO A 307 -40.35 18.76 30.55
C PRO A 307 -39.96 17.46 29.84
N HIS A 308 -40.52 16.36 30.34
CA HIS A 308 -40.32 15.01 29.81
C HIS A 308 -40.40 15.06 28.28
N GLY A 309 -39.40 14.48 27.62
CA GLY A 309 -39.35 14.40 26.16
C GLY A 309 -38.02 13.84 25.69
N PHE A 310 -37.88 13.77 24.36
CA PHE A 310 -36.73 13.14 23.69
C PHE A 310 -35.77 14.25 23.26
N ALA A 311 -34.53 14.19 23.74
CA ALA A 311 -33.40 15.03 23.28
C ALA A 311 -32.91 14.51 21.93
N GLY A 312 -33.29 15.19 20.84
CA GLY A 312 -32.75 14.99 19.50
C GLY A 312 -31.42 15.71 19.32
N HIS A 313 -30.94 15.81 18.10
CA HIS A 313 -29.60 16.39 17.81
C HIS A 313 -29.58 17.88 18.14
N VAL A 314 -28.44 18.33 18.65
CA VAL A 314 -28.16 19.76 18.93
C VAL A 314 -27.79 20.44 17.61
N ALA A 315 -28.46 21.54 17.27
CA ALA A 315 -28.02 22.41 16.15
C ALA A 315 -26.75 23.12 16.60
N ASN A 316 -26.82 23.77 17.75
CA ASN A 316 -25.76 24.65 18.31
C ASN A 316 -26.28 25.26 19.61
N ALA A 317 -25.38 25.64 20.50
CA ALA A 317 -25.71 26.45 21.69
C ALA A 317 -24.72 27.62 21.76
N PHE A 318 -25.13 28.72 22.40
CA PHE A 318 -24.31 29.92 22.62
C PHE A 318 -24.80 30.69 23.84
N GLU A 319 -23.92 31.49 24.44
CA GLU A 319 -24.29 32.49 25.48
C GLU A 319 -24.74 33.79 24.80
N ASP A 320 -25.89 34.34 25.21
CA ASP A 320 -26.36 35.72 24.86
C ASP A 320 -25.65 36.74 25.78
N ASP A 321 -25.99 38.03 25.65
CA ASP A 321 -25.36 39.16 26.41
C ASP A 321 -25.46 38.96 27.93
N LYS A 322 -26.57 38.42 28.43
CA LYS A 322 -26.81 38.18 29.88
C LYS A 322 -26.05 36.93 30.35
N GLY A 323 -25.34 36.23 29.44
CA GLY A 323 -24.59 35.00 29.74
C GLY A 323 -25.49 33.80 29.94
N HIS A 324 -26.75 33.87 29.46
CA HIS A 324 -27.71 32.75 29.47
C HIS A 324 -27.46 31.85 28.24
N ILE A 325 -27.54 30.53 28.43
CA ILE A 325 -27.32 29.55 27.33
C ILE A 325 -28.59 29.46 26.49
N GLN A 326 -28.47 29.75 25.20
CA GLN A 326 -29.53 29.44 24.19
C GLN A 326 -29.17 28.09 23.55
N LEU A 327 -29.89 27.03 23.90
CA LEU A 327 -29.65 25.64 23.43
C LEU A 327 -30.70 25.33 22.38
N GLN A 328 -30.28 25.16 21.12
CA GLN A 328 -31.21 24.90 20.00
C GLN A 328 -31.00 23.47 19.52
N MET A 329 -32.05 22.66 19.52
CA MET A 329 -31.98 21.19 19.33
C MET A 329 -33.35 20.67 18.92
N ALA A 330 -33.36 19.53 18.23
CA ALA A 330 -34.60 18.78 17.96
C ALA A 330 -35.12 18.27 19.31
N TYR A 331 -36.42 18.34 19.54
CA TYR A 331 -37.08 17.95 20.80
C TYR A 331 -38.46 17.39 20.47
N ALA A 332 -38.73 16.18 20.96
CA ALA A 332 -40.03 15.49 20.82
C ALA A 332 -40.63 15.27 22.21
N LYS A 333 -41.92 14.99 22.24
CA LYS A 333 -42.71 14.87 23.50
C LYS A 333 -42.88 13.39 23.86
N ASP A 334 -42.31 12.49 23.06
CA ASP A 334 -42.40 11.03 23.30
C ASP A 334 -41.15 10.36 22.71
N ASN A 335 -41.07 9.04 22.87
CA ASN A 335 -39.91 8.18 22.58
C ASN A 335 -39.76 8.01 21.06
N VAL A 336 -38.86 8.78 20.45
CA VAL A 336 -38.48 8.65 19.02
C VAL A 336 -37.98 7.22 18.75
N PHE A 337 -37.23 6.63 19.70
CA PHE A 337 -36.68 5.26 19.59
C PHE A 337 -37.70 4.27 20.15
N PHE A 338 -38.85 4.17 19.47
CA PHE A 338 -40.10 3.50 19.92
C PHE A 338 -39.90 1.99 20.05
N TRP A 339 -38.87 1.43 19.40
CA TRP A 339 -38.51 -0.01 19.47
C TRP A 339 -37.93 -0.31 20.87
N TRP A 340 -37.63 0.70 21.69
CA TRP A 340 -37.19 0.51 23.11
C TRP A 340 -38.24 1.15 24.03
N PRO A 341 -39.38 0.48 24.24
CA PRO A 341 -40.49 1.07 25.01
C PRO A 341 -40.24 0.99 26.53
N ASP A 342 -41.25 1.34 27.34
CA ASP A 342 -41.12 1.35 28.82
C ASP A 342 -41.19 -0.09 29.34
N ALA A 343 -41.07 -0.28 30.65
CA ALA A 343 -41.01 -1.60 31.31
C ALA A 343 -42.23 -2.46 30.96
N ASN A 344 -43.39 -1.84 30.65
CA ASN A 344 -44.62 -2.61 30.31
C ASN A 344 -44.87 -2.61 28.79
N GLY A 345 -43.85 -2.31 27.98
CA GLY A 345 -43.94 -2.34 26.50
C GLY A 345 -44.75 -1.17 25.95
N LYS A 346 -44.97 -0.11 26.73
CA LYS A 346 -45.73 1.10 26.31
C LYS A 346 -44.83 2.05 25.52
N GLY A 347 -45.28 2.52 24.35
CA GLY A 347 -44.66 3.63 23.61
C GLY A 347 -45.31 3.88 22.26
N PRO A 348 -44.78 4.84 21.46
CA PRO A 348 -45.38 5.21 20.17
C PRO A 348 -45.33 4.11 19.11
N ARG A 349 -46.08 4.29 18.01
CA ARG A 349 -45.97 3.49 16.77
C ARG A 349 -44.99 4.18 15.81
N PRO A 350 -44.49 3.46 14.78
CA PRO A 350 -43.67 4.08 13.74
C PRO A 350 -44.39 5.27 13.09
N GLY A 351 -43.67 6.37 12.87
CA GLY A 351 -44.14 7.55 12.11
C GLY A 351 -45.06 8.45 12.92
N GLU A 352 -45.24 8.17 14.21
CA GLU A 352 -46.19 8.90 15.10
C GLU A 352 -45.46 10.08 15.76
N VAL A 353 -44.19 9.93 16.13
CA VAL A 353 -43.49 10.96 16.95
C VAL A 353 -42.84 11.97 16.02
N GLU A 354 -43.18 13.24 16.19
CA GLU A 354 -42.56 14.39 15.48
C GLU A 354 -41.55 15.02 16.46
N ALA A 355 -40.44 15.51 15.94
CA ALA A 355 -39.47 16.33 16.69
C ALA A 355 -39.51 17.74 16.10
N HIS A 356 -39.36 18.75 16.95
CA HIS A 356 -39.50 20.17 16.59
C HIS A 356 -38.25 20.91 17.04
N PHE A 357 -37.90 21.95 16.30
CA PHE A 357 -36.67 22.75 16.50
C PHE A 357 -36.90 23.66 17.70
N ALA A 358 -36.38 23.26 18.86
CA ALA A 358 -36.65 23.89 20.16
C ALA A 358 -35.48 24.81 20.54
N ASN A 359 -35.80 25.88 21.26
CA ASN A 359 -34.84 26.76 21.98
C ASN A 359 -35.12 26.63 23.48
N PHE A 360 -34.17 26.09 24.23
CA PHE A 360 -34.19 26.03 25.71
C PHE A 360 -33.27 27.15 26.21
N VAL A 361 -33.69 27.87 27.27
CA VAL A 361 -32.86 28.92 27.91
C VAL A 361 -32.38 28.37 29.24
N LEU A 362 -31.09 28.42 29.50
CA LEU A 362 -30.51 27.90 30.76
C LEU A 362 -29.62 28.97 31.37
N ASP A 363 -29.76 29.17 32.68
CA ASP A 363 -28.94 30.12 33.46
C ASP A 363 -28.21 29.29 34.51
N TYR A 364 -26.92 29.10 34.34
CA TYR A 364 -26.10 28.30 35.27
C TYR A 364 -26.25 28.86 36.70
N GLN A 365 -26.45 30.19 36.84
CA GLN A 365 -26.52 30.89 38.15
C GLN A 365 -27.83 30.51 38.88
N SER A 366 -28.91 30.24 38.13
CA SER A 366 -30.25 29.87 38.69
C SER A 366 -30.14 28.62 39.56
N ASP A 367 -30.97 28.55 40.60
CA ASP A 367 -31.13 27.37 41.49
C ASP A 367 -32.48 26.72 41.22
N LYS A 368 -33.31 27.32 40.34
CA LYS A 368 -34.57 26.71 39.86
C LYS A 368 -34.18 25.59 38.89
N LEU A 369 -34.41 24.34 39.28
CA LEU A 369 -34.02 23.17 38.43
C LEU A 369 -35.05 22.99 37.31
N PRO A 370 -36.37 23.01 37.56
CA PRO A 370 -37.33 22.86 36.47
C PRO A 370 -37.18 23.99 35.45
N LEU A 371 -37.34 23.67 34.16
CA LEU A 371 -37.22 24.61 33.03
C LEU A 371 -38.58 24.72 32.37
N ALA A 372 -38.90 25.91 31.85
CA ALA A 372 -40.10 26.16 31.03
C ALA A 372 -40.03 25.26 29.78
N GLU A 373 -41.20 24.92 29.24
CA GLU A 373 -41.36 24.47 27.85
C GLU A 373 -40.47 25.34 26.98
N PRO A 374 -39.79 24.77 25.96
CA PRO A 374 -38.99 25.56 25.04
C PRO A 374 -39.89 26.35 24.07
N THR A 375 -39.38 27.41 23.44
CA THR A 375 -39.96 28.02 22.23
C THR A 375 -39.51 27.19 21.03
N TYR A 376 -40.25 27.27 19.93
CA TYR A 376 -40.02 26.49 18.69
C TYR A 376 -39.72 27.48 17.56
N LEU A 377 -38.66 27.22 16.79
CA LEU A 377 -38.14 28.17 15.77
C LEU A 377 -38.86 27.95 14.44
N VAL A 378 -39.43 26.77 14.20
CA VAL A 378 -40.25 26.47 13.00
C VAL A 378 -41.26 25.41 13.41
N ASP A 379 -42.25 25.13 12.57
CA ASP A 379 -43.32 24.15 12.88
C ASP A 379 -42.97 22.77 12.29
N ASP A 380 -42.01 22.68 11.36
CA ASP A 380 -41.71 21.43 10.61
C ASP A 380 -41.35 20.30 11.58
N ASP A 381 -41.81 19.09 11.27
CA ASP A 381 -41.22 17.84 11.81
C ASP A 381 -39.79 17.77 11.24
N MET A 382 -38.77 17.83 12.10
CA MET A 382 -37.37 18.05 11.64
C MET A 382 -36.40 17.19 12.46
N GLU A 383 -35.16 17.11 11.97
CA GLU A 383 -33.99 16.50 12.66
C GLU A 383 -32.72 16.79 11.85
N PHE A 384 -31.58 16.30 12.32
CA PHE A 384 -30.25 16.38 11.62
C PHE A 384 -29.94 17.84 11.29
N PRO A 385 -29.99 18.73 12.30
CA PRO A 385 -29.66 20.14 12.09
C PRO A 385 -28.15 20.33 11.95
N ARG A 386 -27.77 21.17 10.99
CA ARG A 386 -26.38 21.62 10.74
C ARG A 386 -26.37 23.14 10.75
N ILE A 387 -25.29 23.72 11.25
CA ILE A 387 -25.02 25.17 11.17
C ILE A 387 -23.76 25.35 10.34
N ASP A 388 -23.38 26.61 10.15
CA ASP A 388 -22.05 26.98 9.65
C ASP A 388 -21.08 26.79 10.81
N ASP A 389 -20.24 25.75 10.78
CA ASP A 389 -19.42 25.34 11.95
C ASP A 389 -18.35 26.41 12.22
N ARG A 390 -18.23 27.41 11.35
CA ARG A 390 -17.36 28.59 11.60
C ARG A 390 -17.88 29.39 12.80
N VAL A 391 -19.14 29.24 13.21
CA VAL A 391 -19.71 29.93 14.41
C VAL A 391 -20.14 28.92 15.48
N ALA A 392 -19.72 27.64 15.39
CA ALA A 392 -20.05 26.63 16.42
C ALA A 392 -19.59 27.16 17.78
N THR A 393 -20.45 26.98 18.80
CA THR A 393 -20.27 27.43 20.22
C THR A 393 -20.54 28.93 20.37
N ARG A 394 -20.85 29.64 19.28
CA ARG A 394 -21.16 31.10 19.26
C ARG A 394 -22.53 31.31 18.64
N LYS A 395 -23.02 32.55 18.67
CA LYS A 395 -24.31 32.94 18.05
C LYS A 395 -24.27 32.49 16.59
N HIS A 396 -25.22 31.65 16.19
CA HIS A 396 -25.45 31.27 14.77
C HIS A 396 -26.77 31.90 14.32
N LYS A 397 -26.94 32.19 13.03
CA LYS A 397 -28.20 32.75 12.50
C LYS A 397 -28.63 31.97 11.26
N HIS A 398 -27.99 30.84 10.97
CA HIS A 398 -28.41 29.92 9.89
C HIS A 398 -28.42 28.49 10.44
N THR A 399 -29.48 27.75 10.13
CA THR A 399 -29.58 26.30 10.40
C THR A 399 -30.14 25.63 9.15
N PHE A 400 -29.52 24.52 8.75
CA PHE A 400 -29.99 23.62 7.68
C PHE A 400 -30.43 22.32 8.37
N PHE A 401 -31.55 21.74 7.98
CA PHE A 401 -32.06 20.54 8.67
C PHE A 401 -32.96 19.73 7.74
N CYS A 402 -33.06 18.44 8.07
CA CYS A 402 -34.02 17.50 7.46
C CYS A 402 -35.43 17.84 7.96
N ILE A 403 -36.39 17.70 7.06
CA ILE A 403 -37.84 17.84 7.39
C ILE A 403 -38.54 16.57 6.90
N PHE A 404 -39.60 16.20 7.58
CA PHE A 404 -40.54 15.16 7.11
C PHE A 404 -41.93 15.80 7.03
N ASP A 405 -42.39 16.04 5.82
CA ASP A 405 -43.63 16.77 5.53
C ASP A 405 -44.67 15.76 5.07
N ARG A 406 -45.74 15.56 5.86
CA ARG A 406 -46.87 14.65 5.53
C ARG A 406 -47.90 15.34 4.62
N LYS A 407 -47.72 16.62 4.30
CA LYS A 407 -48.58 17.37 3.33
C LYS A 407 -48.75 16.53 2.07
N PRO A 408 -50.02 16.27 1.64
CA PRO A 408 -50.26 15.31 0.55
C PRO A 408 -49.48 15.65 -0.73
N GLY A 409 -48.81 14.65 -1.32
CA GLY A 409 -48.07 14.80 -2.58
C GLY A 409 -46.57 14.96 -2.41
N VAL A 410 -46.08 15.53 -1.30
CA VAL A 410 -44.62 15.78 -1.11
C VAL A 410 -43.84 14.45 -1.25
N THR A 411 -44.32 13.39 -0.61
CA THR A 411 -43.83 12.00 -0.82
C THR A 411 -44.98 11.15 -1.36
N ASP A 412 -44.73 10.44 -2.44
CA ASP A 412 -45.66 9.41 -2.99
C ASP A 412 -45.49 8.15 -2.13
N PHE A 413 -46.08 8.15 -0.94
CA PHE A 413 -45.96 7.06 0.06
C PHE A 413 -46.39 5.73 -0.54
N GLU A 414 -47.41 5.75 -1.40
CA GLU A 414 -47.93 4.52 -2.03
C GLU A 414 -46.81 3.83 -2.82
N PHE A 415 -45.94 4.60 -3.47
CA PHE A 415 -44.82 4.08 -4.31
C PHE A 415 -43.61 3.76 -3.42
N VAL A 416 -43.28 4.67 -2.50
CA VAL A 416 -42.02 4.61 -1.71
C VAL A 416 -42.10 3.54 -0.62
N MET A 417 -43.13 3.53 0.22
CA MET A 417 -43.16 2.67 1.45
C MET A 417 -42.93 1.19 1.09
N PRO A 418 -43.58 0.60 0.07
CA PRO A 418 -43.30 -0.81 -0.27
C PRO A 418 -41.84 -1.06 -0.70
N ARG A 419 -41.08 -0.02 -1.06
CA ARG A 419 -39.69 -0.16 -1.57
C ARG A 419 -38.66 0.25 -0.52
N ALA A 420 -39.11 0.76 0.63
CA ALA A 420 -38.25 1.51 1.58
C ALA A 420 -37.59 0.58 2.62
N GLY A 421 -38.18 -0.58 2.91
CA GLY A 421 -37.83 -1.38 4.10
C GLY A 421 -38.09 -0.59 5.35
N GLY A 422 -37.49 -0.96 6.48
CA GLY A 422 -37.79 -0.33 7.77
C GLY A 422 -36.54 -0.09 8.59
N GLY A 423 -36.70 0.65 9.68
CA GLY A 423 -35.71 0.76 10.77
C GLY A 423 -34.98 2.09 10.75
N ALA A 424 -35.16 2.89 9.70
CA ALA A 424 -34.44 4.17 9.51
C ALA A 424 -35.41 5.33 9.42
N PRO A 425 -35.06 6.52 9.95
CA PRO A 425 -35.96 7.67 9.87
C PRO A 425 -36.06 8.16 8.40
N MET A 426 -37.15 8.83 8.07
CA MET A 426 -37.42 9.35 6.72
C MET A 426 -37.36 10.88 6.74
N SER A 427 -36.72 11.41 5.71
CA SER A 427 -36.64 12.87 5.47
C SER A 427 -37.01 13.12 4.01
N ASN A 428 -37.97 14.01 3.73
CA ASN A 428 -38.37 14.27 2.31
C ASN A 428 -38.04 15.71 1.93
N GLY A 429 -37.16 16.37 2.69
CA GLY A 429 -36.61 17.66 2.26
C GLY A 429 -35.57 18.19 3.22
N LEU A 430 -34.88 19.25 2.77
CA LEU A 430 -34.07 20.10 3.67
C LEU A 430 -34.74 21.46 3.78
N ALA A 431 -34.54 22.13 4.91
CA ALA A 431 -34.95 23.52 5.10
C ALA A 431 -33.73 24.32 5.56
N HIS A 432 -33.62 25.56 5.06
CA HIS A 432 -32.69 26.60 5.55
C HIS A 432 -33.52 27.65 6.28
N LEU A 433 -33.32 27.76 7.59
CA LEU A 433 -33.89 28.86 8.41
C LEU A 433 -32.83 29.94 8.54
N ASN A 434 -33.18 31.15 8.10
CA ASN A 434 -32.49 32.41 8.45
C ASN A 434 -33.09 32.88 9.78
N HIS A 435 -32.31 32.89 10.86
CA HIS A 435 -32.81 33.15 12.24
C HIS A 435 -33.12 34.65 12.40
N GLU A 436 -32.45 35.54 11.65
CA GLU A 436 -32.67 37.01 11.71
C GLU A 436 -33.98 37.37 10.98
N THR A 437 -34.13 37.00 9.72
CA THR A 437 -35.32 37.35 8.90
C THR A 437 -36.49 36.40 9.20
N GLY A 438 -36.23 35.20 9.74
CA GLY A 438 -37.25 34.14 9.91
C GLY A 438 -37.66 33.48 8.58
N ASP A 439 -37.05 33.87 7.47
CA ASP A 439 -37.22 33.22 6.13
C ASP A 439 -36.79 31.76 6.17
N ILE A 440 -37.59 30.89 5.59
CA ILE A 440 -37.32 29.44 5.39
C ILE A 440 -37.31 29.16 3.89
N GLN A 441 -36.26 28.54 3.39
CA GLN A 441 -36.23 27.91 2.04
C GLN A 441 -36.29 26.39 2.23
N ARG A 442 -37.06 25.70 1.40
CA ARG A 442 -37.23 24.24 1.46
C ARG A 442 -36.74 23.65 0.15
N TYR A 443 -35.82 22.68 0.22
CA TYR A 443 -35.42 21.80 -0.90
C TYR A 443 -36.25 20.51 -0.86
N LEU A 444 -36.99 20.22 -1.94
CA LEU A 444 -37.79 18.98 -2.09
C LEU A 444 -37.19 18.19 -3.24
N PRO A 445 -36.44 17.09 -2.96
CA PRO A 445 -35.81 16.31 -4.03
C PRO A 445 -36.81 15.67 -4.99
N GLY A 446 -38.05 15.45 -4.52
CA GLY A 446 -39.15 14.95 -5.37
C GLY A 446 -39.95 13.88 -4.66
N PRO A 447 -41.10 13.50 -5.26
CA PRO A 447 -42.07 12.66 -4.57
C PRO A 447 -41.59 11.21 -4.34
N ARG A 448 -40.59 10.75 -5.09
CA ARG A 448 -40.07 9.37 -4.93
C ARG A 448 -38.60 9.39 -4.50
N LYS A 449 -38.19 10.43 -3.79
CA LYS A 449 -36.82 10.53 -3.21
C LYS A 449 -36.89 10.94 -1.74
N LEU A 450 -35.94 10.42 -0.94
CA LEU A 450 -35.75 10.83 0.47
C LEU A 450 -34.29 11.26 0.67
N THR A 451 -34.01 11.99 1.75
CA THR A 451 -32.70 12.63 1.99
C THR A 451 -32.05 12.02 3.24
N GLY A 452 -30.72 12.09 3.28
CA GLY A 452 -29.92 11.94 4.52
C GLY A 452 -29.65 13.30 5.13
N GLU A 453 -28.75 13.32 6.10
CA GLU A 453 -28.21 14.55 6.74
C GLU A 453 -27.36 15.30 5.72
N CYS A 454 -27.52 16.63 5.68
CA CYS A 454 -26.79 17.49 4.74
C CYS A 454 -25.46 17.91 5.34
N ILE A 455 -24.57 18.40 4.50
CA ILE A 455 -23.37 19.17 4.92
C ILE A 455 -23.46 20.57 4.32
N PHE A 456 -22.81 21.51 5.00
CA PHE A 456 -22.61 22.90 4.55
C PHE A 456 -21.14 23.13 4.22
N ILE A 457 -20.90 23.78 3.09
CA ILE A 457 -19.55 24.12 2.54
C ILE A 457 -19.50 25.63 2.36
N PRO A 458 -18.66 26.37 3.11
CA PRO A 458 -18.47 27.80 2.85
C PRO A 458 -18.10 28.03 1.38
N ARG A 459 -18.69 29.04 0.74
CA ARG A 459 -18.41 29.34 -0.69
C ARG A 459 -16.88 29.47 -0.89
N ASN A 460 -16.19 30.07 0.08
CA ASN A 460 -14.72 30.32 0.09
C ASN A 460 -14.40 30.86 1.49
N SER A 461 -13.13 31.13 1.80
CA SER A 461 -12.74 31.55 3.18
C SER A 461 -13.24 32.96 3.51
N GLU A 462 -13.77 33.71 2.53
CA GLU A 462 -14.32 35.08 2.74
C GLU A 462 -15.83 35.05 2.92
N ALA A 463 -16.49 33.92 2.68
CA ALA A 463 -17.96 33.83 2.58
C ALA A 463 -18.61 34.21 3.91
N ALA A 464 -19.74 34.91 3.83
CA ALA A 464 -20.62 35.22 4.98
C ALA A 464 -21.15 33.91 5.59
N GLU A 465 -21.54 33.96 6.86
CA GLU A 465 -22.16 32.80 7.56
C GLU A 465 -23.25 32.22 6.65
N GLY A 466 -23.23 30.90 6.45
CA GLY A 466 -24.35 30.19 5.79
C GLY A 466 -24.39 30.44 4.29
N ASP A 467 -23.35 31.06 3.73
CA ASP A 467 -23.25 31.32 2.27
C ASP A 467 -22.29 30.30 1.64
N GLY A 468 -22.81 29.51 0.70
CA GLY A 468 -22.01 28.52 -0.03
C GLY A 468 -22.89 27.41 -0.55
N TYR A 469 -22.48 26.17 -0.32
CA TYR A 469 -23.10 24.98 -0.93
C TYR A 469 -23.61 24.04 0.16
N VAL A 470 -24.69 23.36 -0.15
CA VAL A 470 -25.23 22.25 0.68
C VAL A 470 -25.19 21.00 -0.17
N MET A 471 -24.69 19.90 0.38
CA MET A 471 -24.77 18.58 -0.29
C MET A 471 -25.61 17.65 0.57
N VAL A 472 -26.34 16.76 -0.08
CA VAL A 472 -27.19 15.79 0.64
C VAL A 472 -27.32 14.56 -0.25
N LEU A 473 -27.23 13.39 0.37
CA LEU A 473 -27.39 12.10 -0.33
C LEU A 473 -28.88 11.79 -0.41
N LEU A 474 -29.34 11.42 -1.59
CA LEU A 474 -30.76 11.10 -1.87
C LEU A 474 -30.87 9.60 -2.11
N ALA A 475 -31.92 9.00 -1.56
CA ALA A 475 -32.41 7.66 -1.95
C ALA A 475 -33.47 7.87 -3.03
N ASN A 476 -33.20 7.38 -4.23
CA ASN A 476 -34.13 7.47 -5.39
C ASN A 476 -34.85 6.12 -5.51
N TYR A 477 -36.10 6.06 -5.04
CA TYR A 477 -36.89 4.81 -4.95
C TYR A 477 -37.36 4.40 -6.37
N GLU A 478 -37.37 5.31 -7.35
CA GLU A 478 -37.73 4.96 -8.75
C GLU A 478 -36.60 4.13 -9.37
N ASP A 479 -35.35 4.56 -9.20
CA ASP A 479 -34.16 3.91 -9.81
C ASP A 479 -33.63 2.85 -8.86
N MET A 480 -34.03 2.88 -7.58
CA MET A 480 -33.35 2.14 -6.48
C MET A 480 -31.84 2.40 -6.59
N CYS A 481 -31.48 3.68 -6.74
CA CYS A 481 -30.08 4.18 -6.76
C CYS A 481 -29.98 5.34 -5.77
N SER A 482 -28.77 5.67 -5.36
CA SER A 482 -28.47 6.88 -4.58
C SER A 482 -27.99 7.98 -5.53
N GLU A 483 -28.19 9.22 -5.13
CA GLU A 483 -27.73 10.43 -5.84
C GLU A 483 -27.16 11.38 -4.79
N LEU A 484 -26.20 12.20 -5.18
CA LEU A 484 -25.65 13.25 -4.29
C LEU A 484 -26.00 14.60 -4.91
N ALA A 485 -26.89 15.33 -4.25
CA ALA A 485 -27.39 16.65 -4.69
C ALA A 485 -26.44 17.73 -4.19
N VAL A 486 -26.12 18.67 -5.06
CA VAL A 486 -25.34 19.89 -4.71
C VAL A 486 -26.25 21.09 -4.92
N LEU A 487 -26.45 21.86 -3.86
CA LEU A 487 -27.33 23.05 -3.83
C LEU A 487 -26.47 24.27 -3.52
N ASP A 488 -26.87 25.42 -4.06
CA ASP A 488 -26.31 26.75 -3.70
C ASP A 488 -27.27 27.38 -2.68
N THR A 489 -26.74 27.88 -1.56
CA THR A 489 -27.53 28.53 -0.47
C THR A 489 -28.29 29.75 -0.99
N LYS A 490 -27.89 30.37 -2.11
CA LYS A 490 -28.62 31.52 -2.72
C LYS A 490 -30.01 31.06 -3.16
N ASP A 491 -30.20 29.78 -3.46
CA ASP A 491 -31.53 29.19 -3.81
C ASP A 491 -31.51 27.69 -3.53
N LEU A 492 -31.90 27.30 -2.33
CA LEU A 492 -31.86 25.88 -1.88
C LEU A 492 -32.83 25.03 -2.70
N THR A 493 -33.80 25.63 -3.41
CA THR A 493 -34.86 24.87 -4.13
C THR A 493 -34.28 24.22 -5.38
N ASN A 494 -33.13 24.67 -5.84
CA ASN A 494 -32.58 24.28 -7.17
C ASN A 494 -31.31 23.44 -6.97
N GLU A 495 -31.28 22.26 -7.59
CA GLU A 495 -30.05 21.44 -7.72
C GLU A 495 -29.13 22.09 -8.76
N VAL A 496 -27.94 22.48 -8.35
CA VAL A 496 -26.88 22.94 -9.29
C VAL A 496 -26.27 21.72 -9.96
N ALA A 497 -26.19 20.60 -9.25
CA ALA A 497 -25.65 19.33 -9.78
C ALA A 497 -26.35 18.17 -9.09
N LEU A 498 -26.57 17.11 -9.83
CA LEU A 498 -27.09 15.84 -9.28
C LEU A 498 -26.12 14.75 -9.72
N ILE A 499 -25.37 14.21 -8.75
CA ILE A 499 -24.37 13.14 -8.99
C ILE A 499 -25.09 11.81 -8.90
N LYS A 500 -25.05 11.01 -9.96
CA LYS A 500 -25.91 9.81 -10.10
C LYS A 500 -25.08 8.55 -9.84
N LEU A 501 -25.20 7.97 -8.65
CA LEU A 501 -24.53 6.69 -8.29
C LEU A 501 -25.32 5.56 -8.92
N PRO A 502 -24.66 4.55 -9.50
CA PRO A 502 -25.35 3.38 -10.06
C PRO A 502 -25.61 2.25 -9.05
N VAL A 503 -25.28 2.49 -7.79
CA VAL A 503 -25.49 1.54 -6.65
C VAL A 503 -26.31 2.26 -5.60
N ARG A 504 -26.84 1.53 -4.63
CA ARG A 504 -27.47 2.13 -3.43
C ARG A 504 -26.40 2.31 -2.36
N LEU A 505 -26.37 3.49 -1.76
CA LEU A 505 -25.82 3.70 -0.41
C LEU A 505 -27.02 3.70 0.53
N ARG A 506 -27.08 2.66 1.34
CA ARG A 506 -28.13 2.44 2.35
C ARG A 506 -28.26 3.69 3.21
N PRO A 507 -29.48 4.08 3.64
CA PRO A 507 -29.65 5.19 4.57
C PRO A 507 -28.63 5.13 5.71
N GLY A 508 -27.99 6.26 5.96
CA GLY A 508 -26.89 6.34 6.93
C GLY A 508 -27.17 7.34 8.01
N LEU A 509 -26.14 7.69 8.75
CA LEU A 509 -26.24 8.66 9.86
C LEU A 509 -25.39 9.87 9.45
N HIS A 510 -24.40 10.22 10.24
CA HIS A 510 -23.75 11.54 10.16
C HIS A 510 -22.64 11.55 9.11
N GLY A 511 -22.29 12.75 8.69
CA GLY A 511 -21.25 13.02 7.68
C GLY A 511 -20.67 14.40 7.89
N ASN A 512 -19.52 14.65 7.27
CA ASN A 512 -18.76 15.91 7.47
C ASN A 512 -18.00 16.26 6.19
N TRP A 513 -17.85 17.55 5.97
CA TRP A 513 -17.05 18.14 4.87
C TRP A 513 -15.66 18.43 5.41
N VAL A 514 -14.63 17.98 4.69
CA VAL A 514 -13.22 18.35 4.96
C VAL A 514 -12.73 19.17 3.77
N ASP A 515 -12.60 20.49 3.93
CA ASP A 515 -12.22 21.38 2.81
C ASP A 515 -10.70 21.29 2.59
N LYS A 516 -10.28 21.20 1.33
CA LYS A 516 -8.84 21.11 0.96
C LYS A 516 -8.08 22.37 1.44
N SER A 517 -8.76 23.51 1.52
CA SER A 517 -8.13 24.81 1.90
C SER A 517 -7.89 24.90 3.42
N ASP A 518 -8.44 23.99 4.22
CA ASP A 518 -8.26 23.99 5.70
C ASP A 518 -7.14 23.01 6.07
N VAL A 519 -6.01 23.55 6.52
CA VAL A 519 -4.82 22.76 6.93
C VAL A 519 -5.21 21.69 7.96
N ASP A 520 -6.05 22.00 8.95
CA ASP A 520 -6.40 21.07 10.05
C ASP A 520 -7.77 20.44 9.77
N GLY A 521 -8.33 20.65 8.57
CA GLY A 521 -9.56 19.99 8.10
C GLY A 521 -10.84 20.66 8.57
N HIS A 522 -10.74 21.73 9.35
CA HIS A 522 -11.89 22.47 9.93
C HIS A 522 -11.83 23.93 9.49
N PRO A 523 -12.99 24.56 9.19
CA PRO A 523 -13.00 25.91 8.67
C PRO A 523 -12.58 26.95 9.72
N ALA A 524 -12.08 28.08 9.25
CA ALA A 524 -11.56 29.20 10.06
C ALA A 524 -12.73 29.96 10.68
N PRO A 525 -12.55 30.59 11.86
CA PRO A 525 -13.63 31.30 12.55
C PRO A 525 -14.08 32.48 11.68
N LEU A 526 -15.33 32.90 11.84
CA LEU A 526 -15.85 34.11 11.12
C LEU A 526 -15.26 35.37 11.78
N LEU B 30 10.04 -4.18 36.39
CA LEU B 30 10.63 -4.95 35.23
C LEU B 30 12.14 -4.77 35.24
N PRO B 31 12.95 -5.79 34.84
CA PRO B 31 14.39 -5.58 34.65
C PRO B 31 14.62 -4.48 33.63
N PRO B 32 15.55 -3.52 33.87
CA PRO B 32 15.65 -2.33 33.03
C PRO B 32 16.02 -2.75 31.59
N ALA B 33 15.53 -1.97 30.63
CA ALA B 33 15.84 -2.11 29.19
C ALA B 33 17.07 -1.28 28.91
N PRO B 34 18.20 -1.87 28.46
CA PRO B 34 19.35 -1.06 28.05
C PRO B 34 18.94 -0.23 26.81
N ARG B 35 19.54 0.95 26.64
CA ARG B 35 19.20 1.89 25.54
C ARG B 35 20.27 1.87 24.44
N TYR B 36 21.29 1.03 24.56
CA TYR B 36 22.30 0.79 23.50
C TYR B 36 22.82 -0.63 23.67
N PHE B 37 23.35 -1.22 22.60
CA PHE B 37 23.82 -2.62 22.58
C PHE B 37 25.15 -2.70 23.33
N GLN B 38 25.31 -3.72 24.17
CA GLN B 38 26.54 -4.02 24.96
C GLN B 38 26.83 -5.52 24.87
N GLY B 39 28.10 -5.90 24.99
CA GLY B 39 28.49 -7.32 24.92
C GLY B 39 29.01 -7.68 23.54
N GLU B 40 29.83 -8.72 23.48
CA GLU B 40 30.56 -9.10 22.25
C GLU B 40 29.55 -9.61 21.20
N ASN B 41 28.37 -10.12 21.59
CA ASN B 41 27.36 -10.64 20.63
C ASN B 41 26.77 -9.50 19.79
N THR B 42 27.03 -8.24 20.14
CA THR B 42 26.52 -7.05 19.43
C THR B 42 27.66 -6.05 19.21
N ALA B 43 28.91 -6.50 19.21
CA ALA B 43 30.09 -5.62 18.98
C ALA B 43 30.59 -5.80 17.55
N GLY B 44 31.36 -4.83 17.07
CA GLY B 44 31.96 -4.81 15.73
C GLY B 44 30.93 -5.10 14.65
N PHE B 45 31.20 -6.09 13.80
CA PHE B 45 30.37 -6.44 12.63
C PHE B 45 29.04 -7.04 13.10
N MET B 46 28.93 -7.49 14.35
CA MET B 46 27.68 -8.05 14.93
C MET B 46 26.79 -6.94 15.50
N ARG B 47 27.20 -5.67 15.45
CA ARG B 47 26.37 -4.55 15.95
C ARG B 47 25.10 -4.51 15.10
N PRO B 48 23.90 -4.63 15.70
CA PRO B 48 22.65 -4.43 14.96
C PRO B 48 22.62 -3.08 14.24
N VAL B 49 22.16 -3.08 13.00
CA VAL B 49 21.89 -1.84 12.21
C VAL B 49 20.40 -1.52 12.34
N ARG B 50 19.54 -2.50 12.05
CA ARG B 50 18.08 -2.50 12.36
C ARG B 50 17.36 -1.61 11.34
N PHE B 51 17.91 -1.49 10.14
CA PHE B 51 17.27 -0.66 9.10
C PHE B 51 16.28 -1.55 8.35
N GLU B 52 15.17 -0.92 7.98
CA GLU B 52 14.15 -1.48 7.07
C GLU B 52 13.94 -0.46 5.95
N GLY B 53 13.89 -0.92 4.71
CA GLY B 53 13.51 -0.09 3.57
C GLY B 53 14.19 -0.58 2.32
N ASP B 54 14.73 0.34 1.53
CA ASP B 54 15.17 0.08 0.14
C ASP B 54 16.51 0.75 -0.09
N ILE B 55 17.38 0.06 -0.82
CA ILE B 55 18.53 0.66 -1.54
C ILE B 55 18.48 0.09 -2.95
N THR B 56 18.08 0.90 -3.91
CA THR B 56 17.95 0.48 -5.32
C THR B 56 19.27 0.72 -6.05
N ASN B 57 19.47 0.06 -7.20
CA ASN B 57 20.62 0.33 -8.07
C ASN B 57 21.92 0.17 -7.26
N LEU B 58 22.09 -0.95 -6.56
CA LEU B 58 23.33 -1.20 -5.78
C LEU B 58 24.56 -1.04 -6.69
N GLU B 59 25.64 -0.47 -6.13
CA GLU B 59 26.95 -0.37 -6.81
C GLU B 59 27.43 -1.77 -7.18
N VAL B 60 27.94 -1.92 -8.39
CA VAL B 60 28.44 -3.21 -8.93
C VAL B 60 29.85 -2.97 -9.49
N VAL B 61 30.82 -3.76 -9.02
CA VAL B 61 32.15 -3.93 -9.66
C VAL B 61 32.06 -5.20 -10.48
N GLY B 62 32.52 -5.15 -11.72
CA GLY B 62 32.34 -6.23 -12.71
C GLY B 62 30.97 -6.12 -13.33
N GLU B 63 30.37 -7.26 -13.67
CA GLU B 63 29.14 -7.28 -14.48
C GLU B 63 28.27 -8.44 -14.01
N ILE B 64 27.05 -8.15 -13.58
CA ILE B 64 26.06 -9.21 -13.26
C ILE B 64 25.58 -9.76 -14.59
N PRO B 65 25.69 -11.08 -14.86
CA PRO B 65 25.15 -11.66 -16.09
C PRO B 65 23.71 -11.19 -16.28
N LYS B 66 23.41 -10.65 -17.46
CA LYS B 66 22.14 -9.96 -17.78
C LYS B 66 20.98 -10.97 -17.81
N SER B 67 21.27 -12.26 -18.00
CA SER B 67 20.24 -13.32 -18.08
C SER B 67 19.76 -13.74 -16.67
N ILE B 68 20.46 -13.35 -15.60
CA ILE B 68 20.00 -13.70 -14.22
C ILE B 68 18.75 -12.87 -13.92
N GLU B 69 17.65 -13.54 -13.58
CA GLU B 69 16.40 -12.86 -13.21
C GLU B 69 15.70 -13.63 -12.09
N GLY B 70 15.50 -12.95 -10.97
CA GLY B 70 14.88 -13.51 -9.76
C GLY B 70 15.36 -12.77 -8.53
N THR B 71 15.17 -13.39 -7.38
CA THR B 71 15.40 -12.75 -6.07
C THR B 71 16.16 -13.71 -5.17
N PHE B 72 17.21 -13.20 -4.56
CA PHE B 72 17.91 -13.86 -3.43
C PHE B 72 17.31 -13.32 -2.14
N TYR B 73 16.58 -14.16 -1.41
CA TYR B 73 16.06 -13.84 -0.06
C TYR B 73 16.99 -14.47 0.99
N ARG B 74 17.39 -13.70 2.00
CA ARG B 74 18.12 -14.23 3.16
C ARG B 74 17.55 -13.59 4.44
N VAL B 75 17.69 -14.31 5.54
CA VAL B 75 17.25 -13.84 6.88
C VAL B 75 18.47 -13.78 7.79
N MET B 76 18.52 -12.71 8.58
CA MET B 76 19.50 -12.58 9.68
C MET B 76 18.74 -12.36 10.98
N PRO B 77 19.21 -12.95 12.10
CA PRO B 77 18.81 -12.53 13.42
C PRO B 77 19.36 -11.12 13.59
N GLU B 78 18.55 -10.19 14.07
CA GLU B 78 18.98 -8.79 14.27
C GLU B 78 18.11 -8.18 15.34
N PRO B 79 18.53 -8.23 16.63
CA PRO B 79 17.71 -7.69 17.70
C PRO B 79 17.26 -6.27 17.36
N HIS B 80 15.96 -6.02 17.43
CA HIS B 80 15.35 -4.70 17.14
C HIS B 80 15.53 -3.79 18.36
N LEU B 81 15.61 -4.40 19.55
CA LEU B 81 15.77 -3.68 20.84
C LEU B 81 16.82 -4.41 21.68
N PRO B 82 17.64 -3.68 22.44
CA PRO B 82 18.57 -4.32 23.36
C PRO B 82 17.80 -5.25 24.31
N SER B 83 18.26 -6.50 24.39
CA SER B 83 17.73 -7.56 25.28
C SER B 83 18.01 -7.18 26.72
N PHE B 84 17.13 -7.57 27.63
CA PHE B 84 17.38 -7.49 29.10
C PHE B 84 18.17 -8.74 29.51
N ILE B 85 18.28 -9.75 28.63
CA ILE B 85 19.14 -10.96 28.81
C ILE B 85 20.57 -10.64 28.38
N PRO B 86 21.59 -10.65 29.28
CA PRO B 86 22.97 -10.42 28.87
C PRO B 86 23.48 -11.58 28.00
N ASN B 87 24.29 -11.27 26.98
CA ASN B 87 24.88 -12.27 26.05
C ASN B 87 23.79 -13.17 25.47
N ASP B 88 22.65 -12.58 25.09
CA ASP B 88 21.57 -13.32 24.41
C ASP B 88 22.21 -13.97 23.18
N PRO B 89 22.06 -15.30 22.98
CA PRO B 89 22.61 -15.95 21.80
C PRO B 89 22.06 -15.33 20.48
N TRP B 90 22.91 -15.43 19.45
CA TRP B 90 22.68 -14.96 18.08
C TRP B 90 21.34 -15.49 17.57
N PHE B 91 21.00 -16.75 17.85
CA PHE B 91 19.73 -17.40 17.41
C PHE B 91 18.50 -16.72 18.03
N ASN B 92 18.61 -15.77 18.95
CA ASN B 92 17.41 -15.19 19.63
C ASN B 92 17.04 -13.81 19.03
N GLY B 93 17.75 -13.32 18.02
CA GLY B 93 17.49 -12.02 17.40
C GLY B 93 16.31 -12.03 16.41
N ASP B 94 15.55 -10.93 16.38
CA ASP B 94 14.40 -10.73 15.47
C ASP B 94 14.84 -10.96 14.01
N GLY B 95 14.07 -11.76 13.28
CA GLY B 95 14.30 -12.04 11.86
C GLY B 95 14.09 -10.80 11.00
N ASN B 96 15.13 -10.40 10.26
CA ASN B 96 15.12 -9.28 9.30
C ASN B 96 15.40 -9.90 7.91
N ILE B 97 14.49 -9.69 6.96
CA ILE B 97 14.54 -10.31 5.61
C ILE B 97 15.17 -9.33 4.63
N SER B 98 16.20 -9.78 3.91
CA SER B 98 16.82 -9.09 2.75
C SER B 98 16.32 -9.76 1.49
N GLY B 99 15.86 -8.96 0.52
CA GLY B 99 15.61 -9.41 -0.85
C GLY B 99 16.52 -8.66 -1.81
N PHE B 100 17.29 -9.39 -2.61
CA PHE B 100 18.12 -8.84 -3.70
C PHE B 100 17.42 -9.19 -5.01
N TYR B 101 16.81 -8.19 -5.65
CA TYR B 101 15.96 -8.34 -6.85
C TYR B 101 16.83 -8.05 -8.09
N PHE B 102 17.05 -9.07 -8.91
CA PHE B 102 17.98 -9.03 -10.07
C PHE B 102 17.16 -9.00 -11.34
N LYS B 103 17.50 -8.08 -12.24
CA LYS B 103 16.97 -8.08 -13.63
C LYS B 103 17.93 -7.30 -14.54
N ASP B 104 18.29 -7.89 -15.70
CA ASP B 104 19.05 -7.19 -16.77
C ASP B 104 20.33 -6.59 -16.19
N GLY B 105 20.98 -7.29 -15.25
CA GLY B 105 22.27 -6.89 -14.69
C GLY B 105 22.17 -5.78 -13.67
N HIS B 106 20.95 -5.39 -13.27
CA HIS B 106 20.67 -4.39 -12.20
C HIS B 106 20.18 -5.13 -10.95
N VAL B 107 20.48 -4.62 -9.77
CA VAL B 107 20.03 -5.27 -8.51
C VAL B 107 19.60 -4.20 -7.50
N ASP B 108 18.46 -4.45 -6.86
CA ASP B 108 17.89 -3.62 -5.78
C ASP B 108 17.78 -4.45 -4.50
N LEU B 109 18.02 -3.82 -3.35
CA LEU B 109 17.82 -4.41 -2.02
C LEU B 109 16.50 -3.87 -1.44
N LYS B 110 15.65 -4.77 -0.98
CA LYS B 110 14.56 -4.47 -0.03
C LYS B 110 14.81 -5.24 1.27
N GLN B 111 14.56 -4.59 2.39
CA GLN B 111 14.90 -5.11 3.74
C GLN B 111 13.73 -4.82 4.66
N ARG B 112 13.25 -5.83 5.37
CA ARG B 112 12.13 -5.64 6.32
C ARG B 112 12.11 -6.73 7.39
N TYR B 113 11.84 -6.32 8.63
CA TYR B 113 11.62 -7.23 9.78
C TYR B 113 10.32 -8.00 9.60
N VAL B 114 10.34 -9.29 9.93
CA VAL B 114 9.10 -10.10 10.10
C VAL B 114 8.31 -9.51 11.27
N ARG B 115 7.01 -9.25 11.06
CA ARG B 115 6.13 -8.75 12.14
C ARG B 115 5.66 -9.94 12.98
N THR B 116 6.59 -10.54 13.71
CA THR B 116 6.24 -11.59 14.71
C THR B 116 5.46 -10.93 15.86
N GLU B 117 4.76 -11.74 16.65
CA GLU B 117 4.14 -11.26 17.91
C GLU B 117 5.18 -10.54 18.75
N LYS B 118 6.37 -11.14 18.90
CA LYS B 118 7.47 -10.54 19.68
C LYS B 118 7.81 -9.16 19.12
N PHE B 119 8.04 -9.06 17.81
CA PHE B 119 8.47 -7.80 17.17
C PHE B 119 7.41 -6.72 17.44
N VAL B 120 6.16 -7.06 17.23
CA VAL B 120 5.03 -6.07 17.31
C VAL B 120 4.87 -5.60 18.76
N ARG B 121 4.88 -6.51 19.73
CA ARG B 121 4.61 -6.10 21.13
C ARG B 121 5.79 -5.32 21.67
N GLU B 122 7.01 -5.72 21.32
CA GLU B 122 8.23 -5.00 21.77
C GLU B 122 8.29 -3.63 21.10
N ALA B 123 7.88 -3.49 19.84
CA ALA B 123 7.86 -2.19 19.12
C ALA B 123 6.85 -1.28 19.81
N GLU B 124 5.68 -1.82 20.17
CA GLU B 124 4.61 -1.11 20.92
C GLU B 124 5.17 -0.57 22.24
N ALA B 125 5.86 -1.42 22.99
CA ALA B 125 6.39 -1.10 24.34
C ALA B 125 7.69 -0.30 24.24
N ARG B 126 8.37 -0.35 23.08
CA ARG B 126 9.73 0.22 22.89
C ARG B 126 10.69 -0.38 23.92
N ARG B 127 10.58 -1.69 24.20
CA ARG B 127 11.56 -2.39 25.07
C ARG B 127 11.42 -3.89 24.84
N SER B 128 12.47 -4.65 25.15
CA SER B 128 12.47 -6.13 25.05
C SER B 128 11.52 -6.67 26.13
N LEU B 129 10.76 -7.69 25.76
CA LEU B 129 9.78 -8.39 26.62
C LEU B 129 10.06 -9.89 26.60
N LEU B 130 10.44 -10.44 25.45
CA LEU B 130 10.76 -11.88 25.35
C LEU B 130 12.13 -12.12 25.99
N GLY B 131 12.25 -13.19 26.77
CA GLY B 131 13.45 -13.46 27.56
C GLY B 131 14.40 -14.40 26.84
N LYS B 132 14.79 -15.46 27.54
CA LYS B 132 15.85 -16.38 27.05
C LYS B 132 15.32 -17.20 25.88
N TYR B 133 16.25 -17.60 25.02
CA TYR B 133 16.00 -18.51 23.88
C TYR B 133 15.15 -19.68 24.35
N ARG B 134 13.95 -19.81 23.77
CA ARG B 134 13.02 -20.95 23.93
C ARG B 134 12.73 -21.21 25.42
N ASN B 135 12.72 -20.18 26.26
CA ASN B 135 12.34 -20.32 27.68
C ASN B 135 11.25 -19.29 28.04
N ARG B 136 10.00 -19.70 27.89
CA ARG B 136 8.81 -18.85 28.16
C ARG B 136 8.76 -18.43 29.64
N TYR B 137 9.42 -19.16 30.55
CA TYR B 137 9.38 -18.86 32.01
C TYR B 137 10.19 -17.60 32.29
N THR B 138 10.96 -17.07 31.34
CA THR B 138 11.77 -15.83 31.52
C THR B 138 11.14 -14.63 30.80
N ASP B 139 10.01 -14.82 30.11
CA ASP B 139 9.32 -13.73 29.35
C ASP B 139 8.68 -12.76 30.36
N LEU B 140 8.64 -11.47 30.05
CA LEU B 140 8.08 -10.44 30.96
C LEU B 140 6.57 -10.31 30.74
N VAL B 141 6.07 -10.86 29.65
CA VAL B 141 4.63 -10.96 29.33
C VAL B 141 4.43 -12.33 28.71
N GLU B 142 3.20 -12.77 28.62
CA GLU B 142 2.86 -14.08 28.05
C GLU B 142 2.68 -13.91 26.55
N PHE B 143 3.45 -14.65 25.76
CA PHE B 143 3.36 -14.70 24.28
C PHE B 143 2.54 -15.93 23.89
N LYS B 144 1.67 -15.82 22.89
CA LYS B 144 1.06 -16.99 22.20
C LYS B 144 2.13 -17.61 21.30
N ILE B 145 2.84 -16.78 20.52
CA ILE B 145 3.88 -17.25 19.56
C ILE B 145 5.19 -16.56 19.93
N ARG B 146 6.26 -17.34 20.09
CA ARG B 146 7.57 -16.81 20.53
C ARG B 146 8.54 -16.68 19.35
N SER B 147 8.12 -17.04 18.14
CA SER B 147 8.97 -16.98 16.92
C SER B 147 9.70 -15.64 16.79
N THR B 148 10.98 -15.71 16.47
CA THR B 148 11.75 -14.57 15.90
C THR B 148 11.80 -14.69 14.37
N ALA B 149 11.30 -15.81 13.81
CA ALA B 149 11.22 -16.05 12.35
C ALA B 149 12.57 -15.74 11.68
N ASN B 150 13.67 -16.22 12.26
CA ASN B 150 15.02 -15.66 11.95
C ASN B 150 15.98 -16.69 11.34
N THR B 151 15.50 -17.87 10.94
CA THR B 151 16.38 -19.02 10.61
C THR B 151 16.41 -19.27 9.11
N ASN B 152 15.24 -19.33 8.45
CA ASN B 152 15.18 -19.57 7.00
C ASN B 152 14.02 -18.78 6.40
N ILE B 153 14.09 -18.54 5.11
CA ILE B 153 13.07 -17.77 4.34
C ILE B 153 12.92 -18.50 3.00
N VAL B 154 11.79 -19.19 2.85
CA VAL B 154 11.52 -20.06 1.69
C VAL B 154 10.28 -19.53 0.97
N TYR B 155 10.11 -20.00 -0.25
CA TYR B 155 9.00 -19.62 -1.15
C TYR B 155 8.04 -20.81 -1.22
N TRP B 156 6.76 -20.54 -1.04
CA TRP B 156 5.72 -21.58 -1.16
C TRP B 156 4.41 -20.94 -1.66
N ARG B 157 3.94 -21.39 -2.82
CA ARG B 157 2.62 -21.02 -3.39
CA ARG B 157 2.62 -21.02 -3.39
C ARG B 157 2.41 -19.50 -3.28
N GLY B 158 3.35 -18.71 -3.79
CA GLY B 158 3.23 -17.26 -3.95
C GLY B 158 3.48 -16.46 -2.70
N GLN B 159 3.88 -17.09 -1.60
CA GLN B 159 4.26 -16.36 -0.34
C GLN B 159 5.70 -16.73 0.04
N LEU B 160 6.34 -15.90 0.84
CA LEU B 160 7.55 -16.29 1.60
C LEU B 160 7.05 -16.87 2.93
N LEU B 161 7.75 -17.90 3.42
CA LEU B 161 7.59 -18.41 4.80
C LEU B 161 8.88 -18.16 5.55
N ALA B 162 8.79 -17.32 6.58
CA ALA B 162 9.89 -17.00 7.52
C ALA B 162 9.82 -18.02 8.66
N LEU B 163 10.85 -18.86 8.76
CA LEU B 163 10.83 -20.12 9.54
C LEU B 163 11.62 -19.96 10.84
N LYS B 164 11.11 -20.63 11.88
CA LYS B 164 11.78 -20.79 13.19
C LYS B 164 11.20 -22.03 13.84
N GLU B 165 12.06 -22.98 14.21
CA GLU B 165 11.70 -24.40 14.45
C GLU B 165 10.90 -24.56 15.74
N ASP B 166 10.71 -23.49 16.53
CA ASP B 166 9.86 -23.50 17.75
C ASP B 166 8.44 -23.04 17.43
N SER B 167 8.10 -22.82 16.16
CA SER B 167 6.89 -22.04 15.80
C SER B 167 6.35 -22.47 14.44
N PRO B 168 5.11 -22.07 14.11
CA PRO B 168 4.66 -22.09 12.72
C PRO B 168 5.44 -21.05 11.93
N PRO B 169 5.39 -21.12 10.59
CA PRO B 169 5.95 -20.07 9.73
C PRO B 169 5.19 -18.74 9.90
N TYR B 170 5.84 -17.63 9.54
CA TYR B 170 5.17 -16.34 9.24
C TYR B 170 5.15 -16.18 7.71
N ALA B 171 3.96 -15.90 7.16
CA ALA B 171 3.75 -15.72 5.71
C ALA B 171 4.04 -14.25 5.39
N MET B 172 4.74 -14.03 4.27
CA MET B 172 5.15 -12.68 3.85
C MET B 172 4.98 -12.53 2.33
N ASP B 173 4.83 -11.28 1.90
CA ASP B 173 4.70 -10.91 0.47
C ASP B 173 6.08 -10.90 -0.16
N PRO B 174 6.35 -11.72 -1.20
CA PRO B 174 7.68 -11.77 -1.82
C PRO B 174 8.13 -10.44 -2.46
N GLU B 175 7.17 -9.59 -2.82
CA GLU B 175 7.46 -8.34 -3.56
C GLU B 175 7.69 -7.20 -2.55
N THR B 176 6.85 -7.06 -1.52
CA THR B 176 6.89 -5.92 -0.57
C THR B 176 7.52 -6.32 0.76
N LEU B 177 7.65 -7.63 1.05
CA LEU B 177 8.13 -8.16 2.37
C LEU B 177 7.18 -7.75 3.50
N GLU B 178 5.95 -7.34 3.17
CA GLU B 178 4.88 -7.19 4.17
C GLU B 178 4.69 -8.57 4.83
N THR B 179 4.46 -8.58 6.13
CA THR B 179 4.10 -9.80 6.90
C THR B 179 2.57 -9.95 6.88
N PHE B 180 2.04 -11.08 6.40
CA PHE B 180 0.59 -11.38 6.46
C PHE B 180 0.24 -11.83 7.88
N GLY B 181 1.06 -12.69 8.49
CA GLY B 181 0.83 -13.19 9.86
C GLY B 181 1.27 -14.63 10.00
N VAL B 182 1.13 -15.18 11.19
CA VAL B 182 1.49 -16.59 11.44
C VAL B 182 0.65 -17.42 10.48
N TYR B 183 1.23 -18.45 9.88
CA TYR B 183 0.62 -19.19 8.75
C TYR B 183 0.30 -20.62 9.21
N ASP B 184 -0.94 -21.05 9.00
CA ASP B 184 -1.43 -22.39 9.45
C ASP B 184 -1.91 -23.21 8.25
N PHE B 185 -1.51 -22.86 7.01
CA PHE B 185 -1.79 -23.63 5.78
C PHE B 185 -3.29 -23.92 5.67
N ASP B 186 -4.11 -22.87 5.74
CA ASP B 186 -5.58 -22.95 5.55
C ASP B 186 -6.16 -23.81 6.67
N GLY B 187 -5.67 -23.65 7.89
CA GLY B 187 -6.09 -24.40 9.08
C GLY B 187 -5.64 -25.86 9.08
N GLN B 188 -4.75 -26.30 8.17
CA GLN B 188 -4.33 -27.72 8.07
C GLN B 188 -3.10 -28.02 8.93
N LEU B 189 -2.35 -27.02 9.39
CA LEU B 189 -1.06 -27.27 10.10
C LEU B 189 -1.34 -28.14 11.32
N PRO B 190 -0.83 -29.39 11.42
CA PRO B 190 -1.14 -30.27 12.55
C PRO B 190 -0.22 -30.10 13.77
N SER B 191 0.83 -29.29 13.65
CA SER B 191 1.97 -29.22 14.60
C SER B 191 2.06 -27.82 15.20
N LEU B 192 2.53 -27.68 16.46
CA LEU B 192 2.90 -26.37 17.05
C LEU B 192 4.17 -25.83 16.37
N THR B 193 4.95 -26.68 15.70
CA THR B 193 6.32 -26.35 15.25
C THR B 193 6.49 -26.74 13.79
N PHE B 194 7.28 -25.95 13.06
CA PHE B 194 7.55 -26.13 11.62
C PHE B 194 9.04 -25.92 11.42
N THR B 195 9.73 -26.96 10.97
CA THR B 195 11.19 -26.96 10.78
C THR B 195 11.65 -25.77 9.92
N ALA B 196 12.87 -25.31 10.17
CA ALA B 196 13.53 -24.29 9.32
C ALA B 196 14.04 -24.94 8.03
N HIS B 197 13.96 -26.26 7.88
CA HIS B 197 14.57 -26.96 6.72
C HIS B 197 13.58 -27.91 6.08
N PRO B 198 12.44 -27.40 5.56
CA PRO B 198 11.56 -28.22 4.74
C PRO B 198 12.30 -28.57 3.44
N LYS B 199 11.91 -29.66 2.78
CA LYS B 199 12.53 -30.08 1.50
C LYS B 199 11.47 -29.96 0.39
N PHE B 200 11.90 -29.49 -0.78
CA PHE B 200 11.03 -29.31 -1.97
C PHE B 200 11.36 -30.44 -2.94
N ASP B 201 10.45 -31.38 -3.09
CA ASP B 201 10.64 -32.50 -4.04
C ASP B 201 10.47 -31.94 -5.45
N PRO B 202 11.54 -31.93 -6.29
CA PRO B 202 11.47 -31.32 -7.62
C PRO B 202 10.58 -32.10 -8.60
N VAL B 203 10.30 -33.38 -8.31
CA VAL B 203 9.45 -34.23 -9.18
C VAL B 203 8.00 -34.08 -8.73
N THR B 204 7.67 -34.28 -7.45
CA THR B 204 6.27 -34.28 -6.97
C THR B 204 5.80 -32.85 -6.66
N ARG B 205 6.74 -31.90 -6.54
CA ARG B 205 6.45 -30.48 -6.19
C ARG B 205 5.84 -30.40 -4.78
N GLU B 206 6.02 -31.43 -3.95
CA GLU B 206 5.57 -31.44 -2.54
C GLU B 206 6.56 -30.65 -1.71
N MET B 207 6.07 -29.96 -0.68
CA MET B 207 6.91 -29.45 0.42
C MET B 207 6.86 -30.47 1.56
N VAL B 208 8.01 -31.05 1.90
CA VAL B 208 8.09 -32.12 2.94
C VAL B 208 8.62 -31.47 4.21
N CYS B 209 7.86 -31.65 5.30
CA CYS B 209 8.02 -30.88 6.56
C CYS B 209 8.05 -31.82 7.77
N PHE B 210 8.44 -31.26 8.91
CA PHE B 210 8.19 -31.85 10.24
C PHE B 210 8.31 -30.72 11.25
N GLY B 211 7.90 -31.01 12.48
CA GLY B 211 8.29 -30.24 13.67
C GLY B 211 8.59 -31.20 14.83
N TYR B 212 9.55 -30.84 15.66
CA TYR B 212 9.87 -31.56 16.92
C TYR B 212 9.39 -30.69 18.08
N GLU B 213 9.36 -31.24 19.28
CA GLU B 213 8.64 -30.65 20.44
C GLU B 213 7.26 -30.22 19.95
N ALA B 214 6.64 -31.06 19.12
CA ALA B 214 5.46 -30.74 18.30
C ALA B 214 4.22 -30.63 19.21
N LYS B 215 4.30 -31.05 20.48
CA LYS B 215 3.18 -30.89 21.44
C LYS B 215 3.60 -29.99 22.61
N GLY B 216 4.72 -29.27 22.50
CA GLY B 216 5.09 -28.27 23.50
C GLY B 216 6.46 -28.55 24.10
N ASP B 217 6.87 -27.69 25.00
CA ASP B 217 8.20 -27.68 25.65
C ASP B 217 8.51 -29.09 26.16
N GLY B 218 9.63 -29.65 25.73
CA GLY B 218 10.18 -30.89 26.29
C GLY B 218 9.49 -32.14 25.78
N THR B 219 8.48 -32.03 24.92
CA THR B 219 7.81 -33.21 24.35
C THR B 219 8.74 -33.90 23.36
N ARG B 220 8.62 -35.22 23.27
CA ARG B 220 9.41 -36.07 22.36
C ARG B 220 8.62 -36.32 21.08
N ASP B 221 7.48 -35.68 20.94
CA ASP B 221 6.59 -35.78 19.76
C ASP B 221 7.22 -35.05 18.58
N ILE B 222 7.38 -35.81 17.50
CA ILE B 222 7.72 -35.34 16.14
C ILE B 222 6.44 -35.51 15.31
N CYS B 223 6.04 -34.45 14.62
CA CYS B 223 4.97 -34.52 13.61
C CYS B 223 5.63 -34.39 12.24
N TYR B 224 5.57 -35.45 11.44
CA TYR B 224 6.02 -35.49 10.04
C TYR B 224 4.80 -35.17 9.18
N TYR B 225 4.90 -34.17 8.31
CA TYR B 225 3.75 -33.74 7.47
C TYR B 225 4.26 -33.15 6.15
N SER B 226 3.43 -33.21 5.12
CA SER B 226 3.79 -32.76 3.75
C SER B 226 2.58 -32.05 3.15
N PHE B 227 2.85 -31.19 2.18
CA PHE B 227 1.82 -30.49 1.39
C PHE B 227 2.08 -30.75 -0.08
N GLY B 228 1.06 -31.16 -0.81
CA GLY B 228 1.10 -31.25 -2.28
C GLY B 228 1.16 -29.85 -2.89
N PRO B 229 1.49 -29.76 -4.20
CA PRO B 229 1.67 -28.46 -4.85
C PRO B 229 0.40 -27.60 -4.86
N ASP B 230 -0.77 -28.22 -4.67
CA ASP B 230 -2.07 -27.50 -4.61
C ASP B 230 -2.31 -26.93 -3.21
N GLY B 231 -1.39 -27.15 -2.25
CA GLY B 231 -1.54 -26.65 -0.87
C GLY B 231 -2.31 -27.56 0.06
N LYS B 232 -2.77 -28.73 -0.41
CA LYS B 232 -3.50 -29.71 0.46
C LYS B 232 -2.50 -30.56 1.24
N ILE B 233 -2.75 -30.74 2.53
CA ILE B 233 -1.90 -31.62 3.38
C ILE B 233 -1.99 -33.04 2.81
N ALA B 234 -0.87 -33.75 2.75
CA ALA B 234 -0.80 -35.16 2.31
C ALA B 234 -0.46 -36.01 3.53
N GLU B 235 0.82 -36.17 3.86
CA GLU B 235 1.24 -36.95 5.06
C GLU B 235 0.93 -36.16 6.34
N THR B 236 0.53 -36.88 7.39
CA THR B 236 0.64 -36.45 8.80
C THR B 236 0.88 -37.69 9.66
N VAL B 237 2.09 -37.86 10.19
CA VAL B 237 2.46 -39.02 11.04
C VAL B 237 3.06 -38.51 12.34
N TRP B 238 2.51 -38.93 13.46
CA TRP B 238 3.06 -38.62 14.81
C TRP B 238 4.02 -39.74 15.22
N LEU B 239 5.24 -39.40 15.58
CA LEU B 239 6.21 -40.39 16.12
C LEU B 239 6.89 -39.77 17.34
N VAL B 240 7.77 -40.55 17.95
CA VAL B 240 8.40 -40.25 19.27
C VAL B 240 9.91 -40.39 19.11
N SER B 241 10.63 -39.34 19.46
CA SER B 241 12.09 -39.23 19.58
C SER B 241 12.55 -40.03 20.80
N PRO B 242 13.67 -40.79 20.79
CA PRO B 242 14.14 -41.46 22.01
C PRO B 242 14.46 -40.50 23.16
N VAL B 243 14.95 -39.30 22.84
CA VAL B 243 15.21 -38.20 23.82
C VAL B 243 14.55 -36.93 23.29
N CYS B 244 14.37 -35.93 24.13
CA CYS B 244 13.93 -34.59 23.68
C CYS B 244 15.18 -33.85 23.21
N GLY B 245 15.60 -34.19 22.00
CA GLY B 245 16.80 -33.63 21.35
C GLY B 245 16.42 -32.71 20.20
N MET B 246 17.36 -31.82 19.86
CA MET B 246 17.19 -30.82 18.78
C MET B 246 17.28 -31.57 17.44
N ILE B 247 16.18 -31.56 16.67
CA ILE B 247 16.18 -32.05 15.26
C ILE B 247 16.08 -30.82 14.36
N HIS B 248 17.24 -30.22 14.07
CA HIS B 248 17.37 -28.94 13.35
C HIS B 248 17.05 -29.13 11.87
N ASP B 249 17.53 -30.24 11.30
CA ASP B 249 17.45 -30.50 9.86
C ASP B 249 16.97 -31.93 9.71
N PHE B 250 16.60 -32.31 8.50
CA PHE B 250 16.20 -33.68 8.17
C PHE B 250 16.48 -33.90 6.69
N ALA B 251 16.25 -35.12 6.22
CA ALA B 251 16.58 -35.55 4.85
C ALA B 251 15.39 -36.31 4.29
N VAL B 252 15.20 -36.20 2.98
CA VAL B 252 14.05 -36.82 2.27
C VAL B 252 14.63 -37.51 1.04
N THR B 253 14.24 -38.77 0.85
CA THR B 253 14.58 -39.59 -0.33
C THR B 253 13.24 -39.94 -0.98
N GLU B 254 13.28 -40.69 -2.07
CA GLU B 254 12.06 -41.10 -2.79
C GLU B 254 11.08 -41.77 -1.83
N ASN B 255 11.56 -42.64 -0.92
CA ASN B 255 10.69 -43.54 -0.09
C ASN B 255 10.87 -43.33 1.42
N PHE B 256 11.80 -42.49 1.88
CA PHE B 256 12.09 -42.33 3.32
C PHE B 256 12.25 -40.87 3.70
N VAL B 257 12.00 -40.59 4.98
CA VAL B 257 12.40 -39.33 5.66
C VAL B 257 13.28 -39.70 6.85
N ILE B 258 14.31 -38.90 7.09
CA ILE B 258 15.45 -39.23 8.00
C ILE B 258 15.64 -38.07 8.97
N PHE B 259 15.62 -38.37 10.28
CA PHE B 259 15.69 -37.39 11.39
C PHE B 259 16.99 -37.58 12.19
N PRO B 260 18.05 -36.82 11.88
CA PRO B 260 19.26 -36.80 12.70
C PRO B 260 19.05 -35.90 13.93
N ILE B 261 19.31 -36.45 15.12
CA ILE B 261 19.14 -35.74 16.41
C ILE B 261 20.50 -35.25 16.90
N ILE B 262 20.60 -33.94 17.06
CA ILE B 262 21.73 -33.29 17.77
C ILE B 262 21.58 -33.63 19.26
N PRO B 263 22.63 -34.15 19.92
CA PRO B 263 22.61 -34.44 21.35
C PRO B 263 22.52 -33.21 22.26
N LEU B 264 21.77 -32.20 21.86
CA LEU B 264 21.28 -31.13 22.76
C LEU B 264 19.95 -31.59 23.29
N VAL B 265 19.77 -31.55 24.60
CA VAL B 265 18.59 -32.18 25.24
C VAL B 265 17.90 -31.13 26.09
N CYS B 266 16.56 -31.17 26.05
CA CYS B 266 15.69 -30.21 26.76
C CYS B 266 15.18 -30.82 28.07
N ASP B 267 15.33 -30.05 29.14
CA ASP B 267 14.82 -30.37 30.49
C ASP B 267 13.95 -29.19 30.95
N VAL B 268 12.64 -29.40 31.02
CA VAL B 268 11.70 -28.30 31.36
C VAL B 268 11.95 -27.85 32.82
N GLU B 269 12.40 -28.77 33.69
CA GLU B 269 12.67 -28.40 35.12
C GLU B 269 13.80 -27.37 35.17
N ARG B 270 14.86 -27.55 34.37
CA ARG B 270 15.97 -26.58 34.25
C ARG B 270 15.38 -25.25 33.74
N MET B 271 14.50 -25.30 32.74
CA MET B 271 13.91 -24.09 32.12
C MET B 271 13.11 -23.32 33.18
N LYS B 272 12.28 -24.01 33.97
CA LYS B 272 11.44 -23.38 35.02
C LYS B 272 12.31 -22.64 36.05
N GLN B 273 13.57 -23.03 36.24
CA GLN B 273 14.47 -22.34 37.19
C GLN B 273 15.28 -21.26 36.46
N GLY B 274 14.96 -20.96 35.19
CA GLY B 274 15.64 -19.91 34.41
C GLY B 274 16.81 -20.42 33.60
N GLY B 275 17.02 -21.74 33.53
CA GLY B 275 18.13 -22.34 32.79
C GLY B 275 17.82 -22.44 31.29
N ASP B 276 18.77 -23.00 30.54
CA ASP B 276 18.75 -23.05 29.07
C ASP B 276 17.77 -24.13 28.62
N HIS B 277 17.07 -23.90 27.52
CA HIS B 277 16.26 -24.94 26.83
C HIS B 277 17.16 -26.13 26.51
N TRP B 278 18.36 -25.86 26.01
CA TRP B 278 19.26 -26.92 25.43
C TRP B 278 20.50 -27.11 26.31
N GLN B 279 20.90 -28.37 26.48
CA GLN B 279 22.11 -28.76 27.26
C GLN B 279 22.71 -30.00 26.60
N TRP B 280 24.00 -29.95 26.26
CA TRP B 280 24.69 -31.09 25.64
C TRP B 280 24.64 -32.31 26.58
N ASP B 281 24.50 -33.49 25.98
CA ASP B 281 24.52 -34.80 26.66
C ASP B 281 25.60 -35.66 26.00
N TYR B 282 26.74 -35.86 26.69
CA TYR B 282 27.90 -36.63 26.18
C TYR B 282 27.60 -38.13 26.22
N SER B 283 26.49 -38.55 26.84
CA SER B 283 26.17 -39.98 27.13
C SER B 283 25.37 -40.63 26.01
N ILE B 284 24.91 -39.89 25.00
CA ILE B 284 23.98 -40.49 23.97
C ILE B 284 24.67 -40.54 22.62
N PRO B 285 24.19 -41.45 21.76
CA PRO B 285 24.61 -41.48 20.36
C PRO B 285 23.98 -40.31 19.60
N MET B 286 24.42 -40.08 18.38
CA MET B 286 23.67 -39.23 17.41
C MET B 286 22.62 -40.15 16.80
N TYR B 287 21.40 -40.08 17.32
CA TYR B 287 20.27 -40.87 16.76
C TYR B 287 19.98 -40.39 15.33
N ILE B 288 19.66 -41.33 14.45
CA ILE B 288 19.18 -41.04 13.07
C ILE B 288 17.96 -41.91 12.81
N GLY B 289 16.77 -41.31 12.91
CA GLY B 289 15.50 -42.01 12.67
C GLY B 289 15.21 -42.15 11.20
N VAL B 290 14.67 -43.29 10.79
CA VAL B 290 14.21 -43.52 9.39
C VAL B 290 12.76 -43.96 9.46
N LEU B 291 11.91 -43.27 8.67
CA LEU B 291 10.45 -43.51 8.57
C LEU B 291 10.10 -43.62 7.10
N PRO B 292 9.22 -44.55 6.70
CA PRO B 292 8.73 -44.59 5.33
C PRO B 292 8.04 -43.25 5.03
N ARG B 293 8.28 -42.72 3.84
CA ARG B 293 7.83 -41.37 3.45
C ARG B 293 6.28 -41.31 3.39
N ARG B 294 5.65 -42.41 2.97
CA ARG B 294 4.21 -42.43 2.63
C ARG B 294 3.49 -43.57 3.36
N GLY B 295 2.38 -43.28 4.03
CA GLY B 295 1.44 -44.27 4.59
C GLY B 295 1.93 -44.88 5.91
N ALA B 296 3.01 -44.37 6.51
CA ALA B 296 3.61 -44.95 7.73
C ALA B 296 2.74 -44.67 8.96
N GLN B 297 2.93 -45.47 10.01
CA GLN B 297 2.52 -45.17 11.41
C GLN B 297 3.78 -44.78 12.18
N GLY B 298 3.60 -44.13 13.34
CA GLY B 298 4.72 -43.67 14.19
C GLY B 298 5.65 -44.80 14.59
N SER B 299 5.08 -45.97 14.87
CA SER B 299 5.83 -47.19 15.31
C SER B 299 6.74 -47.72 14.19
N ASP B 300 6.58 -47.26 12.93
CA ASP B 300 7.43 -47.73 11.80
C ASP B 300 8.82 -47.07 11.84
N VAL B 301 9.04 -46.06 12.67
CA VAL B 301 10.36 -45.37 12.71
C VAL B 301 11.38 -46.33 13.32
N LYS B 302 12.58 -46.37 12.76
CA LYS B 302 13.75 -47.10 13.31
C LYS B 302 14.76 -46.05 13.75
N TRP B 303 15.16 -46.05 15.01
CA TRP B 303 16.17 -45.10 15.57
C TRP B 303 17.55 -45.75 15.50
N PHE B 304 18.21 -45.60 14.36
CA PHE B 304 19.63 -45.98 14.17
C PHE B 304 20.48 -45.10 15.09
N GLU B 305 21.65 -45.62 15.44
CA GLU B 305 22.57 -44.97 16.40
C GLU B 305 23.91 -44.79 15.71
N ALA B 306 24.18 -43.56 15.30
CA ALA B 306 25.50 -43.14 14.80
C ALA B 306 26.38 -42.84 15.99
N PRO B 307 27.70 -42.94 15.84
CA PRO B 307 28.64 -42.44 16.84
C PRO B 307 28.28 -41.02 17.29
N HIS B 308 28.39 -40.80 18.58
CA HIS B 308 28.15 -39.48 19.23
C HIS B 308 28.78 -38.39 18.38
N GLY B 309 27.98 -37.37 18.08
CA GLY B 309 28.45 -36.19 17.37
C GLY B 309 27.33 -35.21 17.12
N PHE B 310 27.67 -34.11 16.46
CA PHE B 310 26.77 -33.00 16.11
C PHE B 310 26.25 -33.23 14.69
N ALA B 311 24.92 -33.34 14.54
CA ALA B 311 24.22 -33.35 13.23
C ALA B 311 24.16 -31.91 12.70
N GLY B 312 25.05 -31.58 11.77
CA GLY B 312 25.02 -30.31 11.03
C GLY B 312 24.01 -30.40 9.89
N HIS B 313 24.06 -29.45 8.96
CA HIS B 313 23.06 -29.35 7.88
C HIS B 313 23.20 -30.51 6.91
N VAL B 314 22.07 -30.99 6.42
CA VAL B 314 21.98 -32.02 5.36
C VAL B 314 22.27 -31.37 4.01
N ALA B 315 23.20 -31.91 3.24
CA ALA B 315 23.40 -31.50 1.83
C ALA B 315 22.21 -32.05 1.05
N ASN B 316 22.01 -33.36 1.16
CA ASN B 316 20.97 -34.13 0.42
C ASN B 316 21.09 -35.59 0.84
N ALA B 317 20.03 -36.36 0.67
CA ALA B 317 20.01 -37.82 0.82
C ALA B 317 19.30 -38.41 -0.39
N PHE B 318 19.66 -39.64 -0.75
CA PHE B 318 19.05 -40.41 -1.86
C PHE B 318 19.17 -41.91 -1.62
N GLU B 319 18.29 -42.69 -2.26
CA GLU B 319 18.42 -44.17 -2.33
C GLU B 319 19.34 -44.54 -3.50
N ASP B 320 20.31 -45.41 -3.27
CA ASP B 320 21.15 -46.07 -4.31
C ASP B 320 20.37 -47.28 -4.88
N ASP B 321 21.00 -48.02 -5.79
CA ASP B 321 20.43 -49.20 -6.52
C ASP B 321 19.93 -50.27 -5.53
N LYS B 322 20.64 -50.51 -4.43
CA LYS B 322 20.29 -51.53 -3.41
C LYS B 322 19.17 -50.98 -2.50
N GLY B 323 18.72 -49.74 -2.71
CA GLY B 323 17.66 -49.09 -1.92
C GLY B 323 18.15 -48.63 -0.55
N HIS B 324 19.47 -48.54 -0.36
CA HIS B 324 20.12 -48.02 0.88
C HIS B 324 20.18 -46.48 0.82
N ILE B 325 19.90 -45.82 1.94
CA ILE B 325 19.92 -44.33 2.04
C ILE B 325 21.37 -43.87 2.16
N GLN B 326 21.80 -43.03 1.22
CA GLN B 326 23.07 -42.26 1.30
C GLN B 326 22.72 -40.89 1.87
N LEU B 327 23.08 -40.63 3.13
CA LEU B 327 22.78 -39.36 3.84
C LEU B 327 24.08 -38.58 3.89
N GLN B 328 24.13 -37.43 3.20
CA GLN B 328 25.35 -36.59 3.16
C GLN B 328 25.05 -35.30 3.93
N MET B 329 25.87 -34.99 4.93
CA MET B 329 25.59 -33.90 5.90
C MET B 329 26.87 -33.49 6.60
N ALA B 330 26.91 -32.28 7.10
CA ALA B 330 28.00 -31.82 7.99
C ALA B 330 27.87 -32.63 9.29
N TYR B 331 29.00 -33.08 9.84
CA TYR B 331 29.04 -33.94 11.05
C TYR B 331 30.31 -33.59 11.82
N ALA B 332 30.14 -33.26 13.09
CA ALA B 332 31.25 -32.94 14.02
C ALA B 332 31.23 -33.96 15.17
N LYS B 333 32.35 -34.06 15.89
CA LYS B 333 32.53 -35.06 16.98
C LYS B 333 32.25 -34.40 18.33
N ASP B 334 31.94 -33.11 18.34
CA ASP B 334 31.66 -32.34 19.58
C ASP B 334 30.63 -31.23 19.28
N ASN B 335 30.26 -30.50 20.32
CA ASN B 335 29.13 -29.52 20.38
C ASN B 335 29.51 -28.25 19.62
N VAL B 336 29.05 -28.14 18.38
CA VAL B 336 29.18 -26.91 17.55
C VAL B 336 28.52 -25.73 18.28
N PHE B 337 27.39 -25.95 18.98
CA PHE B 337 26.66 -24.89 19.72
C PHE B 337 27.21 -24.86 21.16
N PHE B 338 28.48 -24.46 21.28
CA PHE B 338 29.32 -24.57 22.50
C PHE B 338 28.79 -23.66 23.62
N TRP B 339 27.97 -22.65 23.28
CA TRP B 339 27.32 -21.75 24.27
C TRP B 339 26.23 -22.51 25.04
N TRP B 340 25.86 -23.73 24.62
CA TRP B 340 24.94 -24.62 25.39
C TRP B 340 25.69 -25.88 25.80
N PRO B 341 26.53 -25.78 26.86
CA PRO B 341 27.44 -26.88 27.23
C PRO B 341 26.70 -27.99 28.00
N ASP B 342 27.43 -28.97 28.57
CA ASP B 342 26.82 -30.10 29.31
C ASP B 342 26.43 -29.63 30.70
N ALA B 343 25.87 -30.52 31.52
CA ALA B 343 25.34 -30.23 32.88
C ALA B 343 26.39 -29.58 33.78
N ASN B 344 27.68 -29.78 33.51
CA ASN B 344 28.80 -29.25 34.34
C ASN B 344 29.43 -28.03 33.65
N GLY B 345 28.81 -27.46 32.60
CA GLY B 345 29.36 -26.31 31.87
C GLY B 345 30.55 -26.69 31.00
N LYS B 346 30.74 -27.99 30.74
CA LYS B 346 31.86 -28.53 29.93
C LYS B 346 31.48 -28.46 28.43
N GLY B 347 32.39 -27.96 27.61
CA GLY B 347 32.30 -28.13 26.15
C GLY B 347 33.42 -27.41 25.42
N PRO B 348 33.36 -27.35 24.08
CA PRO B 348 34.40 -26.71 23.30
C PRO B 348 34.52 -25.20 23.52
N ARG B 349 35.62 -24.62 23.05
CA ARG B 349 35.82 -23.16 22.94
C ARG B 349 35.39 -22.72 21.55
N PRO B 350 35.17 -21.40 21.32
CA PRO B 350 34.91 -20.87 19.99
C PRO B 350 36.03 -21.27 19.02
N GLY B 351 35.68 -21.69 17.81
CA GLY B 351 36.62 -21.96 16.71
C GLY B 351 37.31 -23.31 16.83
N GLU B 352 36.94 -24.12 17.82
CA GLU B 352 37.64 -25.40 18.13
C GLU B 352 37.01 -26.56 17.35
N VAL B 353 35.69 -26.56 17.17
CA VAL B 353 34.97 -27.73 16.60
C VAL B 353 34.93 -27.59 15.09
N GLU B 354 35.43 -28.62 14.41
CA GLU B 354 35.37 -28.76 12.94
C GLU B 354 34.20 -29.69 12.63
N ALA B 355 33.46 -29.38 11.57
CA ALA B 355 32.47 -30.29 10.99
C ALA B 355 32.98 -30.73 9.61
N HIS B 356 32.72 -31.98 9.26
CA HIS B 356 33.23 -32.61 8.03
C HIS B 356 32.06 -33.17 7.25
N PHE B 357 32.22 -33.19 5.93
CA PHE B 357 31.20 -33.62 4.97
C PHE B 357 31.12 -35.14 5.01
N ALA B 358 30.13 -35.66 5.75
CA ALA B 358 30.01 -37.09 6.07
C ALA B 358 28.97 -37.76 5.15
N ASN B 359 29.21 -39.03 4.84
CA ASN B 359 28.25 -39.94 4.18
C ASN B 359 27.92 -41.06 5.17
N PHE B 360 26.68 -41.10 5.62
CA PHE B 360 26.11 -42.21 6.43
C PHE B 360 25.33 -43.11 5.49
N VAL B 361 25.42 -44.42 5.66
CA VAL B 361 24.62 -45.42 4.90
C VAL B 361 23.59 -46.01 5.85
N LEU B 362 22.31 -45.97 5.48
CA LEU B 362 21.21 -46.50 6.32
C LEU B 362 20.39 -47.45 5.48
N ASP B 363 20.03 -48.58 6.06
CA ASP B 363 19.20 -49.64 5.45
C ASP B 363 17.99 -49.79 6.35
N TYR B 364 16.83 -49.31 5.92
CA TYR B 364 15.59 -49.38 6.72
C TYR B 364 15.30 -50.85 7.09
N GLN B 365 15.68 -51.79 6.23
CA GLN B 365 15.39 -53.25 6.40
C GLN B 365 16.23 -53.84 7.54
N SER B 366 17.42 -53.30 7.79
CA SER B 366 18.38 -53.76 8.82
C SER B 366 17.72 -53.66 10.20
N ASP B 367 18.09 -54.59 11.09
CA ASP B 367 17.68 -54.59 12.52
C ASP B 367 18.90 -54.23 13.38
N LYS B 368 20.07 -54.10 12.78
CA LYS B 368 21.29 -53.54 13.44
C LYS B 368 21.06 -52.04 13.62
N LEU B 369 20.91 -51.59 14.85
CA LEU B 369 20.68 -50.15 15.18
C LEU B 369 22.00 -49.38 15.07
N PRO B 370 23.14 -49.86 15.63
CA PRO B 370 24.41 -49.12 15.48
C PRO B 370 24.77 -48.98 14.00
N LEU B 371 25.35 -47.83 13.62
CA LEU B 371 25.80 -47.55 12.23
C LEU B 371 27.32 -47.42 12.23
N ALA B 372 27.96 -47.82 11.14
CA ALA B 372 29.41 -47.61 10.91
C ALA B 372 29.74 -46.11 11.01
N GLU B 373 30.96 -45.78 11.46
CA GLU B 373 31.53 -44.41 11.31
C GLU B 373 31.25 -44.02 9.85
N PRO B 374 30.92 -42.74 9.57
CA PRO B 374 30.68 -42.32 8.20
C PRO B 374 32.01 -42.22 7.44
N THR B 375 31.97 -42.29 6.11
CA THR B 375 33.07 -41.85 5.22
C THR B 375 32.94 -40.35 5.06
N TYR B 376 34.04 -39.69 4.69
CA TYR B 376 34.13 -38.22 4.53
C TYR B 376 34.46 -37.91 3.06
N LEU B 377 33.77 -36.92 2.47
CA LEU B 377 33.84 -36.65 1.01
C LEU B 377 34.98 -35.66 0.73
N VAL B 378 35.40 -34.86 1.71
CA VAL B 378 36.53 -33.90 1.59
C VAL B 378 37.11 -33.73 3.00
N ASP B 379 38.24 -33.05 3.11
CA ASP B 379 38.99 -32.84 4.37
C ASP B 379 38.54 -31.55 5.05
N ASP B 380 37.96 -30.61 4.30
CA ASP B 380 37.72 -29.22 4.76
C ASP B 380 36.81 -29.22 6.00
N ASP B 381 37.11 -28.34 6.94
CA ASP B 381 36.13 -27.85 7.94
C ASP B 381 35.03 -27.12 7.14
N MET B 382 33.80 -27.61 7.17
CA MET B 382 32.73 -27.11 6.28
C MET B 382 31.38 -27.02 7.02
N GLU B 383 30.42 -26.37 6.36
CA GLU B 383 28.99 -26.30 6.77
C GLU B 383 28.19 -25.61 5.65
N PHE B 384 26.89 -25.45 5.86
CA PHE B 384 25.96 -24.74 4.94
C PHE B 384 26.09 -25.32 3.53
N PRO B 385 25.93 -26.65 3.39
CA PRO B 385 25.98 -27.29 2.08
C PRO B 385 24.69 -27.01 1.29
N ARG B 386 24.86 -26.70 0.01
CA ARG B 386 23.76 -26.56 -0.98
C ARG B 386 24.04 -27.51 -2.13
N ILE B 387 22.99 -28.08 -2.69
CA ILE B 387 23.06 -28.83 -3.96
C ILE B 387 22.26 -28.06 -5.00
N ASP B 388 22.24 -28.59 -6.21
CA ASP B 388 21.28 -28.20 -7.26
C ASP B 388 19.93 -28.81 -6.86
N ASP B 389 18.99 -27.99 -6.37
CA ASP B 389 17.74 -28.49 -5.77
C ASP B 389 16.87 -29.15 -6.85
N ARG B 390 17.29 -29.09 -8.11
CA ARG B 390 16.62 -29.82 -9.21
C ARG B 390 16.78 -31.33 -9.02
N VAL B 391 17.76 -31.80 -8.23
CA VAL B 391 17.95 -33.25 -7.92
C VAL B 391 17.71 -33.54 -6.42
N ALA B 392 17.16 -32.61 -5.64
CA ALA B 392 16.88 -32.85 -4.20
C ALA B 392 16.05 -34.12 -4.06
N THR B 393 16.43 -34.97 -3.09
CA THR B 393 15.81 -36.28 -2.75
C THR B 393 16.29 -37.38 -3.71
N ARG B 394 17.10 -37.03 -4.72
CA ARG B 394 17.66 -37.97 -5.73
C ARG B 394 19.19 -37.87 -5.70
N LYS B 395 19.86 -38.75 -6.42
CA LYS B 395 21.34 -38.77 -6.53
C LYS B 395 21.80 -37.39 -7.00
N HIS B 396 22.62 -36.73 -6.21
CA HIS B 396 23.28 -35.44 -6.57
C HIS B 396 24.76 -35.74 -6.78
N LYS B 397 25.44 -34.94 -7.61
CA LYS B 397 26.88 -35.11 -7.88
C LYS B 397 27.59 -33.77 -7.77
N HIS B 398 26.90 -32.72 -7.30
CA HIS B 398 27.51 -31.40 -7.01
C HIS B 398 27.04 -30.94 -5.64
N THR B 399 27.97 -30.43 -4.84
CA THR B 399 27.68 -29.77 -3.55
C THR B 399 28.53 -28.52 -3.46
N PHE B 400 27.92 -27.41 -3.05
CA PHE B 400 28.58 -26.12 -2.75
C PHE B 400 28.47 -25.94 -1.26
N PHE B 401 29.54 -25.48 -0.59
CA PHE B 401 29.51 -25.37 0.89
C PHE B 401 30.51 -24.33 1.36
N CYS B 402 30.24 -23.82 2.56
CA CYS B 402 31.16 -22.94 3.32
C CYS B 402 32.31 -23.79 3.84
N ILE B 403 33.51 -23.21 3.86
CA ILE B 403 34.73 -23.84 4.43
C ILE B 403 35.33 -22.82 5.40
N PHE B 404 35.98 -23.33 6.44
CA PHE B 404 36.80 -22.51 7.36
C PHE B 404 38.20 -23.09 7.36
N ASP B 405 39.13 -22.39 6.71
CA ASP B 405 40.53 -22.83 6.51
C ASP B 405 41.41 -22.07 7.50
N ARG B 406 41.99 -22.77 8.47
CA ARG B 406 42.85 -22.18 9.54
C ARG B 406 44.30 -22.06 9.04
N LYS B 407 44.64 -22.59 7.85
CA LYS B 407 45.98 -22.44 7.23
C LYS B 407 46.41 -20.98 7.33
N PRO B 408 47.61 -20.67 7.88
CA PRO B 408 48.05 -19.29 8.11
C PRO B 408 47.94 -18.41 6.84
N GLY B 409 47.35 -17.23 6.99
CA GLY B 409 47.26 -16.20 5.92
C GLY B 409 45.91 -16.17 5.23
N VAL B 410 45.17 -17.28 5.18
CA VAL B 410 43.85 -17.34 4.47
C VAL B 410 42.91 -16.29 5.08
N THR B 411 42.85 -16.22 6.41
CA THR B 411 42.18 -15.12 7.15
C THR B 411 43.23 -14.39 7.99
N ASP B 412 43.27 -13.07 7.88
CA ASP B 412 44.05 -12.18 8.78
C ASP B 412 43.29 -12.05 10.11
N PHE B 413 43.35 -13.10 10.94
CA PHE B 413 42.64 -13.17 12.25
C PHE B 413 43.01 -11.98 13.13
N GLU B 414 44.25 -11.52 13.08
CA GLU B 414 44.71 -10.41 13.94
C GLU B 414 43.89 -9.15 13.63
N PHE B 415 43.51 -8.94 12.36
CA PHE B 415 42.71 -7.77 11.90
C PHE B 415 41.21 -8.04 12.14
N VAL B 416 40.74 -9.23 11.76
CA VAL B 416 39.29 -9.56 11.71
C VAL B 416 38.72 -9.76 13.12
N MET B 417 39.33 -10.60 13.96
CA MET B 417 38.74 -11.02 15.26
C MET B 417 38.38 -9.82 16.12
N PRO B 418 39.22 -8.79 16.31
CA PRO B 418 38.83 -7.63 17.11
C PRO B 418 37.61 -6.87 16.54
N ARG B 419 37.26 -7.08 15.26
CA ARG B 419 36.16 -6.36 14.57
C ARG B 419 34.93 -7.25 14.38
N ALA B 420 35.02 -8.53 14.75
CA ALA B 420 34.04 -9.56 14.34
C ALA B 420 32.89 -9.70 15.34
N GLY B 421 33.08 -9.30 16.59
CA GLY B 421 32.15 -9.62 17.69
C GLY B 421 32.09 -11.13 17.85
N GLY B 422 31.06 -11.64 18.51
CA GLY B 422 30.95 -13.08 18.78
C GLY B 422 29.56 -13.60 18.52
N GLY B 423 29.41 -14.91 18.63
CA GLY B 423 28.10 -15.61 18.69
C GLY B 423 27.76 -16.31 17.39
N ALA B 424 28.53 -16.06 16.31
CA ALA B 424 28.19 -16.54 14.95
C ALA B 424 29.34 -17.36 14.37
N PRO B 425 29.05 -18.43 13.62
CA PRO B 425 30.12 -19.27 13.05
C PRO B 425 30.85 -18.49 11.95
N MET B 426 32.10 -18.88 11.67
CA MET B 426 32.94 -18.20 10.66
C MET B 426 33.17 -19.11 9.45
N SER B 427 33.14 -18.52 8.27
CA SER B 427 33.43 -19.20 7.00
C SER B 427 34.34 -18.27 6.19
N ASN B 428 35.47 -18.73 5.67
CA ASN B 428 36.40 -17.85 4.91
C ASN B 428 36.53 -18.33 3.46
N GLY B 429 35.59 -19.15 3.00
CA GLY B 429 35.51 -19.52 1.58
C GLY B 429 34.32 -20.39 1.26
N LEU B 430 34.11 -20.64 -0.02
CA LEU B 430 33.18 -21.68 -0.53
C LEU B 430 34.00 -22.73 -1.26
N ALA B 431 33.50 -23.95 -1.33
CA ALA B 431 34.07 -25.01 -2.16
C ALA B 431 32.93 -25.62 -3.00
N HIS B 432 33.24 -26.00 -4.23
CA HIS B 432 32.39 -26.82 -5.13
C HIS B 432 33.06 -28.18 -5.25
N LEU B 433 32.40 -29.22 -4.73
CA LEU B 433 32.83 -30.62 -4.94
C LEU B 433 32.03 -31.20 -6.09
N ASN B 434 32.73 -31.67 -7.11
CA ASN B 434 32.19 -32.59 -8.14
C ASN B 434 32.34 -34.01 -7.59
N HIS B 435 31.24 -34.70 -7.30
CA HIS B 435 31.23 -36.02 -6.62
C HIS B 435 31.70 -37.13 -7.59
N GLU B 436 31.53 -36.97 -8.90
CA GLU B 436 32.00 -37.95 -9.91
C GLU B 436 33.51 -37.85 -10.10
N THR B 437 34.03 -36.67 -10.43
CA THR B 437 35.47 -36.46 -10.73
C THR B 437 36.28 -36.34 -9.43
N GLY B 438 35.64 -35.97 -8.30
CA GLY B 438 36.34 -35.65 -7.04
C GLY B 438 37.04 -34.30 -7.06
N ASP B 439 36.96 -33.55 -8.16
CA ASP B 439 37.52 -32.17 -8.29
C ASP B 439 36.83 -31.23 -7.29
N ILE B 440 37.63 -30.41 -6.62
CA ILE B 440 37.18 -29.34 -5.68
C ILE B 440 37.71 -28.01 -6.22
N GLN B 441 36.83 -27.03 -6.37
CA GLN B 441 37.19 -25.60 -6.61
C GLN B 441 36.89 -24.83 -5.33
N ARG B 442 37.78 -23.93 -4.93
CA ARG B 442 37.63 -23.13 -3.69
C ARG B 442 37.61 -21.65 -4.06
N TYR B 443 36.59 -20.93 -3.60
CA TYR B 443 36.49 -19.46 -3.64
C TYR B 443 36.99 -18.87 -2.32
N LEU B 444 38.01 -18.02 -2.37
CA LEU B 444 38.53 -17.28 -1.18
C LEU B 444 38.30 -15.80 -1.42
N PRO B 445 37.32 -15.17 -0.74
CA PRO B 445 37.03 -13.75 -0.98
C PRO B 445 38.18 -12.84 -0.58
N GLY B 446 39.04 -13.29 0.34
CA GLY B 446 40.20 -12.49 0.76
C GLY B 446 40.47 -12.60 2.26
N PRO B 447 41.66 -12.14 2.69
CA PRO B 447 42.09 -12.33 4.07
C PRO B 447 41.27 -11.55 5.09
N ARG B 448 40.55 -10.50 4.68
CA ARG B 448 39.75 -9.67 5.61
C ARG B 448 38.26 -9.75 5.25
N LYS B 449 37.84 -10.84 4.64
CA LYS B 449 36.41 -11.09 4.33
C LYS B 449 35.99 -12.49 4.81
N LEU B 450 34.75 -12.61 5.27
CA LEU B 450 34.10 -13.91 5.60
C LEU B 450 32.78 -14.05 4.84
N THR B 451 32.27 -15.27 4.73
CA THR B 451 31.12 -15.58 3.85
C THR B 451 29.94 -16.04 4.72
N GLY B 452 28.73 -15.86 4.19
CA GLY B 452 27.52 -16.55 4.64
C GLY B 452 27.28 -17.78 3.79
N GLU B 453 26.10 -18.38 3.95
CA GLU B 453 25.60 -19.49 3.13
C GLU B 453 25.37 -19.01 1.70
N CYS B 454 25.77 -19.82 0.73
CA CYS B 454 25.67 -19.49 -0.70
C CYS B 454 24.31 -19.96 -1.21
N ILE B 455 23.92 -19.45 -2.37
CA ILE B 455 22.82 -20.03 -3.19
C ILE B 455 23.42 -20.46 -4.53
N PHE B 456 22.79 -21.47 -5.13
CA PHE B 456 23.06 -21.90 -6.51
C PHE B 456 21.87 -21.52 -7.42
N ILE B 457 22.20 -20.99 -8.61
CA ILE B 457 21.23 -20.54 -9.65
C ILE B 457 21.55 -21.31 -10.92
N PRO B 458 20.64 -22.19 -11.42
CA PRO B 458 20.84 -22.81 -12.72
C PRO B 458 21.10 -21.75 -13.80
N ARG B 459 22.07 -21.99 -14.68
CA ARG B 459 22.41 -21.01 -15.76
C ARG B 459 21.14 -20.65 -16.53
N ASN B 460 20.27 -21.64 -16.76
CA ASN B 460 18.97 -21.51 -17.48
C ASN B 460 18.27 -22.86 -17.27
N SER B 461 17.04 -23.02 -17.76
CA SER B 461 16.24 -24.24 -17.51
C SER B 461 16.81 -25.45 -18.27
N GLU B 462 17.79 -25.27 -19.16
CA GLU B 462 18.44 -26.38 -19.92
C GLU B 462 19.75 -26.81 -19.26
N ALA B 463 20.25 -26.05 -18.27
CA ALA B 463 21.61 -26.22 -17.72
C ALA B 463 21.74 -27.60 -17.06
N ALA B 464 22.91 -28.20 -17.20
CA ALA B 464 23.31 -29.44 -16.51
C ALA B 464 23.32 -29.19 -14.99
N GLU B 465 23.20 -30.26 -14.21
CA GLU B 465 23.30 -30.21 -12.74
C GLU B 465 24.52 -29.36 -12.36
N GLY B 466 24.34 -28.40 -11.45
CA GLY B 466 25.47 -27.68 -10.84
C GLY B 466 26.11 -26.69 -11.79
N ASP B 467 25.50 -26.44 -12.96
CA ASP B 467 26.01 -25.46 -13.94
C ASP B 467 25.21 -24.15 -13.84
N GLY B 468 25.89 -23.06 -13.51
CA GLY B 468 25.25 -21.74 -13.43
C GLY B 468 26.04 -20.80 -12.55
N TYR B 469 25.36 -20.13 -11.63
CA TYR B 469 25.94 -19.05 -10.81
C TYR B 469 25.81 -19.43 -9.33
N VAL B 470 26.76 -18.96 -8.55
CA VAL B 470 26.71 -19.03 -7.06
C VAL B 470 26.76 -17.59 -6.57
N MET B 471 25.88 -17.26 -5.61
CA MET B 471 25.95 -15.95 -4.93
C MET B 471 26.22 -16.22 -3.46
N VAL B 472 26.93 -15.30 -2.84
CA VAL B 472 27.25 -15.41 -1.40
C VAL B 472 27.46 -14.01 -0.87
N LEU B 473 26.92 -13.76 0.31
CA LEU B 473 27.08 -12.46 0.99
C LEU B 473 28.41 -12.50 1.76
N LEU B 474 29.22 -11.46 1.61
CA LEU B 474 30.54 -11.33 2.27
C LEU B 474 30.42 -10.26 3.35
N ALA B 475 31.06 -10.50 4.48
CA ALA B 475 31.39 -9.48 5.49
C ALA B 475 32.80 -8.97 5.18
N ASN B 476 32.92 -7.71 4.83
CA ASN B 476 34.22 -7.05 4.54
C ASN B 476 34.64 -6.27 5.78
N TYR B 477 35.56 -6.81 6.56
CA TYR B 477 35.99 -6.26 7.87
C TYR B 477 36.85 -5.01 7.64
N GLU B 478 37.42 -4.82 6.45
CA GLU B 478 38.20 -3.58 6.13
C GLU B 478 37.25 -2.39 6.01
N ASP B 479 36.16 -2.55 5.28
CA ASP B 479 35.18 -1.47 5.00
C ASP B 479 34.14 -1.45 6.10
N MET B 480 34.01 -2.53 6.88
CA MET B 480 32.84 -2.78 7.77
C MET B 480 31.58 -2.57 6.92
N CYS B 481 31.55 -3.19 5.74
CA CYS B 481 30.40 -3.20 4.80
C CYS B 481 30.18 -4.64 4.38
N SER B 482 29.00 -4.93 3.87
CA SER B 482 28.68 -6.23 3.24
C SER B 482 28.82 -6.09 1.73
N GLU B 483 29.10 -7.20 1.06
CA GLU B 483 29.17 -7.29 -0.42
C GLU B 483 28.43 -8.55 -0.82
N LEU B 484 27.83 -8.56 -2.00
CA LEU B 484 27.20 -9.78 -2.56
C LEU B 484 28.03 -10.20 -3.78
N ALA B 485 28.72 -11.33 -3.67
CA ALA B 485 29.60 -11.88 -4.71
C ALA B 485 28.75 -12.75 -5.65
N VAL B 486 28.98 -12.60 -6.95
CA VAL B 486 28.38 -13.46 -8.00
C VAL B 486 29.53 -14.20 -8.68
N LEU B 487 29.47 -15.52 -8.66
CA LEU B 487 30.49 -16.45 -9.21
C LEU B 487 29.83 -17.27 -10.31
N ASP B 488 30.61 -17.68 -11.30
CA ASP B 488 30.22 -18.66 -12.34
C ASP B 488 30.79 -20.00 -11.91
N THR B 489 29.98 -21.07 -11.94
CA THR B 489 30.41 -22.45 -11.57
C THR B 489 31.54 -22.95 -12.49
N LYS B 490 31.73 -22.37 -13.68
CA LYS B 490 32.85 -22.73 -14.60
C LYS B 490 34.18 -22.37 -13.95
N ASP B 491 34.21 -21.37 -13.05
CA ASP B 491 35.43 -20.99 -12.29
C ASP B 491 35.03 -20.29 -10.98
N LEU B 492 34.87 -21.06 -9.91
CA LEU B 492 34.40 -20.55 -8.60
C LEU B 492 35.42 -19.58 -8.01
N THR B 493 36.68 -19.58 -8.47
CA THR B 493 37.77 -18.76 -7.86
C THR B 493 37.59 -17.28 -8.22
N ASN B 494 36.81 -16.98 -9.25
CA ASN B 494 36.72 -15.62 -9.86
C ASN B 494 35.34 -15.02 -9.59
N GLU B 495 35.31 -13.81 -9.02
CA GLU B 495 34.08 -12.98 -8.94
C GLU B 495 33.77 -12.43 -10.33
N VAL B 496 32.62 -12.77 -10.88
CA VAL B 496 32.08 -12.13 -12.12
C VAL B 496 31.53 -10.74 -11.74
N ALA B 497 30.96 -10.60 -10.55
CA ALA B 497 30.46 -9.30 -10.05
C ALA B 497 30.65 -9.26 -8.53
N LEU B 498 30.93 -8.09 -8.02
CA LEU B 498 30.93 -7.81 -6.57
C LEU B 498 29.99 -6.63 -6.34
N ILE B 499 28.86 -6.89 -5.71
CA ILE B 499 27.82 -5.87 -5.39
C ILE B 499 28.19 -5.27 -4.04
N LYS B 500 28.40 -3.96 -3.99
CA LYS B 500 29.02 -3.27 -2.84
C LYS B 500 27.93 -2.54 -2.06
N LEU B 501 27.47 -3.13 -0.94
CA LEU B 501 26.47 -2.51 -0.03
C LEU B 501 27.22 -1.48 0.81
N PRO B 502 26.64 -0.29 1.02
CA PRO B 502 27.25 0.73 1.88
C PRO B 502 26.88 0.59 3.37
N VAL B 503 26.15 -0.46 3.72
CA VAL B 503 25.73 -0.78 5.11
C VAL B 503 26.22 -2.20 5.40
N ARG B 504 26.20 -2.60 6.67
CA ARG B 504 26.41 -3.99 7.06
C ARG B 504 25.05 -4.70 7.07
N LEU B 505 25.01 -5.88 6.48
CA LEU B 505 24.06 -6.96 6.82
C LEU B 505 24.80 -7.87 7.78
N ARG B 506 24.36 -7.83 9.03
CA ARG B 506 24.83 -8.68 10.14
C ARG B 506 24.86 -10.13 9.68
N PRO B 507 25.86 -10.94 10.08
CA PRO B 507 25.87 -12.36 9.74
C PRO B 507 24.50 -12.99 10.00
N GLY B 508 24.04 -13.74 9.01
CA GLY B 508 22.71 -14.33 9.00
C GLY B 508 22.77 -15.83 8.89
N LEU B 509 21.63 -16.41 8.62
CA LEU B 509 21.48 -17.87 8.51
C LEU B 509 21.10 -18.16 7.06
N HIS B 510 19.95 -18.75 6.81
CA HIS B 510 19.67 -19.38 5.50
C HIS B 510 19.06 -18.38 4.52
N GLY B 511 19.13 -18.74 3.25
CA GLY B 511 18.63 -17.94 2.14
C GLY B 511 18.32 -18.84 0.97
N ASN B 512 17.54 -18.30 0.03
CA ASN B 512 17.04 -19.09 -1.13
C ASN B 512 16.90 -18.18 -2.35
N TRP B 513 17.12 -18.78 -3.51
CA TRP B 513 16.92 -18.16 -4.84
C TRP B 513 15.51 -18.48 -5.31
N VAL B 514 14.78 -17.47 -5.74
CA VAL B 514 13.46 -17.64 -6.41
C VAL B 514 13.62 -17.14 -7.84
N ASP B 515 13.70 -18.05 -8.81
CA ASP B 515 13.95 -17.69 -10.22
C ASP B 515 12.65 -17.18 -10.85
N LYS B 516 12.74 -16.09 -11.62
CA LYS B 516 11.55 -15.47 -12.28
C LYS B 516 10.93 -16.48 -13.26
N SER B 517 11.71 -17.39 -13.83
CA SER B 517 11.23 -18.36 -14.83
C SER B 517 10.43 -19.51 -14.18
N ASP B 518 10.46 -19.66 -12.86
CA ASP B 518 9.76 -20.75 -12.13
C ASP B 518 8.41 -20.21 -11.60
N VAL B 519 7.32 -20.68 -12.18
CA VAL B 519 5.95 -20.21 -11.83
C VAL B 519 5.69 -20.44 -10.33
N ASP B 520 6.12 -21.56 -9.76
CA ASP B 520 5.85 -21.91 -8.34
C ASP B 520 7.09 -21.58 -7.48
N GLY B 521 8.08 -20.89 -8.06
CA GLY B 521 9.24 -20.35 -7.33
C GLY B 521 10.36 -21.37 -7.13
N HIS B 522 10.19 -22.60 -7.61
CA HIS B 522 11.16 -23.72 -7.42
C HIS B 522 11.55 -24.27 -8.78
N PRO B 523 12.82 -24.67 -8.97
CA PRO B 523 13.28 -25.11 -10.28
C PRO B 523 12.69 -26.48 -10.68
N ALA B 524 12.62 -26.70 -11.99
CA ALA B 524 12.04 -27.90 -12.63
C ALA B 524 13.01 -29.08 -12.46
N PRO B 525 12.51 -30.32 -12.41
CA PRO B 525 13.38 -31.48 -12.19
C PRO B 525 14.33 -31.64 -13.38
N LEU B 526 15.50 -32.23 -13.16
CA LEU B 526 16.46 -32.55 -14.24
C LEU B 526 15.91 -33.74 -15.04
N LEU C 30 -11.09 19.77 -28.86
CA LEU C 30 -11.48 18.32 -28.74
C LEU C 30 -13.01 18.23 -28.71
N PRO C 31 -13.64 17.19 -29.31
CA PRO C 31 -15.09 16.99 -29.17
C PRO C 31 -15.43 16.85 -27.70
N PRO C 32 -16.50 17.50 -27.19
CA PRO C 32 -16.75 17.57 -25.75
C PRO C 32 -16.99 16.14 -25.20
N ALA C 33 -16.58 15.94 -23.95
CA ALA C 33 -16.77 14.70 -23.18
C ALA C 33 -18.12 14.80 -22.47
N PRO C 34 -19.11 13.93 -22.76
CA PRO C 34 -20.35 13.91 -21.97
C PRO C 34 -20.02 13.52 -20.51
N ARG C 35 -20.80 14.04 -19.55
CA ARG C 35 -20.57 13.82 -18.09
C ARG C 35 -21.57 12.80 -17.51
N TYR C 36 -22.42 12.21 -18.36
CA TYR C 36 -23.30 11.07 -17.97
C TYR C 36 -23.57 10.25 -19.23
N PHE C 37 -23.91 8.97 -19.06
CA PHE C 37 -24.11 8.03 -20.19
C PHE C 37 -25.47 8.33 -20.84
N GLN C 38 -25.51 8.35 -22.18
CA GLN C 38 -26.75 8.57 -22.98
C GLN C 38 -26.77 7.57 -24.13
N GLY C 39 -27.95 7.24 -24.64
CA GLY C 39 -28.11 6.28 -25.75
C GLY C 39 -28.48 4.90 -25.22
N GLU C 40 -29.08 4.10 -26.09
CA GLU C 40 -29.66 2.77 -25.76
C GLU C 40 -28.54 1.82 -25.27
N ASN C 41 -27.30 1.98 -25.78
CA ASN C 41 -26.19 1.06 -25.46
C ASN C 41 -25.75 1.19 -23.99
N THR C 42 -26.25 2.21 -23.28
CA THR C 42 -25.91 2.45 -21.86
C THR C 42 -27.19 2.74 -21.06
N ALA C 43 -28.35 2.28 -21.56
CA ALA C 43 -29.65 2.46 -20.85
C ALA C 43 -30.03 1.17 -20.12
N GLY C 44 -30.89 1.29 -19.13
CA GLY C 44 -31.44 0.15 -18.35
C GLY C 44 -30.32 -0.71 -17.78
N PHE C 45 -30.36 -2.01 -18.06
CA PHE C 45 -29.41 -2.99 -17.50
C PHE C 45 -28.02 -2.78 -18.11
N MET C 46 -27.93 -2.06 -19.23
CA MET C 46 -26.63 -1.78 -19.91
C MET C 46 -25.96 -0.53 -19.32
N ARG C 47 -26.59 0.15 -18.36
CA ARG C 47 -25.97 1.35 -17.73
C ARG C 47 -24.69 0.91 -17.03
N PRO C 48 -23.52 1.49 -17.39
CA PRO C 48 -22.29 1.20 -16.66
C PRO C 48 -22.45 1.47 -15.17
N VAL C 49 -21.90 0.57 -14.35
CA VAL C 49 -21.79 0.73 -12.88
C VAL C 49 -20.38 1.25 -12.60
N ARG C 50 -19.36 0.55 -13.10
CA ARG C 50 -17.94 1.00 -13.13
C ARG C 50 -17.31 0.89 -11.74
N PHE C 51 -17.81 -0.02 -10.93
CA PHE C 51 -17.26 -0.24 -9.59
C PHE C 51 -16.09 -1.22 -9.72
N GLU C 52 -15.09 -0.96 -8.89
CA GLU C 52 -13.94 -1.86 -8.64
C GLU C 52 -13.86 -2.09 -7.14
N GLY C 53 -13.64 -3.33 -6.72
CA GLY C 53 -13.35 -3.64 -5.32
C GLY C 53 -13.87 -5.01 -4.96
N ASP C 54 -14.51 -5.12 -3.82
CA ASP C 54 -14.82 -6.43 -3.19
C ASP C 54 -16.26 -6.40 -2.66
N ILE C 55 -16.96 -7.52 -2.83
CA ILE C 55 -18.15 -7.87 -2.02
C ILE C 55 -17.92 -9.32 -1.57
N THR C 56 -17.60 -9.52 -0.31
CA THR C 56 -17.31 -10.85 0.28
C THR C 56 -18.60 -11.46 0.81
N ASN C 57 -18.62 -12.78 0.99
CA ASN C 57 -19.76 -13.46 1.64
C ASN C 57 -21.07 -13.10 0.90
N LEU C 58 -21.10 -13.29 -0.41
CA LEU C 58 -22.34 -13.06 -1.23
C LEU C 58 -23.51 -13.85 -0.61
N GLU C 59 -24.69 -13.25 -0.65
CA GLU C 59 -25.97 -13.89 -0.24
C GLU C 59 -26.19 -15.09 -1.15
N VAL C 60 -26.63 -16.19 -0.56
CA VAL C 60 -26.88 -17.48 -1.26
C VAL C 60 -28.27 -17.97 -0.87
N VAL C 61 -29.11 -18.23 -1.87
CA VAL C 61 -30.37 -19.00 -1.73
C VAL C 61 -30.04 -20.41 -2.20
N GLY C 62 -30.45 -21.42 -1.43
CA GLY C 62 -30.03 -22.82 -1.64
C GLY C 62 -28.68 -23.06 -1.02
N GLU C 63 -27.87 -23.91 -1.63
CA GLU C 63 -26.60 -24.38 -1.01
C GLU C 63 -25.56 -24.59 -2.10
N ILE C 64 -24.43 -23.90 -2.02
CA ILE C 64 -23.29 -24.12 -2.95
C ILE C 64 -22.64 -25.42 -2.49
N PRO C 65 -22.51 -26.45 -3.37
CA PRO C 65 -21.80 -27.67 -2.99
C PRO C 65 -20.45 -27.30 -2.36
N LYS C 66 -20.19 -27.86 -1.17
CA LYS C 66 -19.05 -27.46 -0.30
C LYS C 66 -17.74 -27.95 -0.93
N SER C 67 -17.79 -28.94 -1.81
CA SER C 67 -16.59 -29.50 -2.47
C SER C 67 -16.11 -28.60 -3.63
N ILE C 68 -16.92 -27.63 -4.08
CA ILE C 68 -16.48 -26.72 -5.18
C ILE C 68 -15.40 -25.80 -4.59
N GLU C 69 -14.23 -25.78 -5.23
CA GLU C 69 -13.13 -24.90 -4.83
C GLU C 69 -12.40 -24.40 -6.08
N GLY C 70 -12.41 -23.09 -6.24
CA GLY C 70 -11.75 -22.41 -7.38
C GLY C 70 -12.39 -21.07 -7.63
N THR C 71 -12.15 -20.51 -8.81
CA THR C 71 -12.55 -19.14 -9.16
C THR C 71 -13.17 -19.14 -10.56
N PHE C 72 -14.35 -18.52 -10.66
CA PHE C 72 -14.99 -18.16 -11.94
C PHE C 72 -14.55 -16.74 -12.30
N TYR C 73 -13.72 -16.59 -13.34
CA TYR C 73 -13.33 -15.27 -13.89
C TYR C 73 -14.18 -14.98 -15.12
N ARG C 74 -14.77 -13.77 -15.19
CA ARG C 74 -15.46 -13.29 -16.41
C ARG C 74 -15.06 -11.84 -16.66
N VAL C 75 -15.16 -11.46 -17.93
CA VAL C 75 -14.89 -10.06 -18.38
C VAL C 75 -16.15 -9.49 -19.01
N MET C 76 -16.45 -8.25 -18.68
CA MET C 76 -17.49 -7.46 -19.36
C MET C 76 -16.84 -6.20 -19.95
N PRO C 77 -17.26 -5.78 -21.15
CA PRO C 77 -17.03 -4.42 -21.61
C PRO C 77 -17.84 -3.51 -20.69
N GLU C 78 -17.22 -2.45 -20.20
CA GLU C 78 -17.90 -1.48 -19.30
C GLU C 78 -17.20 -0.13 -19.41
N PRO C 79 -17.67 0.77 -20.29
CA PRO C 79 -17.01 2.07 -20.48
C PRO C 79 -16.79 2.74 -19.12
N HIS C 80 -15.55 3.14 -18.86
CA HIS C 80 -15.15 3.82 -17.60
C HIS C 80 -15.55 5.30 -17.67
N LEU C 81 -15.59 5.84 -18.88
CA LEU C 81 -15.97 7.26 -19.13
C LEU C 81 -16.90 7.32 -20.34
N PRO C 82 -17.88 8.24 -20.33
CA PRO C 82 -18.76 8.40 -21.49
C PRO C 82 -17.93 8.69 -22.76
N SER C 83 -18.18 7.89 -23.80
CA SER C 83 -17.55 8.01 -25.13
C SER C 83 -17.96 9.34 -25.78
N PHE C 84 -17.07 9.93 -26.58
CA PHE C 84 -17.40 11.05 -27.47
C PHE C 84 -17.99 10.49 -28.78
N ILE C 85 -17.89 9.17 -29.01
CA ILE C 85 -18.52 8.43 -30.14
C ILE C 85 -19.96 8.08 -29.76
N PRO C 86 -21.00 8.61 -30.45
CA PRO C 86 -22.38 8.25 -30.13
C PRO C 86 -22.66 6.78 -30.51
N ASN C 87 -23.45 6.07 -29.70
CA ASN C 87 -23.80 4.65 -29.93
C ASN C 87 -22.54 3.81 -30.14
N ASP C 88 -21.50 4.05 -29.35
CA ASP C 88 -20.27 3.23 -29.36
C ASP C 88 -20.73 1.79 -29.16
N PRO C 89 -20.35 0.84 -30.03
CA PRO C 89 -20.68 -0.56 -29.81
C PRO C 89 -20.19 -1.12 -28.46
N TRP C 90 -20.95 -2.09 -27.98
CA TRP C 90 -20.70 -2.86 -26.73
C TRP C 90 -19.27 -3.39 -26.72
N PHE C 91 -18.75 -3.90 -27.85
CA PHE C 91 -17.37 -4.44 -27.96
C PHE C 91 -16.29 -3.36 -27.71
N ASN C 92 -16.62 -2.08 -27.55
CA ASN C 92 -15.58 -1.03 -27.42
C ASN C 92 -15.41 -0.61 -25.95
N GLY C 93 -16.13 -1.23 -25.00
CA GLY C 93 -16.06 -0.85 -23.58
C GLY C 93 -14.84 -1.44 -22.86
N ASP C 94 -14.28 -0.67 -21.92
CA ASP C 94 -13.12 -1.06 -21.08
C ASP C 94 -13.42 -2.39 -20.38
N GLY C 95 -12.47 -3.32 -20.47
CA GLY C 95 -12.60 -4.65 -19.84
C GLY C 95 -12.55 -4.53 -18.31
N ASN C 96 -13.59 -5.02 -17.65
CA ASN C 96 -13.71 -5.07 -16.17
C ASN C 96 -13.79 -6.55 -15.80
N ILE C 97 -12.88 -7.02 -14.95
CA ILE C 97 -12.74 -8.46 -14.58
C ILE C 97 -13.48 -8.72 -13.26
N SER C 98 -14.35 -9.71 -13.27
CA SER C 98 -15.02 -10.28 -12.07
C SER C 98 -14.34 -11.60 -11.73
N GLY C 99 -13.96 -11.78 -10.48
CA GLY C 99 -13.61 -13.10 -9.92
C GLY C 99 -14.59 -13.51 -8.84
N PHE C 100 -15.18 -14.69 -8.99
CA PHE C 100 -16.02 -15.33 -7.95
C PHE C 100 -15.20 -16.46 -7.32
N TYR C 101 -14.72 -16.26 -6.10
CA TYR C 101 -13.79 -17.15 -5.37
C TYR C 101 -14.62 -18.04 -4.42
N PHE C 102 -14.66 -19.33 -4.74
CA PHE C 102 -15.50 -20.34 -4.05
C PHE C 102 -14.62 -21.18 -3.13
N LYS C 103 -15.07 -21.36 -1.88
CA LYS C 103 -14.47 -22.33 -0.94
C LYS C 103 -15.50 -22.70 0.14
N ASP C 104 -15.68 -24.01 0.41
CA ASP C 104 -16.49 -24.52 1.55
C ASP C 104 -17.89 -23.91 1.49
N GLY C 105 -18.45 -23.72 0.29
CA GLY C 105 -19.84 -23.26 0.12
C GLY C 105 -19.99 -21.76 0.34
N HIS C 106 -18.89 -21.02 0.50
CA HIS C 106 -18.82 -19.55 0.60
C HIS C 106 -18.29 -18.99 -0.73
N VAL C 107 -18.72 -17.79 -1.11
CA VAL C 107 -18.23 -17.15 -2.35
C VAL C 107 -18.05 -15.65 -2.12
N ASP C 108 -16.92 -15.14 -2.60
CA ASP C 108 -16.54 -13.71 -2.59
C ASP C 108 -16.35 -13.22 -4.03
N LEU C 109 -16.75 -11.97 -4.28
CA LEU C 109 -16.54 -11.24 -5.54
C LEU C 109 -15.38 -10.27 -5.37
N LYS C 110 -14.41 -10.35 -6.27
CA LYS C 110 -13.44 -9.25 -6.51
C LYS C 110 -13.63 -8.77 -7.95
N GLN C 111 -13.54 -7.46 -8.15
CA GLN C 111 -13.88 -6.80 -9.42
C GLN C 111 -12.83 -5.72 -9.67
N ARG C 112 -12.23 -5.70 -10.85
CA ARG C 112 -11.24 -4.66 -11.18
C ARG C 112 -11.09 -4.50 -12.69
N TYR C 113 -10.95 -3.27 -13.14
CA TYR C 113 -10.67 -2.92 -14.55
C TYR C 113 -9.24 -3.33 -14.90
N VAL C 114 -9.06 -3.84 -16.12
CA VAL C 114 -7.70 -4.02 -16.69
C VAL C 114 -7.09 -2.63 -16.89
N ARG C 115 -5.85 -2.44 -16.44
CA ARG C 115 -5.12 -1.16 -16.65
C ARG C 115 -4.51 -1.17 -18.05
N THR C 116 -5.36 -1.12 -19.07
CA THR C 116 -4.92 -0.92 -20.46
C THR C 116 -4.36 0.49 -20.61
N GLU C 117 -3.57 0.73 -21.65
CA GLU C 117 -3.11 2.09 -22.00
C GLU C 117 -4.33 3.01 -22.08
N LYS C 118 -5.38 2.58 -22.76
CA LYS C 118 -6.63 3.38 -22.91
C LYS C 118 -7.17 3.72 -21.52
N PHE C 119 -7.35 2.73 -20.65
CA PHE C 119 -7.94 2.95 -19.32
C PHE C 119 -7.11 3.99 -18.56
N VAL C 120 -5.80 3.83 -18.57
CA VAL C 120 -4.89 4.64 -17.72
C VAL C 120 -4.87 6.07 -18.26
N ARG C 121 -4.76 6.27 -19.58
CA ARG C 121 -4.62 7.63 -20.13
C ARG C 121 -5.96 8.35 -20.01
N GLU C 122 -7.07 7.65 -20.20
CA GLU C 122 -8.42 8.26 -20.04
C GLU C 122 -8.68 8.60 -18.58
N ALA C 123 -8.23 7.76 -17.64
CA ALA C 123 -8.38 8.02 -16.19
C ALA C 123 -7.58 9.29 -15.83
N GLU C 124 -6.36 9.40 -16.36
CA GLU C 124 -5.45 10.57 -16.19
C GLU C 124 -6.16 11.83 -16.68
N ALA C 125 -6.75 11.78 -17.88
CA ALA C 125 -7.40 12.95 -18.53
C ALA C 125 -8.81 13.16 -17.99
N ARG C 126 -9.39 12.14 -17.34
CA ARG C 126 -10.80 12.14 -16.89
C ARG C 126 -11.72 12.41 -18.08
N ARG C 127 -11.42 11.83 -19.24
CA ARG C 127 -12.32 11.92 -20.43
C ARG C 127 -11.92 10.83 -21.43
N SER C 128 -12.86 10.45 -22.31
CA SER C 128 -12.58 9.49 -23.39
C SER C 128 -11.62 10.13 -24.40
N LEU C 129 -10.67 9.33 -24.86
CA LEU C 129 -9.63 9.72 -25.85
C LEU C 129 -9.64 8.73 -27.01
N LEU C 130 -9.87 7.45 -26.77
CA LEU C 130 -9.94 6.43 -27.84
C LEU C 130 -11.28 6.57 -28.55
N GLY C 131 -11.26 6.51 -29.89
CA GLY C 131 -12.44 6.79 -30.73
C GLY C 131 -13.17 5.51 -31.11
N LYS C 132 -13.44 5.35 -32.41
CA LYS C 132 -14.27 4.25 -32.92
C LYS C 132 -13.55 2.91 -32.75
N TYR C 133 -14.35 1.86 -32.60
CA TYR C 133 -13.89 0.45 -32.57
C TYR C 133 -12.89 0.23 -33.70
N ARG C 134 -11.66 -0.10 -33.31
CA ARG C 134 -10.56 -0.55 -34.20
C ARG C 134 -10.32 0.48 -35.31
N ASN C 135 -10.51 1.77 -35.03
CA ASN C 135 -10.15 2.84 -35.99
C ASN C 135 -9.29 3.90 -35.30
N ARG C 136 -7.97 3.71 -35.36
CA ARG C 136 -6.98 4.63 -34.72
C ARG C 136 -7.06 6.03 -35.32
N TYR C 137 -7.61 6.18 -36.54
CA TYR C 137 -7.69 7.50 -37.23
C TYR C 137 -8.73 8.39 -36.54
N THR C 138 -9.55 7.86 -35.63
CA THR C 138 -10.57 8.66 -34.89
C THR C 138 -10.13 8.95 -33.45
N ASP C 139 -8.96 8.45 -33.03
CA ASP C 139 -8.44 8.64 -31.64
C ASP C 139 -8.03 10.10 -31.46
N LEU C 140 -8.17 10.65 -30.25
CA LEU C 140 -7.85 12.07 -29.95
C LEU C 140 -6.37 12.21 -29.58
N VAL C 141 -5.72 11.09 -29.28
CA VAL C 141 -4.26 11.01 -29.02
C VAL C 141 -3.80 9.73 -29.70
N GLU C 142 -2.50 9.59 -29.89
CA GLU C 142 -1.91 8.39 -30.49
C GLU C 142 -1.67 7.36 -29.39
N PHE C 143 -2.28 6.17 -29.54
CA PHE C 143 -2.11 5.01 -28.63
C PHE C 143 -1.06 4.08 -29.22
N LYS C 144 -0.17 3.52 -28.41
CA LYS C 144 0.68 2.37 -28.79
C LYS C 144 -0.20 1.11 -28.81
N ILE C 145 -1.01 0.91 -27.76
CA ILE C 145 -1.88 -0.28 -27.62
C ILE C 145 -3.32 0.24 -27.47
N ARG C 146 -4.24 -0.29 -28.27
CA ARG C 146 -5.65 0.17 -28.27
C ARG C 146 -6.55 -0.83 -27.54
N SER C 147 -5.99 -1.92 -27.00
CA SER C 147 -6.79 -2.96 -26.28
C SER C 147 -7.74 -2.34 -25.25
N THR C 148 -8.98 -2.84 -25.24
CA THR C 148 -9.91 -2.72 -24.09
C THR C 148 -9.84 -3.97 -23.23
N ALA C 149 -9.11 -5.01 -23.68
CA ALA C 149 -8.90 -6.27 -22.91
C ALA C 149 -10.23 -6.79 -22.37
N ASN C 150 -11.27 -6.83 -23.20
CA ASN C 150 -12.67 -6.94 -22.73
C ASN C 150 -13.38 -8.19 -23.25
N THR C 151 -12.68 -9.13 -23.86
CA THR C 151 -13.33 -10.24 -24.62
C THR C 151 -13.23 -11.56 -23.85
N ASN C 152 -12.05 -11.90 -23.36
CA ASN C 152 -11.85 -13.18 -22.60
C ASN C 152 -10.81 -12.95 -21.51
N ILE C 153 -10.85 -13.82 -20.52
CA ILE C 153 -9.94 -13.79 -19.36
C ILE C 153 -9.59 -15.25 -19.05
N VAL C 154 -8.37 -15.63 -19.36
CA VAL C 154 -7.89 -17.02 -19.26
C VAL C 154 -6.71 -17.05 -18.28
N TYR C 155 -6.40 -18.25 -17.84
CA TYR C 155 -5.32 -18.56 -16.88
C TYR C 155 -4.18 -19.20 -17.64
N TRP C 156 -2.97 -18.71 -17.42
CA TRP C 156 -1.76 -19.27 -18.04
C TRP C 156 -0.57 -19.05 -17.14
N ARG C 157 0.07 -20.14 -16.71
CA ARG C 157 1.36 -20.12 -15.94
C ARG C 157 1.28 -19.08 -14.83
N GLY C 158 0.24 -19.16 -13.98
CA GLY C 158 0.12 -18.37 -12.74
C GLY C 158 -0.33 -16.94 -12.94
N GLN C 159 -0.72 -16.54 -14.16
CA GLN C 159 -1.28 -15.19 -14.44
C GLN C 159 -2.64 -15.34 -15.09
N LEU C 160 -3.47 -14.29 -15.01
CA LEU C 160 -4.62 -14.14 -15.94
C LEU C 160 -4.12 -13.41 -17.17
N LEU C 161 -4.64 -13.76 -18.33
CA LEU C 161 -4.45 -13.02 -19.60
C LEU C 161 -5.81 -12.47 -20.02
N ALA C 162 -5.91 -11.15 -20.04
CA ALA C 162 -7.10 -10.39 -20.47
C ALA C 162 -6.94 -10.13 -21.96
N LEU C 163 -7.81 -10.72 -22.78
CA LEU C 163 -7.61 -10.87 -24.23
C LEU C 163 -8.49 -9.88 -25.01
N LYS C 164 -7.94 -9.41 -26.12
CA LYS C 164 -8.65 -8.60 -27.15
C LYS C 164 -7.87 -8.79 -28.45
N GLU C 165 -8.57 -9.24 -29.49
CA GLU C 165 -7.99 -9.84 -30.72
C GLU C 165 -7.26 -8.79 -31.57
N ASP C 166 -7.31 -7.49 -31.21
CA ASP C 166 -6.54 -6.44 -31.93
C ASP C 166 -5.19 -6.19 -31.22
N SER C 167 -4.83 -6.98 -30.21
CA SER C 167 -3.76 -6.61 -29.26
C SER C 167 -3.09 -7.84 -28.67
N PRO C 168 -1.91 -7.66 -28.04
CA PRO C 168 -1.37 -8.67 -27.14
C PRO C 168 -2.26 -8.78 -25.90
N PRO C 169 -2.10 -9.84 -25.09
CA PRO C 169 -2.82 -9.95 -23.82
C PRO C 169 -2.32 -8.89 -22.83
N TYR C 170 -3.15 -8.57 -21.82
CA TYR C 170 -2.71 -7.91 -20.57
C TYR C 170 -2.62 -8.99 -19.48
N ALA C 171 -1.47 -9.07 -18.82
CA ALA C 171 -1.22 -10.05 -17.73
C ALA C 171 -1.73 -9.44 -16.42
N MET C 172 -2.40 -10.26 -15.62
CA MET C 172 -3.01 -9.82 -14.33
C MET C 172 -2.77 -10.86 -13.25
N ASP C 173 -2.82 -10.42 -12.00
CA ASP C 173 -2.68 -11.28 -10.81
C ASP C 173 -4.02 -11.98 -10.54
N PRO C 174 -4.08 -13.33 -10.54
CA PRO C 174 -5.35 -14.05 -10.32
C PRO C 174 -5.98 -13.79 -8.94
N GLU C 175 -5.17 -13.41 -7.97
CA GLU C 175 -5.61 -13.26 -6.56
C GLU C 175 -6.11 -11.82 -6.34
N THR C 176 -5.37 -10.81 -6.79
CA THR C 176 -5.67 -9.38 -6.51
C THR C 176 -6.29 -8.69 -7.74
N LEU C 177 -6.22 -9.28 -8.93
CA LEU C 177 -6.64 -8.66 -10.23
C LEU C 177 -5.84 -7.39 -10.52
N GLU C 178 -4.70 -7.20 -9.87
CA GLU C 178 -3.71 -6.18 -10.29
C GLU C 178 -3.32 -6.46 -11.75
N THR C 179 -3.16 -5.40 -12.55
CA THR C 179 -2.63 -5.52 -13.93
C THR C 179 -1.11 -5.40 -13.91
N PHE C 180 -0.37 -6.40 -14.37
CA PHE C 180 1.11 -6.32 -14.50
C PHE C 180 1.47 -5.47 -15.73
N GLY C 181 0.78 -5.67 -16.86
CA GLY C 181 0.97 -4.86 -18.08
C GLY C 181 0.79 -5.67 -19.33
N VAL C 182 0.96 -5.04 -20.48
CA VAL C 182 0.84 -5.77 -21.78
C VAL C 182 1.89 -6.88 -21.74
N TYR C 183 1.53 -8.08 -22.20
CA TYR C 183 2.33 -9.31 -21.99
C TYR C 183 2.84 -9.80 -23.35
N ASP C 184 4.14 -10.07 -23.47
CA ASP C 184 4.79 -10.49 -24.73
C ASP C 184 5.49 -11.84 -24.55
N PHE C 185 5.13 -12.62 -23.53
CA PHE C 185 5.63 -14.01 -23.30
C PHE C 185 7.15 -14.02 -23.32
N ASP C 186 7.78 -13.18 -22.50
CA ASP C 186 9.25 -13.11 -22.30
C ASP C 186 9.89 -12.74 -23.64
N GLY C 187 9.29 -11.79 -24.36
CA GLY C 187 9.77 -11.29 -25.66
C GLY C 187 9.57 -12.28 -26.79
N GLN C 188 8.84 -13.38 -26.61
CA GLN C 188 8.67 -14.42 -27.66
C GLN C 188 7.44 -14.15 -28.55
N LEU C 189 6.51 -13.28 -28.14
CA LEU C 189 5.25 -13.07 -28.90
C LEU C 189 5.62 -12.62 -30.31
N PRO C 190 5.33 -13.39 -31.38
CA PRO C 190 5.75 -13.00 -32.73
C PRO C 190 4.76 -12.07 -33.46
N SER C 191 3.58 -11.85 -32.89
CA SER C 191 2.39 -11.25 -33.51
C SER C 191 2.02 -9.96 -32.81
N LEU C 192 1.46 -8.98 -33.51
CA LEU C 192 0.89 -7.76 -32.87
C LEU C 192 -0.45 -8.12 -32.22
N THR C 193 -1.02 -9.28 -32.53
CA THR C 193 -2.40 -9.64 -32.11
C THR C 193 -2.40 -11.03 -31.48
N PHE C 194 -3.27 -11.22 -30.50
CA PHE C 194 -3.44 -12.49 -29.77
C PHE C 194 -4.95 -12.73 -29.65
N THR C 195 -5.43 -13.82 -30.25
CA THR C 195 -6.86 -14.20 -30.29
C THR C 195 -7.46 -14.20 -28.88
N ALA C 196 -8.75 -13.92 -28.80
CA ALA C 196 -9.55 -14.04 -27.56
C ALA C 196 -9.87 -15.51 -27.29
N HIS C 197 -9.58 -16.44 -28.20
CA HIS C 197 -9.99 -17.85 -28.04
C HIS C 197 -8.82 -18.80 -28.26
N PRO C 198 -7.75 -18.71 -27.43
CA PRO C 198 -6.69 -19.71 -27.48
C PRO C 198 -7.28 -21.04 -26.99
N LYS C 199 -6.68 -22.18 -27.36
CA LYS C 199 -7.14 -23.51 -26.93
C LYS C 199 -6.07 -24.13 -26.03
N PHE C 200 -6.51 -24.81 -24.96
CA PHE C 200 -5.61 -25.49 -23.99
C PHE C 200 -5.69 -26.98 -24.26
N ASP C 201 -4.62 -27.54 -24.82
CA ASP C 201 -4.56 -28.99 -25.12
C ASP C 201 -4.41 -29.72 -23.79
N PRO C 202 -5.42 -30.53 -23.36
CA PRO C 202 -5.38 -31.15 -22.04
C PRO C 202 -4.31 -32.25 -21.93
N VAL C 203 -3.84 -32.79 -23.06
CA VAL C 203 -2.81 -33.86 -23.08
C VAL C 203 -1.43 -33.20 -23.13
N THR C 204 -1.16 -32.28 -24.05
CA THR C 204 0.20 -31.71 -24.22
C THR C 204 0.41 -30.53 -23.28
N ARG C 205 -0.67 -29.98 -22.70
CA ARG C 205 -0.62 -28.80 -21.80
C ARG C 205 -0.13 -27.56 -22.56
N GLU C 206 -0.18 -27.58 -23.89
CA GLU C 206 0.17 -26.43 -24.74
C GLU C 206 -1.00 -25.44 -24.73
N MET C 207 -0.66 -24.15 -24.80
CA MET C 207 -1.64 -23.10 -25.20
C MET C 207 -1.49 -22.88 -26.71
N VAL C 208 -2.54 -23.14 -27.47
CA VAL C 208 -2.51 -23.02 -28.95
C VAL C 208 -3.20 -21.72 -29.32
N CYS C 209 -2.49 -20.86 -30.05
CA CYS C 209 -2.83 -19.44 -30.27
C CYS C 209 -2.76 -19.09 -31.76
N PHE C 210 -3.31 -17.92 -32.08
CA PHE C 210 -3.05 -17.21 -33.34
C PHE C 210 -3.41 -15.76 -33.13
N GLY C 211 -3.01 -14.92 -34.07
CA GLY C 211 -3.58 -13.58 -34.28
C GLY C 211 -3.81 -13.35 -35.76
N TYR C 212 -4.87 -12.62 -36.11
CA TYR C 212 -5.13 -12.14 -37.49
C TYR C 212 -4.88 -10.63 -37.48
N GLU C 213 -4.80 -10.01 -38.67
CA GLU C 213 -4.25 -8.65 -38.82
C GLU C 213 -2.96 -8.59 -38.00
N ALA C 214 -2.17 -9.66 -38.10
CA ALA C 214 -1.01 -9.92 -37.23
C ALA C 214 0.13 -8.95 -37.50
N LYS C 215 0.08 -8.18 -38.60
CA LYS C 215 1.10 -7.13 -38.88
C LYS C 215 0.47 -5.74 -38.88
N GLY C 216 -0.76 -5.61 -38.39
CA GLY C 216 -1.42 -4.30 -38.24
C GLY C 216 -2.70 -4.21 -39.07
N ASP C 217 -3.30 -3.03 -39.00
CA ASP C 217 -4.62 -2.74 -39.61
C ASP C 217 -4.61 -3.22 -41.05
N GLY C 218 -5.59 -4.04 -41.41
CA GLY C 218 -5.91 -4.42 -42.78
C GLY C 218 -4.96 -5.45 -43.35
N THR C 219 -3.97 -5.93 -42.58
CA THR C 219 -3.05 -6.98 -43.07
C THR C 219 -3.82 -8.30 -43.12
N ARG C 220 -3.45 -9.15 -44.07
CA ARG C 220 -4.07 -10.49 -44.29
C ARG C 220 -3.19 -11.55 -43.62
N ASP C 221 -2.18 -11.10 -42.89
CA ASP C 221 -1.26 -11.97 -42.12
C ASP C 221 -1.99 -12.57 -40.93
N ILE C 222 -1.94 -13.90 -40.88
CA ILE C 222 -2.29 -14.73 -39.72
C ILE C 222 -0.97 -15.29 -39.18
N CYS C 223 -0.73 -15.11 -37.89
CA CYS C 223 0.39 -15.75 -37.19
C CYS C 223 -0.19 -16.83 -36.29
N TYR C 224 0.11 -18.09 -36.60
CA TYR C 224 -0.26 -19.28 -35.80
C TYR C 224 0.94 -19.57 -34.90
N TYR C 225 0.71 -19.64 -33.59
CA TYR C 225 1.81 -19.87 -32.62
C TYR C 225 1.27 -20.61 -31.40
N SER C 226 2.15 -21.34 -30.73
CA SER C 226 1.81 -22.15 -29.53
C SER C 226 2.90 -21.97 -28.48
N PHE C 227 2.54 -22.23 -27.23
CA PHE C 227 3.47 -22.22 -26.08
C PHE C 227 3.34 -23.55 -25.37
N GLY C 228 4.48 -24.18 -25.09
CA GLY C 228 4.52 -25.39 -24.25
C GLY C 228 4.22 -25.01 -22.80
N PRO C 229 3.96 -26.00 -21.94
CA PRO C 229 3.61 -25.72 -20.54
C PRO C 229 4.70 -24.98 -19.76
N ASP C 230 5.95 -25.05 -20.23
CA ASP C 230 7.11 -24.35 -19.60
C ASP C 230 7.17 -22.89 -20.07
N GLY C 231 6.26 -22.43 -20.93
CA GLY C 231 6.24 -21.03 -21.39
C GLY C 231 7.09 -20.78 -22.63
N LYS C 232 7.75 -21.79 -23.20
CA LYS C 232 8.60 -21.62 -24.41
C LYS C 232 7.74 -21.70 -25.66
N ILE C 233 7.95 -20.78 -26.60
CA ILE C 233 7.21 -20.79 -27.89
C ILE C 233 7.57 -22.09 -28.61
N ALA C 234 6.60 -22.76 -29.21
CA ALA C 234 6.81 -24.00 -29.99
C ALA C 234 6.55 -23.67 -31.48
N GLU C 235 5.31 -23.73 -31.94
CA GLU C 235 4.97 -23.35 -33.34
C GLU C 235 5.05 -21.83 -33.52
N THR C 236 5.52 -21.41 -34.70
CA THR C 236 5.28 -20.05 -35.24
C THR C 236 5.22 -20.16 -36.77
N VAL C 237 4.02 -20.04 -37.34
CA VAL C 237 3.80 -20.12 -38.82
C VAL C 237 3.06 -18.87 -39.26
N TRP C 238 3.62 -18.14 -40.20
CA TRP C 238 2.95 -17.01 -40.90
C TRP C 238 2.19 -17.54 -42.11
N LEU C 239 0.91 -17.24 -42.21
CA LEU C 239 0.13 -17.56 -43.43
C LEU C 239 -0.69 -16.33 -43.82
N VAL C 240 -1.42 -16.45 -44.92
CA VAL C 240 -2.09 -15.33 -45.62
C VAL C 240 -3.54 -15.74 -45.84
N SER C 241 -4.43 -14.91 -45.35
CA SER C 241 -5.91 -14.98 -45.50
C SER C 241 -6.25 -14.55 -46.93
N PRO C 242 -7.20 -15.19 -47.65
CA PRO C 242 -7.61 -14.69 -48.97
C PRO C 242 -8.15 -13.25 -48.93
N VAL C 243 -8.82 -12.87 -47.85
CA VAL C 243 -9.33 -11.49 -47.61
C VAL C 243 -8.89 -11.06 -46.21
N CYS C 244 -8.91 -9.77 -45.92
CA CYS C 244 -8.71 -9.27 -44.54
C CYS C 244 -10.05 -9.39 -43.82
N GLY C 245 -10.33 -10.61 -43.36
CA GLY C 245 -11.60 -10.96 -42.70
C GLY C 245 -11.39 -11.22 -41.22
N MET C 246 -12.47 -11.09 -40.45
CA MET C 246 -12.46 -11.27 -38.99
C MET C 246 -12.36 -12.78 -38.70
N ILE C 247 -11.27 -13.21 -38.06
CA ILE C 247 -11.11 -14.60 -37.54
C ILE C 247 -11.19 -14.52 -36.01
N HIS C 248 -12.41 -14.52 -35.49
CA HIS C 248 -12.71 -14.32 -34.05
C HIS C 248 -12.31 -15.55 -33.24
N ASP C 249 -12.58 -16.72 -33.78
CA ASP C 249 -12.38 -18.00 -33.08
C ASP C 249 -11.63 -18.92 -34.03
N PHE C 250 -11.12 -20.03 -33.52
CA PHE C 250 -10.47 -21.07 -34.33
C PHE C 250 -10.62 -22.39 -33.59
N ALA C 251 -10.16 -23.47 -34.21
CA ALA C 251 -10.36 -24.84 -33.73
C ALA C 251 -9.03 -25.57 -33.85
N VAL C 252 -8.79 -26.49 -32.92
CA VAL C 252 -7.52 -27.25 -32.81
C VAL C 252 -7.92 -28.71 -32.63
N THR C 253 -7.33 -29.59 -33.43
CA THR C 253 -7.44 -31.06 -33.35
C THR C 253 -6.03 -31.59 -33.08
N GLU C 254 -5.88 -32.90 -32.97
CA GLU C 254 -4.55 -33.53 -32.72
C GLU C 254 -3.54 -33.05 -33.75
N ASN C 255 -3.92 -32.95 -35.03
CA ASN C 255 -2.97 -32.75 -36.17
C ASN C 255 -3.25 -31.47 -36.97
N PHE C 256 -4.33 -30.74 -36.70
CA PHE C 256 -4.70 -29.56 -37.51
C PHE C 256 -5.11 -28.39 -36.62
N VAL C 257 -4.95 -27.18 -37.18
CA VAL C 257 -5.61 -25.94 -36.70
C VAL C 257 -6.46 -25.38 -37.83
N ILE C 258 -7.64 -24.86 -37.47
CA ILE C 258 -8.74 -24.51 -38.42
C ILE C 258 -9.16 -23.06 -38.16
N PHE C 259 -9.14 -22.23 -39.21
CA PHE C 259 -9.44 -20.78 -39.17
C PHE C 259 -10.71 -20.47 -39.96
N PRO C 260 -11.88 -20.39 -39.28
CA PRO C 260 -13.10 -19.94 -39.91
C PRO C 260 -13.14 -18.40 -39.98
N ILE C 261 -13.33 -17.86 -41.18
CA ILE C 261 -13.36 -16.41 -41.46
C ILE C 261 -14.80 -15.91 -41.54
N ILE C 262 -15.16 -15.00 -40.66
CA ILE C 262 -16.42 -14.22 -40.75
C ILE C 262 -16.28 -13.27 -41.94
N PRO C 263 -17.26 -13.25 -42.88
CA PRO C 263 -17.23 -12.35 -44.03
C PRO C 263 -17.38 -10.85 -43.68
N LEU C 264 -16.80 -10.42 -42.56
CA LEU C 264 -16.57 -8.99 -42.27
C LEU C 264 -15.18 -8.67 -42.80
N VAL C 265 -15.05 -7.61 -43.58
CA VAL C 265 -13.78 -7.34 -44.30
C VAL C 265 -13.33 -5.93 -43.98
N CYS C 266 -12.02 -5.77 -43.81
CA CYS C 266 -11.37 -4.50 -43.41
C CYS C 266 -10.76 -3.82 -44.63
N ASP C 267 -11.04 -2.53 -44.81
CA ASP C 267 -10.38 -1.65 -45.81
C ASP C 267 -9.82 -0.44 -45.06
N VAL C 268 -8.50 -0.31 -44.99
CA VAL C 268 -7.84 0.79 -44.23
C VAL C 268 -8.22 2.15 -44.85
N GLU C 269 -8.42 2.22 -46.17
CA GLU C 269 -8.78 3.48 -46.85
C GLU C 269 -10.15 3.96 -46.33
N ARG C 270 -11.11 3.07 -46.16
CA ARG C 270 -12.40 3.39 -45.51
C ARG C 270 -12.14 3.94 -44.08
N MET C 271 -11.24 3.30 -43.33
CA MET C 271 -10.93 3.68 -41.92
C MET C 271 -10.34 5.10 -41.89
N LYS C 272 -9.42 5.40 -42.80
CA LYS C 272 -8.76 6.72 -42.88
C LYS C 272 -9.78 7.83 -43.13
N GLN C 273 -10.93 7.54 -43.74
CA GLN C 273 -11.99 8.54 -43.98
C GLN C 273 -13.01 8.52 -42.83
N GLY C 274 -12.74 7.78 -41.75
CA GLY C 274 -13.60 7.75 -40.55
C GLY C 274 -14.61 6.62 -40.57
N GLY C 275 -14.52 5.71 -41.55
CA GLY C 275 -15.46 4.58 -41.69
C GLY C 275 -15.13 3.44 -40.76
N ASP C 276 -15.96 2.39 -40.81
CA ASP C 276 -15.88 1.23 -39.90
C ASP C 276 -14.70 0.35 -40.29
N HIS C 277 -14.04 -0.24 -39.30
CA HIS C 277 -13.01 -1.28 -39.51
C HIS C 277 -13.63 -2.42 -40.33
N TRP C 278 -14.86 -2.82 -39.97
CA TRP C 278 -15.51 -4.04 -40.54
C TRP C 278 -16.70 -3.65 -41.42
N GLN C 279 -16.86 -4.36 -42.54
CA GLN C 279 -17.97 -4.18 -43.50
C GLN C 279 -18.30 -5.55 -44.09
N TRP C 280 -19.54 -5.99 -43.97
CA TRP C 280 -19.98 -7.30 -44.50
C TRP C 280 -19.76 -7.34 -46.01
N ASP C 281 -19.40 -8.50 -46.53
CA ASP C 281 -19.29 -8.80 -47.96
C ASP C 281 -20.17 -10.02 -48.27
N TYR C 282 -21.32 -9.82 -48.93
CA TYR C 282 -22.31 -10.87 -49.29
C TYR C 282 -21.76 -11.78 -50.40
N SER C 283 -20.68 -11.37 -51.06
CA SER C 283 -20.18 -12.00 -52.32
C SER C 283 -19.15 -13.10 -52.02
N ILE C 284 -18.72 -13.28 -50.77
CA ILE C 284 -17.63 -14.25 -50.47
C ILE C 284 -18.20 -15.41 -49.67
N PRO C 285 -17.50 -16.56 -49.76
CA PRO C 285 -17.86 -17.71 -48.92
C PRO C 285 -17.44 -17.43 -47.46
N MET C 286 -17.91 -18.28 -46.54
CA MET C 286 -17.27 -18.39 -45.20
C MET C 286 -16.03 -19.28 -45.38
N TYR C 287 -14.86 -18.68 -45.59
CA TYR C 287 -13.60 -19.43 -45.73
C TYR C 287 -13.33 -20.20 -44.42
N ILE C 288 -12.83 -21.42 -44.55
CA ILE C 288 -12.33 -22.25 -43.41
C ILE C 288 -10.96 -22.76 -43.79
N GLY C 289 -9.90 -22.15 -43.29
CA GLY C 289 -8.51 -22.56 -43.54
C GLY C 289 -8.14 -23.74 -42.67
N VAL C 290 -7.40 -24.71 -43.22
CA VAL C 290 -6.87 -25.87 -42.46
C VAL C 290 -5.36 -25.90 -42.69
N LEU C 291 -4.61 -25.98 -41.60
CA LEU C 291 -3.13 -25.99 -41.56
C LEU C 291 -2.69 -27.15 -40.68
N PRO C 292 -1.65 -27.91 -41.07
CA PRO C 292 -1.10 -28.94 -40.19
C PRO C 292 -0.63 -28.25 -38.90
N ARG C 293 -0.91 -28.88 -37.76
CA ARG C 293 -0.67 -28.27 -36.43
C ARG C 293 0.82 -28.07 -36.18
N ARG C 294 1.66 -28.97 -36.69
CA ARG C 294 3.10 -29.02 -36.36
C ARG C 294 3.95 -29.03 -37.64
N GLY C 295 4.97 -28.17 -37.72
CA GLY C 295 6.04 -28.23 -38.71
C GLY C 295 5.68 -27.60 -40.05
N ALA C 296 4.48 -27.03 -40.21
CA ALA C 296 3.95 -26.51 -41.49
C ALA C 296 4.67 -25.22 -41.91
N GLN C 297 4.58 -24.90 -43.21
CA GLN C 297 4.83 -23.55 -43.78
C GLN C 297 3.47 -22.92 -44.10
N GLY C 298 3.45 -21.60 -44.30
CA GLY C 298 2.23 -20.83 -44.61
C GLY C 298 1.50 -21.36 -45.82
N SER C 299 2.26 -21.77 -46.85
CA SER C 299 1.72 -22.29 -48.13
C SER C 299 0.97 -23.61 -47.94
N ASP C 300 1.10 -24.29 -46.79
CA ASP C 300 0.41 -25.60 -46.54
C ASP C 300 -1.06 -25.39 -46.20
N VAL C 301 -1.50 -24.15 -45.94
CA VAL C 301 -2.91 -23.90 -45.57
C VAL C 301 -3.78 -24.17 -46.81
N LYS C 302 -4.92 -24.82 -46.60
CA LYS C 302 -5.98 -24.99 -47.62
C LYS C 302 -7.17 -24.12 -47.20
N TRP C 303 -7.61 -23.21 -48.06
CA TRP C 303 -8.77 -22.33 -47.81
C TRP C 303 -10.04 -22.96 -48.40
N PHE C 304 -10.66 -23.84 -47.64
CA PHE C 304 -12.00 -24.42 -47.96
C PHE C 304 -13.02 -23.28 -47.94
N GLU C 305 -14.11 -23.47 -48.68
CA GLU C 305 -15.14 -22.43 -48.91
C GLU C 305 -16.47 -23.04 -48.50
N ALA C 306 -16.92 -22.70 -47.29
CA ALA C 306 -18.23 -23.08 -46.76
C ALA C 306 -19.24 -22.10 -47.34
N PRO C 307 -20.51 -22.50 -47.47
CA PRO C 307 -21.57 -21.58 -47.86
C PRO C 307 -21.51 -20.30 -47.03
N HIS C 308 -21.70 -19.19 -47.70
CA HIS C 308 -21.73 -17.83 -47.11
C HIS C 308 -22.52 -17.88 -45.79
N GLY C 309 -21.93 -17.35 -44.74
CA GLY C 309 -22.58 -17.27 -43.43
C GLY C 309 -21.63 -16.75 -42.37
N PHE C 310 -22.12 -16.68 -41.14
CA PHE C 310 -21.40 -16.11 -40.00
C PHE C 310 -20.79 -17.26 -39.19
N ALA C 311 -19.47 -17.26 -39.05
CA ALA C 311 -18.71 -18.15 -38.13
C ALA C 311 -18.87 -17.65 -36.69
N GLY C 312 -19.75 -18.29 -35.93
CA GLY C 312 -19.91 -18.10 -34.48
C GLY C 312 -18.84 -18.87 -33.72
N HIS C 313 -19.02 -19.00 -32.41
CA HIS C 313 -17.99 -19.62 -31.53
C HIS C 313 -17.86 -21.10 -31.83
N VAL C 314 -16.64 -21.61 -31.75
CA VAL C 314 -16.31 -23.04 -31.87
C VAL C 314 -16.65 -23.73 -30.55
N ALA C 315 -17.43 -24.80 -30.58
CA ALA C 315 -17.61 -25.68 -29.41
C ALA C 315 -16.31 -26.44 -29.20
N ASN C 316 -15.86 -27.10 -30.26
CA ASN C 316 -14.70 -28.01 -30.27
C ASN C 316 -14.57 -28.60 -31.68
N ALA C 317 -13.36 -29.02 -32.05
CA ALA C 317 -13.10 -29.81 -33.26
C ALA C 317 -12.26 -31.03 -32.87
N PHE C 318 -12.40 -32.11 -33.63
CA PHE C 318 -11.62 -33.36 -33.45
C PHE C 318 -11.50 -34.11 -34.78
N GLU C 319 -10.48 -34.95 -34.92
CA GLU C 319 -10.36 -35.95 -36.01
C GLU C 319 -11.11 -37.22 -35.61
N ASP C 320 -12.00 -37.72 -36.49
CA ASP C 320 -12.69 -39.04 -36.35
C ASP C 320 -11.73 -40.11 -36.87
N ASP C 321 -12.17 -41.38 -36.88
CA ASP C 321 -11.38 -42.57 -37.28
C ASP C 321 -10.80 -42.43 -38.69
N LYS C 322 -11.56 -41.86 -39.63
CA LYS C 322 -11.11 -41.69 -41.05
C LYS C 322 -10.19 -40.48 -41.17
N GLY C 323 -9.87 -39.81 -40.06
CA GLY C 323 -8.95 -38.65 -40.02
C GLY C 323 -9.59 -37.38 -40.56
N HIS C 324 -10.92 -37.34 -40.67
CA HIS C 324 -11.71 -36.16 -41.10
C HIS C 324 -11.93 -35.24 -39.90
N ILE C 325 -11.82 -33.93 -40.09
CA ILE C 325 -12.05 -32.92 -39.02
C ILE C 325 -13.57 -32.72 -38.87
N GLN C 326 -14.08 -32.98 -37.67
CA GLN C 326 -15.45 -32.63 -37.27
C GLN C 326 -15.34 -31.29 -36.54
N LEU C 327 -15.78 -30.20 -37.18
CA LEU C 327 -15.77 -28.85 -36.62
C LEU C 327 -17.18 -28.52 -36.19
N GLN C 328 -17.39 -28.38 -34.87
CA GLN C 328 -18.73 -28.06 -34.32
C GLN C 328 -18.69 -26.63 -33.79
N MET C 329 -19.59 -25.78 -34.28
CA MET C 329 -19.55 -24.32 -34.05
C MET C 329 -20.94 -23.73 -34.34
N ALA C 330 -21.23 -22.59 -33.72
CA ALA C 330 -22.42 -21.80 -34.06
C ALA C 330 -22.22 -21.28 -35.49
N TYR C 331 -23.28 -21.30 -36.29
CA TYR C 331 -23.25 -20.90 -37.72
C TYR C 331 -24.60 -20.28 -38.08
N ALA C 332 -24.55 -19.06 -38.61
CA ALA C 332 -25.75 -18.31 -39.06
C ALA C 332 -25.63 -18.08 -40.57
N LYS C 333 -26.78 -17.80 -41.18
CA LYS C 333 -26.91 -17.61 -42.65
C LYS C 333 -26.87 -16.12 -42.97
N ASP C 334 -26.75 -15.25 -41.96
CA ASP C 334 -26.58 -13.80 -42.20
C ASP C 334 -25.68 -13.19 -41.12
N ASN C 335 -25.44 -11.89 -41.23
CA ASN C 335 -24.49 -11.06 -40.43
C ASN C 335 -25.05 -10.89 -39.01
N VAL C 336 -24.57 -11.70 -38.06
CA VAL C 336 -24.90 -11.56 -36.60
C VAL C 336 -24.50 -10.15 -36.12
N PHE C 337 -23.40 -9.60 -36.62
CA PHE C 337 -22.93 -8.24 -36.24
C PHE C 337 -23.54 -7.22 -37.22
N PHE C 338 -24.87 -7.10 -37.14
CA PHE C 338 -25.74 -6.39 -38.13
C PHE C 338 -25.45 -4.89 -38.14
N TRP C 339 -24.83 -4.35 -37.07
CA TRP C 339 -24.43 -2.93 -36.97
C TRP C 339 -23.27 -2.65 -37.92
N TRP C 340 -22.63 -3.66 -38.50
CA TRP C 340 -21.60 -3.50 -39.57
C TRP C 340 -22.10 -4.11 -40.87
N PRO C 341 -23.02 -3.43 -41.60
CA PRO C 341 -23.64 -3.99 -42.80
C PRO C 341 -22.70 -3.90 -44.01
N ASP C 342 -23.19 -4.24 -45.21
CA ASP C 342 -22.36 -4.25 -46.44
C ASP C 342 -22.19 -2.81 -46.92
N ALA C 343 -21.47 -2.62 -48.03
CA ALA C 343 -21.14 -1.28 -48.58
C ALA C 343 -22.43 -0.49 -48.91
N ASN C 344 -23.57 -1.14 -49.09
CA ASN C 344 -24.87 -0.48 -49.44
C ASN C 344 -25.77 -0.42 -48.21
N GLY C 345 -25.26 -0.69 -47.00
CA GLY C 345 -26.03 -0.67 -45.74
C GLY C 345 -26.99 -1.84 -45.64
N LYS C 346 -26.80 -2.89 -46.46
CA LYS C 346 -27.64 -4.12 -46.48
C LYS C 346 -27.22 -5.05 -45.32
N GLY C 347 -28.21 -5.53 -44.56
CA GLY C 347 -27.98 -6.37 -43.40
C GLY C 347 -29.27 -6.65 -42.62
N PRO C 348 -29.24 -7.61 -41.68
CA PRO C 348 -30.41 -7.94 -40.87
C PRO C 348 -30.81 -6.81 -39.90
N ARG C 349 -32.00 -6.94 -39.30
CA ARG C 349 -32.46 -6.10 -38.15
C ARG C 349 -32.07 -6.79 -36.85
N PRO C 350 -32.07 -6.06 -35.71
CA PRO C 350 -31.85 -6.67 -34.40
C PRO C 350 -32.83 -7.82 -34.15
N GLY C 351 -32.33 -8.94 -33.61
CA GLY C 351 -33.13 -10.09 -33.17
C GLY C 351 -33.62 -10.96 -34.31
N GLU C 352 -33.14 -10.72 -35.52
CA GLU C 352 -33.59 -11.44 -36.74
C GLU C 352 -32.72 -12.69 -36.96
N VAL C 353 -31.42 -12.61 -36.70
CA VAL C 353 -30.46 -13.66 -37.14
C VAL C 353 -30.36 -14.73 -36.05
N GLU C 354 -30.64 -15.96 -36.41
CA GLU C 354 -30.47 -17.16 -35.56
C GLU C 354 -29.16 -17.81 -35.96
N ALA C 355 -28.41 -18.32 -34.98
CA ALA C 355 -27.24 -19.17 -35.20
C ALA C 355 -27.59 -20.57 -34.70
N HIS C 356 -27.08 -21.57 -35.41
CA HIS C 356 -27.44 -22.99 -35.18
C HIS C 356 -26.15 -23.78 -35.00
N PHE C 357 -26.24 -24.83 -34.20
CA PHE C 357 -25.10 -25.66 -33.79
C PHE C 357 -24.77 -26.58 -34.98
N ALA C 358 -23.75 -26.20 -35.74
CA ALA C 358 -23.40 -26.82 -37.03
C ALA C 358 -22.24 -27.79 -36.84
N ASN C 359 -22.24 -28.84 -37.65
CA ASN C 359 -21.10 -29.76 -37.85
C ASN C 359 -20.63 -29.62 -39.29
N PHE C 360 -19.41 -29.11 -39.48
CA PHE C 360 -18.71 -29.07 -40.78
C PHE C 360 -17.73 -30.23 -40.80
N VAL C 361 -17.64 -30.92 -41.94
CA VAL C 361 -16.66 -32.03 -42.14
C VAL C 361 -15.58 -31.51 -43.09
N LEU C 362 -14.32 -31.62 -42.70
CA LEU C 362 -13.19 -31.13 -43.51
C LEU C 362 -12.18 -32.25 -43.64
N ASP C 363 -11.65 -32.42 -44.84
CA ASP C 363 -10.61 -33.41 -45.19
C ASP C 363 -9.45 -32.60 -45.74
N TYR C 364 -8.36 -32.49 -44.98
CA TYR C 364 -7.16 -31.74 -45.42
C TYR C 364 -6.65 -32.32 -46.75
N GLN C 365 -6.84 -33.62 -46.99
CA GLN C 365 -6.35 -34.35 -48.19
C GLN C 365 -7.14 -33.92 -49.44
N SER C 366 -8.42 -33.57 -49.29
CA SER C 366 -9.32 -33.16 -50.38
C SER C 366 -8.75 -31.94 -51.12
N ASP C 367 -9.00 -31.87 -52.43
CA ASP C 367 -8.66 -30.72 -53.28
C ASP C 367 -9.93 -29.99 -53.69
N LYS C 368 -11.10 -30.54 -53.34
CA LYS C 368 -12.42 -29.84 -53.46
C LYS C 368 -12.44 -28.73 -52.41
N LEU C 369 -12.40 -27.47 -52.84
CA LEU C 369 -12.41 -26.31 -51.91
C LEU C 369 -13.84 -26.07 -51.41
N PRO C 370 -14.88 -26.04 -52.26
CA PRO C 370 -16.24 -25.86 -51.76
C PRO C 370 -16.63 -26.98 -50.78
N LEU C 371 -17.38 -26.65 -49.73
CA LEU C 371 -17.83 -27.61 -48.69
C LEU C 371 -19.35 -27.69 -48.73
N ALA C 372 -19.90 -28.85 -48.41
CA ALA C 372 -21.35 -29.06 -48.25
C ALA C 372 -21.87 -28.14 -47.14
N GLU C 373 -23.14 -27.75 -47.23
CA GLU C 373 -23.94 -27.26 -46.08
C GLU C 373 -23.60 -28.14 -44.88
N PRO C 374 -23.46 -27.58 -43.67
CA PRO C 374 -23.24 -28.40 -42.48
C PRO C 374 -24.53 -29.10 -42.06
N THR C 375 -24.42 -30.19 -41.29
CA THR C 375 -25.53 -30.78 -40.51
C THR C 375 -25.67 -29.97 -39.23
N TYR C 376 -26.85 -30.02 -38.60
CA TYR C 376 -27.19 -29.25 -37.37
C TYR C 376 -27.49 -30.26 -36.25
N LEU C 377 -26.95 -30.03 -35.06
CA LEU C 377 -27.01 -30.99 -33.92
C LEU C 377 -28.28 -30.73 -33.11
N VAL C 378 -28.84 -29.53 -33.15
CA VAL C 378 -30.12 -29.19 -32.47
C VAL C 378 -30.79 -28.09 -33.27
N ASP C 379 -32.04 -27.76 -32.95
CA ASP C 379 -32.86 -26.75 -33.68
C ASP C 379 -32.71 -25.38 -33.02
N ASP C 380 -32.27 -25.32 -31.76
CA ASP C 380 -32.28 -24.08 -30.95
C ASP C 380 -31.45 -22.99 -31.63
N ASP C 381 -31.94 -21.76 -31.57
CA ASP C 381 -31.10 -20.56 -31.75
C ASP C 381 -30.11 -20.56 -30.57
N MET C 382 -28.82 -20.67 -30.84
CA MET C 382 -27.81 -20.91 -29.78
C MET C 382 -26.54 -20.09 -30.03
N GLU C 383 -25.66 -20.07 -29.02
CA GLU C 383 -24.29 -19.50 -29.08
C GLU C 383 -23.56 -19.84 -27.76
N PHE C 384 -22.31 -19.40 -27.63
CA PHE C 384 -21.48 -19.53 -26.41
C PHE C 384 -21.43 -20.98 -25.99
N PRO C 385 -21.04 -21.89 -26.90
CA PRO C 385 -20.89 -23.30 -26.58
C PRO C 385 -19.63 -23.56 -25.75
N ARG C 386 -19.78 -24.39 -24.74
CA ARG C 386 -18.67 -24.89 -23.88
C ARG C 386 -18.73 -26.41 -23.90
N ILE C 387 -17.55 -27.04 -23.86
CA ILE C 387 -17.42 -28.50 -23.66
C ILE C 387 -16.73 -28.73 -22.33
N ASP C 388 -16.55 -30.00 -21.98
CA ASP C 388 -15.63 -30.42 -20.91
C ASP C 388 -14.22 -30.27 -21.48
N ASP C 389 -13.47 -29.26 -21.04
CA ASP C 389 -12.17 -28.90 -21.68
C ASP C 389 -11.14 -30.01 -21.41
N ARG C 390 -11.50 -31.01 -20.60
CA ARG C 390 -10.65 -32.23 -20.43
C ARG C 390 -10.56 -33.02 -21.75
N VAL C 391 -11.48 -32.82 -22.70
CA VAL C 391 -11.45 -33.49 -24.03
C VAL C 391 -11.26 -32.47 -25.17
N ALA C 392 -10.89 -31.23 -24.88
CA ALA C 392 -10.64 -30.21 -25.94
C ALA C 392 -9.63 -30.77 -26.94
N THR C 393 -9.91 -30.58 -28.24
CA THR C 393 -9.11 -31.06 -29.40
C THR C 393 -9.34 -32.55 -29.68
N ARG C 394 -10.15 -33.22 -28.86
CA ARG C 394 -10.49 -34.67 -29.01
C ARG C 394 -12.02 -34.80 -29.09
N LYS C 395 -12.48 -36.01 -29.38
CA LYS C 395 -13.92 -36.35 -29.47
C LYS C 395 -14.57 -35.91 -28.16
N HIS C 396 -15.56 -35.04 -28.25
CA HIS C 396 -16.41 -34.62 -27.10
C HIS C 396 -17.79 -35.20 -27.34
N LYS C 397 -18.55 -35.46 -26.28
CA LYS C 397 -19.94 -35.94 -26.39
C LYS C 397 -20.88 -35.13 -25.49
N HIS C 398 -20.39 -34.03 -24.91
CA HIS C 398 -21.23 -33.08 -24.16
C HIS C 398 -20.92 -31.65 -24.63
N THR C 399 -21.97 -30.87 -24.85
CA THR C 399 -21.86 -29.42 -25.11
C THR C 399 -22.92 -28.71 -24.27
N PHE C 400 -22.50 -27.63 -23.62
CA PHE C 400 -23.40 -26.69 -22.88
C PHE C 400 -23.40 -25.39 -23.66
N PHE C 401 -24.56 -24.78 -23.86
CA PHE C 401 -24.63 -23.56 -24.70
C PHE C 401 -25.81 -22.70 -24.29
N CYS C 402 -25.71 -21.42 -24.62
CA CYS C 402 -26.82 -20.44 -24.53
C CYS C 402 -27.84 -20.74 -25.63
N ILE C 403 -29.12 -20.55 -25.30
CA ILE C 403 -30.24 -20.66 -26.27
C ILE C 403 -31.05 -19.37 -26.15
N PHE C 404 -31.66 -18.96 -27.25
CA PHE C 404 -32.64 -17.85 -27.28
C PHE C 404 -33.93 -18.43 -27.88
N ASP C 405 -34.92 -18.64 -27.04
CA ASP C 405 -36.21 -19.27 -27.41
C ASP C 405 -37.26 -18.17 -27.52
N ARG C 406 -37.77 -17.93 -28.74
CA ARG C 406 -38.81 -16.90 -29.01
C ARG C 406 -40.22 -17.45 -28.75
N LYS C 407 -40.37 -18.74 -28.46
CA LYS C 407 -41.68 -19.37 -28.14
C LYS C 407 -42.37 -18.52 -27.07
N PRO C 408 -43.64 -18.09 -27.30
CA PRO C 408 -44.31 -17.15 -26.40
C PRO C 408 -44.29 -17.59 -24.94
N GLY C 409 -43.96 -16.66 -24.04
CA GLY C 409 -44.00 -16.87 -22.57
C GLY C 409 -42.61 -17.09 -21.98
N VAL C 410 -41.67 -17.69 -22.72
CA VAL C 410 -40.33 -18.06 -22.18
C VAL C 410 -39.64 -16.79 -21.65
N THR C 411 -39.65 -15.71 -22.42
CA THR C 411 -39.21 -14.36 -21.97
C THR C 411 -40.39 -13.40 -22.06
N ASP C 412 -40.66 -12.69 -20.97
CA ASP C 412 -41.65 -11.58 -20.91
C ASP C 412 -41.03 -10.35 -21.57
N PHE C 413 -40.96 -10.35 -22.91
CA PHE C 413 -40.32 -9.26 -23.71
C PHE C 413 -40.94 -7.90 -23.36
N GLU C 414 -42.24 -7.86 -23.10
CA GLU C 414 -42.95 -6.59 -22.80
C GLU C 414 -42.33 -5.96 -21.54
N PHE C 415 -41.93 -6.77 -20.55
CA PHE C 415 -41.32 -6.30 -19.28
C PHE C 415 -39.80 -6.05 -19.48
N VAL C 416 -39.11 -6.97 -20.14
CA VAL C 416 -37.62 -7.00 -20.23
C VAL C 416 -37.12 -5.92 -21.19
N MET C 417 -37.62 -5.86 -22.43
CA MET C 417 -37.03 -5.00 -23.50
C MET C 417 -36.92 -3.54 -23.06
N PRO C 418 -37.95 -2.90 -22.46
CA PRO C 418 -37.79 -1.52 -22.00
C PRO C 418 -36.70 -1.34 -20.91
N ARG C 419 -36.26 -2.42 -20.26
CA ARG C 419 -35.26 -2.38 -19.16
C ARG C 419 -33.88 -2.85 -19.62
N ALA C 420 -33.77 -3.35 -20.85
CA ALA C 420 -32.61 -4.15 -21.29
C ALA C 420 -31.50 -3.29 -21.90
N GLY C 421 -31.82 -2.10 -22.40
CA GLY C 421 -30.92 -1.33 -23.27
C GLY C 421 -30.60 -2.11 -24.52
N GLY C 422 -29.53 -1.77 -25.21
CA GLY C 422 -29.19 -2.40 -26.50
C GLY C 422 -27.72 -2.75 -26.59
N GLY C 423 -27.36 -3.48 -27.62
CA GLY C 423 -25.98 -3.64 -28.10
C GLY C 423 -25.42 -5.01 -27.77
N ALA C 424 -26.11 -5.80 -26.96
CA ALA C 424 -25.61 -7.10 -26.45
C ALA C 424 -26.56 -8.23 -26.81
N PRO C 425 -26.05 -9.44 -27.10
CA PRO C 425 -26.90 -10.55 -27.49
C PRO C 425 -27.75 -11.03 -26.29
N MET C 426 -28.89 -11.65 -26.58
CA MET C 426 -29.82 -12.14 -25.55
C MET C 426 -29.83 -13.67 -25.53
N SER C 427 -29.84 -14.23 -24.34
CA SER C 427 -29.90 -15.67 -24.10
C SER C 427 -30.91 -15.88 -22.96
N ASN C 428 -31.93 -16.73 -23.15
CA ASN C 428 -32.96 -16.92 -22.09
C ASN C 428 -32.92 -18.36 -21.57
N GLY C 429 -31.83 -19.08 -21.82
CA GLY C 429 -31.62 -20.40 -21.21
C GLY C 429 -30.27 -20.97 -21.57
N LEU C 430 -29.95 -22.09 -20.92
CA LEU C 430 -28.80 -22.97 -21.31
C LEU C 430 -29.38 -24.32 -21.73
N ALA C 431 -28.68 -25.02 -22.60
CA ALA C 431 -29.01 -26.40 -22.99
C ALA C 431 -27.75 -27.25 -22.83
N HIS C 432 -27.94 -28.48 -22.37
CA HIS C 432 -26.92 -29.56 -22.35
C HIS C 432 -27.34 -30.59 -23.40
N LEU C 433 -26.54 -30.72 -24.45
CA LEU C 433 -26.69 -31.80 -25.44
C LEU C 433 -25.75 -32.92 -25.06
N ASN C 434 -26.31 -34.12 -24.87
CA ASN C 434 -25.58 -35.41 -24.85
C ASN C 434 -25.50 -35.87 -26.32
N HIS C 435 -24.31 -35.91 -26.89
CA HIS C 435 -24.09 -36.18 -28.35
C HIS C 435 -24.34 -37.67 -28.65
N GLU C 436 -24.13 -38.57 -27.69
CA GLU C 436 -24.36 -40.03 -27.86
C GLU C 436 -25.87 -40.34 -27.82
N THR C 437 -26.57 -39.95 -26.76
CA THR C 437 -28.00 -40.26 -26.56
C THR C 437 -28.88 -39.29 -27.37
N GLY C 438 -28.37 -38.10 -27.73
CA GLY C 438 -29.15 -37.03 -28.37
C GLY C 438 -30.09 -36.32 -27.39
N ASP C 439 -30.09 -36.70 -26.12
CA ASP C 439 -30.88 -36.04 -25.03
C ASP C 439 -30.41 -34.59 -24.86
N ILE C 440 -31.38 -33.68 -24.72
CA ILE C 440 -31.17 -32.24 -24.42
C ILE C 440 -31.87 -31.93 -23.11
N GLN C 441 -31.16 -31.33 -22.17
CA GLN C 441 -31.74 -30.70 -20.95
C GLN C 441 -31.65 -29.19 -21.15
N ARG C 442 -32.71 -28.46 -20.79
CA ARG C 442 -32.77 -26.99 -20.93
C ARG C 442 -32.96 -26.38 -19.54
N TYR C 443 -32.11 -25.41 -19.17
CA TYR C 443 -32.26 -24.54 -18.00
C TYR C 443 -32.94 -23.23 -18.41
N LEU C 444 -34.08 -22.90 -17.80
CA LEU C 444 -34.80 -21.61 -18.02
C LEU C 444 -34.78 -20.84 -16.71
N PRO C 445 -33.96 -19.78 -16.58
CA PRO C 445 -33.88 -19.04 -15.33
C PRO C 445 -35.22 -18.34 -14.99
N GLY C 446 -36.03 -18.05 -16.00
CA GLY C 446 -37.35 -17.43 -15.78
C GLY C 446 -37.69 -16.36 -16.81
N PRO C 447 -38.95 -15.92 -16.83
CA PRO C 447 -39.42 -15.02 -17.89
C PRO C 447 -38.81 -13.62 -17.84
N ARG C 448 -38.26 -13.20 -16.70
CA ARG C 448 -37.68 -11.84 -16.53
C ARG C 448 -36.19 -11.95 -16.21
N LYS C 449 -35.54 -13.02 -16.66
CA LYS C 449 -34.08 -13.19 -16.51
C LYS C 449 -33.46 -13.60 -17.84
N LEU C 450 -32.22 -13.16 -18.09
CA LEU C 450 -31.40 -13.61 -19.24
C LEU C 450 -30.04 -14.10 -18.72
N THR C 451 -29.31 -14.84 -19.52
CA THR C 451 -28.06 -15.53 -19.12
C THR C 451 -26.88 -14.96 -19.89
N GLY C 452 -25.69 -15.08 -19.30
CA GLY C 452 -24.40 -14.97 -19.99
C GLY C 452 -23.92 -16.35 -20.39
N GLU C 453 -22.67 -16.42 -20.83
CA GLU C 453 -21.93 -17.68 -21.16
C GLU C 453 -21.72 -18.46 -19.86
N CYS C 454 -21.94 -19.76 -19.92
CA CYS C 454 -21.80 -20.65 -18.75
C CYS C 454 -20.33 -21.13 -18.68
N ILE C 455 -19.97 -21.67 -17.52
CA ILE C 455 -18.73 -22.47 -17.33
C ILE C 455 -19.17 -23.87 -16.86
N PHE C 456 -18.34 -24.85 -17.17
CA PHE C 456 -18.46 -26.24 -16.69
C PHE C 456 -17.33 -26.53 -15.69
N ILE C 457 -17.68 -27.17 -14.59
CA ILE C 457 -16.75 -27.56 -13.48
C ILE C 457 -16.86 -29.07 -13.30
N PRO C 458 -15.80 -29.86 -13.57
CA PRO C 458 -15.82 -31.29 -13.26
C PRO C 458 -16.20 -31.51 -11.78
N ARG C 459 -17.07 -32.48 -11.50
CA ARG C 459 -17.51 -32.78 -10.11
C ARG C 459 -16.27 -32.97 -9.21
N ASN C 460 -15.24 -33.63 -9.74
CA ASN C 460 -13.95 -33.91 -9.06
C ASN C 460 -13.02 -34.47 -10.14
N SER C 461 -11.76 -34.76 -9.83
CA SER C 461 -10.76 -35.18 -10.84
C SER C 461 -11.07 -36.58 -11.39
N GLU C 462 -12.02 -37.33 -10.81
CA GLU C 462 -12.42 -38.69 -11.28
C GLU C 462 -13.67 -38.62 -12.14
N ALA C 463 -14.34 -37.47 -12.22
CA ALA C 463 -15.69 -37.36 -12.81
C ALA C 463 -15.65 -37.70 -14.31
N ALA C 464 -16.70 -38.37 -14.78
CA ALA C 464 -16.96 -38.65 -16.21
C ALA C 464 -17.07 -37.32 -16.98
N GLU C 465 -16.82 -37.36 -18.28
CA GLU C 465 -16.98 -36.20 -19.18
C GLU C 465 -18.35 -35.56 -18.89
N GLY C 466 -18.38 -34.25 -18.70
CA GLY C 466 -19.64 -33.48 -18.64
C GLY C 466 -20.40 -33.71 -17.35
N ASP C 467 -19.78 -34.36 -16.36
CA ASP C 467 -20.41 -34.60 -15.04
C ASP C 467 -19.84 -33.60 -14.02
N GLY C 468 -20.71 -32.79 -13.45
CA GLY C 468 -20.31 -31.83 -12.41
C GLY C 468 -21.30 -30.69 -12.34
N TYR C 469 -20.79 -29.46 -12.34
CA TYR C 469 -21.58 -28.24 -12.09
C TYR C 469 -21.46 -27.31 -13.29
N VAL C 470 -22.53 -26.56 -13.53
CA VAL C 470 -22.55 -25.44 -14.51
C VAL C 470 -22.87 -24.18 -13.72
N MET C 471 -22.12 -23.10 -13.99
CA MET C 471 -22.44 -21.78 -13.41
C MET C 471 -22.71 -20.82 -14.55
N VAL C 472 -23.61 -19.88 -14.30
CA VAL C 472 -23.99 -18.88 -15.33
C VAL C 472 -24.49 -17.65 -14.59
N LEU C 473 -24.06 -16.50 -15.09
CA LEU C 473 -24.49 -15.19 -14.54
C LEU C 473 -25.84 -14.83 -15.17
N LEU C 474 -26.79 -14.43 -14.34
CA LEU C 474 -28.15 -14.05 -14.76
C LEU C 474 -28.29 -12.54 -14.61
N ALA C 475 -28.95 -11.93 -15.58
CA ALA C 475 -29.48 -10.56 -15.47
C ALA C 475 -30.94 -10.70 -15.03
N ASN C 476 -31.25 -10.19 -13.85
CA ASN C 476 -32.61 -10.22 -13.27
C ASN C 476 -33.24 -8.85 -13.49
N TYR C 477 -34.11 -8.73 -14.49
CA TYR C 477 -34.68 -7.43 -14.92
C TYR C 477 -35.74 -6.98 -13.90
N GLU C 478 -36.27 -7.89 -13.06
CA GLU C 478 -37.22 -7.51 -11.97
C GLU C 478 -36.49 -6.73 -10.89
N ASP C 479 -35.33 -7.22 -10.45
CA ASP C 479 -34.54 -6.63 -9.34
C ASP C 479 -33.57 -5.59 -9.91
N MET C 480 -33.32 -5.63 -11.22
CA MET C 480 -32.17 -4.92 -11.86
C MET C 480 -30.91 -5.26 -11.05
N CYS C 481 -30.73 -6.54 -10.76
CA CYS C 481 -29.55 -7.11 -10.08
C CYS C 481 -29.05 -8.30 -10.90
N SER C 482 -27.81 -8.69 -10.68
CA SER C 482 -27.22 -9.91 -11.25
C SER C 482 -27.31 -11.03 -10.21
N GLU C 483 -27.31 -12.25 -10.68
CA GLU C 483 -27.33 -13.47 -9.85
C GLU C 483 -26.37 -14.45 -10.50
N LEU C 484 -25.70 -15.28 -9.71
CA LEU C 484 -24.86 -16.37 -10.23
C LEU C 484 -25.55 -17.69 -9.87
N ALA C 485 -26.04 -18.39 -10.90
CA ALA C 485 -26.74 -19.68 -10.76
C ALA C 485 -25.71 -20.80 -10.74
N VAL C 486 -25.89 -21.76 -9.84
CA VAL C 486 -25.11 -23.02 -9.78
C VAL C 486 -26.07 -24.17 -10.05
N LEU C 487 -25.77 -24.94 -11.10
CA LEU C 487 -26.59 -26.09 -11.57
C LEU C 487 -25.75 -27.36 -11.44
N ASP C 488 -26.40 -28.48 -11.16
CA ASP C 488 -25.78 -29.84 -11.22
C ASP C 488 -26.15 -30.45 -12.58
N THR C 489 -25.18 -30.99 -13.31
CA THR C 489 -25.38 -31.62 -14.64
C THR C 489 -26.34 -32.82 -14.56
N LYS C 490 -26.56 -33.42 -13.38
CA LYS C 490 -27.55 -34.52 -13.20
C LYS C 490 -28.97 -34.00 -13.47
N ASP C 491 -29.22 -32.70 -13.29
CA ASP C 491 -30.52 -32.06 -13.62
C ASP C 491 -30.32 -30.55 -13.85
N LEU C 492 -30.07 -30.17 -15.11
CA LEU C 492 -29.75 -28.78 -15.47
C LEU C 492 -30.96 -27.87 -15.19
N THR C 493 -32.17 -28.41 -15.05
CA THR C 493 -33.41 -27.60 -14.92
C THR C 493 -33.48 -26.96 -13.54
N ASN C 494 -32.72 -27.45 -12.57
CA ASN C 494 -32.85 -27.06 -11.14
C ASN C 494 -31.61 -26.28 -10.69
N GLU C 495 -31.82 -25.10 -10.10
CA GLU C 495 -30.77 -24.33 -9.40
C GLU C 495 -30.45 -25.03 -8.06
N VAL C 496 -29.22 -25.46 -7.87
CA VAL C 496 -28.74 -25.95 -6.55
C VAL C 496 -28.47 -24.73 -5.65
N ALA C 497 -28.00 -23.63 -6.23
CA ALA C 497 -27.77 -22.38 -5.47
C ALA C 497 -28.01 -21.19 -6.41
N LEU C 498 -28.51 -20.11 -5.84
CA LEU C 498 -28.66 -18.83 -6.56
C LEU C 498 -27.96 -17.78 -5.70
N ILE C 499 -26.83 -17.28 -6.20
CA ILE C 499 -25.99 -16.27 -5.50
C ILE C 499 -26.53 -14.90 -5.91
N LYS C 500 -26.96 -14.09 -4.95
CA LYS C 500 -27.74 -12.85 -5.21
C LYS C 500 -26.82 -11.65 -5.03
N LEU C 501 -26.34 -11.08 -6.16
CA LEU C 501 -25.52 -9.85 -6.14
C LEU C 501 -26.46 -8.67 -5.95
N PRO C 502 -26.10 -7.69 -5.09
CA PRO C 502 -26.90 -6.49 -4.91
C PRO C 502 -26.57 -5.35 -5.89
N VAL C 503 -25.70 -5.62 -6.86
CA VAL C 503 -25.33 -4.68 -7.95
C VAL C 503 -25.60 -5.39 -9.28
N ARG C 504 -25.58 -4.65 -10.39
CA ARG C 504 -25.58 -5.23 -11.74
C ARG C 504 -24.14 -5.48 -12.15
N LEU C 505 -23.89 -6.66 -12.69
CA LEU C 505 -22.78 -6.91 -13.63
C LEU C 505 -23.38 -6.83 -15.02
N ARG C 506 -23.00 -5.78 -15.74
CA ARG C 506 -23.42 -5.52 -17.13
C ARG C 506 -23.17 -6.78 -17.96
N PRO C 507 -24.04 -7.12 -18.92
CA PRO C 507 -23.80 -8.25 -19.82
C PRO C 507 -22.35 -8.25 -20.32
N GLY C 508 -21.72 -9.41 -20.24
CA GLY C 508 -20.31 -9.55 -20.58
C GLY C 508 -20.09 -10.57 -21.66
N LEU C 509 -18.86 -10.96 -21.85
CA LEU C 509 -18.44 -11.91 -22.88
C LEU C 509 -17.93 -13.15 -22.16
N HIS C 510 -16.68 -13.54 -22.35
CA HIS C 510 -16.22 -14.89 -22.00
C HIS C 510 -15.71 -14.94 -20.56
N GLY C 511 -15.66 -16.15 -20.04
CA GLY C 511 -15.24 -16.45 -18.67
C GLY C 511 -14.73 -17.87 -18.58
N ASN C 512 -14.02 -18.16 -17.50
CA ASN C 512 -13.31 -19.45 -17.33
C ASN C 512 -13.29 -19.82 -15.85
N TRP C 513 -13.32 -21.13 -15.60
CA TRP C 513 -13.16 -21.74 -14.27
C TRP C 513 -11.71 -22.10 -14.08
N VAL C 514 -11.13 -21.70 -12.95
CA VAL C 514 -9.77 -22.14 -12.53
C VAL C 514 -9.95 -22.95 -11.25
N ASP C 515 -9.83 -24.27 -11.35
CA ASP C 515 -10.08 -25.18 -10.21
C ASP C 515 -8.86 -25.16 -9.27
N LYS C 516 -9.10 -25.10 -7.96
CA LYS C 516 -8.00 -25.05 -6.95
C LYS C 516 -7.17 -26.34 -7.02
N SER C 517 -7.76 -27.45 -7.43
CA SER C 517 -7.09 -28.78 -7.52
C SER C 517 -6.17 -28.86 -8.75
N ASP C 518 -6.27 -27.93 -9.72
CA ASP C 518 -5.40 -27.90 -10.92
C ASP C 518 -4.28 -26.90 -10.67
N VAL C 519 -3.06 -27.38 -10.44
CA VAL C 519 -1.92 -26.51 -10.04
C VAL C 519 -1.66 -25.50 -11.18
N ASP C 520 -1.79 -25.90 -12.44
CA ASP C 520 -1.50 -25.02 -13.62
C ASP C 520 -2.81 -24.37 -14.12
N GLY C 521 -3.91 -24.54 -13.40
CA GLY C 521 -5.17 -23.81 -13.64
C GLY C 521 -6.06 -24.51 -14.65
N HIS C 522 -5.61 -25.61 -15.25
CA HIS C 522 -6.34 -26.32 -16.35
C HIS C 522 -6.58 -27.76 -15.95
N PRO C 523 -7.75 -28.34 -16.28
CA PRO C 523 -8.07 -29.70 -15.85
C PRO C 523 -7.24 -30.76 -16.59
N ALA C 524 -7.08 -31.91 -15.95
CA ALA C 524 -6.27 -33.06 -16.40
C ALA C 524 -7.04 -33.78 -17.50
N PRO C 525 -6.33 -34.43 -18.45
CA PRO C 525 -6.98 -35.11 -19.56
C PRO C 525 -7.84 -36.27 -19.04
N LEU C 526 -8.93 -36.61 -19.74
CA LEU C 526 -9.76 -37.79 -19.40
C LEU C 526 -8.98 -39.06 -19.77
N LEU D 30 25.10 7.64 -25.86
CA LEU D 30 25.07 8.43 -24.58
C LEU D 30 26.42 8.28 -23.87
N PRO D 31 26.91 9.29 -23.12
CA PRO D 31 28.11 9.10 -22.28
C PRO D 31 27.83 7.99 -21.28
N PRO D 32 28.78 7.05 -21.05
CA PRO D 32 28.47 5.85 -20.27
C PRO D 32 28.12 6.24 -18.83
N ALA D 33 27.22 5.47 -18.22
CA ALA D 33 26.83 5.59 -16.80
C ALA D 33 27.77 4.69 -16.01
N PRO D 34 28.61 5.22 -15.09
CA PRO D 34 29.39 4.36 -14.21
C PRO D 34 28.41 3.55 -13.30
N ARG D 35 28.80 2.36 -12.90
CA ARG D 35 27.98 1.43 -12.07
C ARG D 35 28.48 1.42 -10.62
N TYR D 36 29.49 2.22 -10.27
CA TYR D 36 29.93 2.43 -8.88
C TYR D 36 30.51 3.82 -8.76
N PHE D 37 30.51 4.39 -7.56
CA PHE D 37 30.96 5.80 -7.34
C PHE D 37 32.49 5.82 -7.36
N GLN D 38 33.06 6.81 -8.04
CA GLN D 38 34.52 7.07 -8.18
C GLN D 38 34.76 8.57 -8.05
N GLY D 39 35.96 8.96 -7.63
CA GLY D 39 36.28 10.38 -7.41
C GLY D 39 36.15 10.74 -5.94
N GLU D 40 36.86 11.79 -5.54
CA GLU D 40 37.02 12.23 -4.14
C GLU D 40 35.65 12.67 -3.59
N ASN D 41 34.78 13.22 -4.44
CA ASN D 41 33.46 13.78 -4.03
C ASN D 41 32.54 12.66 -3.53
N THR D 42 32.89 11.38 -3.75
CA THR D 42 32.08 10.22 -3.34
C THR D 42 32.96 9.17 -2.65
N ALA D 43 34.10 9.58 -2.10
CA ALA D 43 35.03 8.67 -1.38
C ALA D 43 34.85 8.81 0.13
N GLY D 44 35.27 7.80 0.88
CA GLY D 44 35.24 7.80 2.35
C GLY D 44 33.86 8.14 2.90
N PHE D 45 33.77 9.14 3.77
CA PHE D 45 32.52 9.53 4.46
C PHE D 45 31.55 10.18 3.45
N MET D 46 32.04 10.60 2.28
CA MET D 46 31.19 11.19 1.22
C MET D 46 30.59 10.10 0.30
N ARG D 47 30.90 8.82 0.53
CA ARG D 47 30.33 7.73 -0.30
C ARG D 47 28.81 7.72 -0.10
N PRO D 48 28.01 7.87 -1.17
CA PRO D 48 26.56 7.74 -1.05
C PRO D 48 26.17 6.39 -0.42
N VAL D 49 25.20 6.42 0.48
CA VAL D 49 24.57 5.21 1.08
C VAL D 49 23.28 4.94 0.29
N ARG D 50 22.42 5.97 0.17
CA ARG D 50 21.24 5.98 -0.74
C ARG D 50 20.13 5.12 -0.16
N PHE D 51 20.08 4.99 1.15
CA PHE D 51 19.02 4.21 1.79
C PHE D 51 17.83 5.14 2.03
N GLU D 52 16.65 4.54 1.87
CA GLU D 52 15.36 5.12 2.25
C GLU D 52 14.66 4.12 3.16
N GLY D 53 14.05 4.60 4.23
CA GLY D 53 13.19 3.78 5.10
C GLY D 53 13.27 4.24 6.53
N ASP D 54 13.38 3.29 7.46
CA ASP D 54 13.17 3.57 8.91
C ASP D 54 14.26 2.86 9.72
N ILE D 55 14.76 3.55 10.73
CA ILE D 55 15.44 2.92 11.89
C ILE D 55 14.80 3.50 13.14
N THR D 56 13.98 2.69 13.83
CA THR D 56 13.25 3.13 15.04
C THR D 56 14.12 2.87 16.27
N ASN D 57 13.82 3.54 17.38
CA ASN D 57 14.43 3.23 18.69
C ASN D 57 15.95 3.34 18.56
N LEU D 58 16.44 4.46 18.04
CA LEU D 58 17.91 4.66 17.89
C LEU D 58 18.60 4.45 19.24
N GLU D 59 19.79 3.84 19.21
CA GLU D 59 20.68 3.69 20.38
C GLU D 59 20.98 5.07 20.94
N VAL D 60 20.91 5.19 22.26
CA VAL D 60 21.19 6.46 22.99
C VAL D 60 22.20 6.17 24.10
N VAL D 61 23.29 6.93 24.11
CA VAL D 61 24.22 7.05 25.26
C VAL D 61 23.85 8.33 25.97
N GLY D 62 23.70 8.28 27.29
CA GLY D 62 23.12 9.37 28.11
C GLY D 62 21.61 9.27 28.08
N GLU D 63 20.95 10.42 28.12
CA GLU D 63 19.49 10.48 28.32
C GLU D 63 18.95 11.68 27.55
N ILE D 64 18.03 11.43 26.61
CA ILE D 64 17.34 12.52 25.87
C ILE D 64 16.34 13.13 26.84
N PRO D 65 16.39 14.44 27.14
CA PRO D 65 15.38 15.07 27.98
C PRO D 65 13.97 14.66 27.52
N LYS D 66 13.16 14.15 28.45
CA LYS D 66 11.87 13.48 28.14
C LYS D 66 10.83 14.51 27.68
N SER D 67 11.03 15.79 28.00
CA SER D 67 10.12 16.89 27.62
C SER D 67 10.35 17.32 26.16
N ILE D 68 11.42 16.90 25.50
CA ILE D 68 11.63 17.27 24.07
C ILE D 68 10.59 16.50 23.25
N GLU D 69 9.79 17.22 22.46
CA GLU D 69 8.79 16.59 21.57
C GLU D 69 8.71 17.37 20.25
N GLY D 70 9.03 16.68 19.16
CA GLY D 70 9.01 17.25 17.81
C GLY D 70 9.94 16.49 16.89
N THR D 71 10.27 17.09 15.76
CA THR D 71 11.04 16.43 14.68
C THR D 71 12.14 17.37 14.21
N PHE D 72 13.35 16.82 14.13
CA PHE D 72 14.49 17.45 13.43
C PHE D 72 14.50 16.93 11.99
N TYR D 73 14.19 17.80 11.02
CA TYR D 73 14.32 17.49 9.58
C TYR D 73 15.63 18.08 9.07
N ARG D 74 16.41 17.28 8.33
CA ARG D 74 17.60 17.79 7.61
C ARG D 74 17.65 17.16 6.22
N VAL D 75 18.30 17.87 5.31
CA VAL D 75 18.46 17.38 3.92
C VAL D 75 19.96 17.27 3.63
N MET D 76 20.32 16.21 2.94
CA MET D 76 21.68 16.03 2.37
C MET D 76 21.55 15.82 0.86
N PRO D 77 22.48 16.40 0.08
CA PRO D 77 22.70 15.96 -1.28
C PRO D 77 23.26 14.56 -1.19
N GLU D 78 22.72 13.64 -1.99
CA GLU D 78 23.16 12.24 -2.02
C GLU D 78 22.81 11.64 -3.37
N PRO D 79 23.76 11.67 -4.35
CA PRO D 79 23.47 11.15 -5.68
C PRO D 79 22.87 9.74 -5.57
N HIS D 80 21.73 9.53 -6.21
CA HIS D 80 21.02 8.23 -6.24
C HIS D 80 21.69 7.30 -7.25
N LEU D 81 22.32 7.87 -8.27
CA LEU D 81 23.03 7.12 -9.35
C LEU D 81 24.36 7.82 -9.64
N PRO D 82 25.43 7.06 -9.96
CA PRO D 82 26.69 7.68 -10.35
C PRO D 82 26.47 8.64 -11.52
N SER D 83 26.93 9.87 -11.36
CA SER D 83 26.90 10.95 -12.40
C SER D 83 27.78 10.54 -13.57
N PHE D 84 27.40 10.95 -14.78
CA PHE D 84 28.27 10.85 -15.97
C PHE D 84 29.20 12.07 -15.99
N ILE D 85 28.95 13.08 -15.15
CA ILE D 85 29.82 14.27 -14.93
C ILE D 85 30.90 13.92 -13.91
N PRO D 86 32.21 13.92 -14.28
CA PRO D 86 33.27 13.68 -13.30
C PRO D 86 33.35 14.85 -12.31
N ASN D 87 33.65 14.55 -11.04
CA ASN D 87 33.81 15.56 -9.95
C ASN D 87 32.56 16.44 -9.88
N ASP D 88 31.36 15.87 -10.04
CA ASP D 88 30.10 16.62 -9.91
C ASP D 88 30.15 17.27 -8.53
N PRO D 89 29.97 18.61 -8.41
CA PRO D 89 29.92 19.26 -7.10
C PRO D 89 28.84 18.68 -6.16
N TRP D 90 29.15 18.76 -4.87
CA TRP D 90 28.33 18.30 -3.73
C TRP D 90 26.91 18.85 -3.87
N PHE D 91 26.75 20.14 -4.27
CA PHE D 91 25.41 20.78 -4.41
C PHE D 91 24.57 20.14 -5.52
N ASN D 92 25.06 19.21 -6.32
CA ASN D 92 24.27 18.64 -7.45
C ASN D 92 23.64 17.28 -7.07
N GLY D 93 23.81 16.80 -5.84
CA GLY D 93 23.27 15.49 -5.41
C GLY D 93 21.78 15.53 -5.05
N ASP D 94 21.06 14.47 -5.38
CA ASP D 94 19.61 14.30 -5.06
C ASP D 94 19.37 14.52 -3.57
N GLY D 95 18.38 15.34 -3.25
CA GLY D 95 17.97 15.63 -1.87
C GLY D 95 17.35 14.42 -1.20
N ASN D 96 17.94 14.00 -0.08
CA ASN D 96 17.47 12.88 0.77
C ASN D 96 17.13 13.50 2.12
N ILE D 97 15.89 13.32 2.57
CA ILE D 97 15.34 13.95 3.81
C ILE D 97 15.44 12.96 4.95
N SER D 98 16.04 13.41 6.06
CA SER D 98 16.07 12.70 7.36
C SER D 98 15.07 13.38 8.28
N GLY D 99 14.24 12.60 8.95
CA GLY D 99 13.42 13.06 10.08
C GLY D 99 13.80 12.30 11.34
N PHE D 100 14.15 13.03 12.39
CA PHE D 100 14.40 12.45 13.74
C PHE D 100 13.21 12.83 14.62
N TYR D 101 12.35 11.85 14.92
CA TYR D 101 11.05 12.04 15.61
C TYR D 101 11.27 11.71 17.10
N PHE D 102 11.16 12.75 17.94
CA PHE D 102 11.46 12.68 19.38
C PHE D 102 10.16 12.68 20.17
N LYS D 103 10.03 11.75 21.11
CA LYS D 103 8.96 11.77 22.14
C LYS D 103 9.39 10.95 23.36
N ASP D 104 9.22 11.51 24.56
CA ASP D 104 9.41 10.79 25.84
C ASP D 104 10.79 10.15 25.90
N GLY D 105 11.80 10.83 25.34
CA GLY D 105 13.20 10.39 25.41
C GLY D 105 13.53 9.27 24.44
N HIS D 106 12.60 8.94 23.55
CA HIS D 106 12.78 7.95 22.45
C HIS D 106 12.93 8.72 21.13
N VAL D 107 13.71 8.19 20.20
CA VAL D 107 13.87 8.84 18.88
C VAL D 107 13.88 7.78 17.77
N ASP D 108 13.13 8.04 16.71
CA ASP D 108 13.09 7.22 15.47
C ASP D 108 13.59 8.06 14.27
N LEU D 109 14.27 7.41 13.34
CA LEU D 109 14.73 8.00 12.06
C LEU D 109 13.80 7.50 10.95
N LYS D 110 13.25 8.42 10.16
CA LYS D 110 12.69 8.14 8.83
C LYS D 110 13.52 8.90 7.79
N GLN D 111 13.79 8.24 6.67
CA GLN D 111 14.69 8.74 5.61
C GLN D 111 14.04 8.49 4.25
N ARG D 112 13.93 9.51 3.42
CA ARG D 112 13.37 9.32 2.06
C ARG D 112 13.87 10.41 1.09
N TYR D 113 14.15 10.00 -0.13
CA TYR D 113 14.50 10.91 -1.25
C TYR D 113 13.27 11.73 -1.66
N VAL D 114 13.49 13.00 -1.96
CA VAL D 114 12.47 13.85 -2.65
C VAL D 114 12.25 13.27 -4.06
N ARG D 115 11.00 13.04 -4.45
CA ARG D 115 10.66 12.56 -5.80
C ARG D 115 10.66 13.75 -6.77
N THR D 116 11.82 14.34 -7.01
CA THR D 116 12.00 15.36 -8.05
C THR D 116 11.80 14.71 -9.42
N GLU D 117 11.52 15.53 -10.44
CA GLU D 117 11.50 15.05 -11.85
C GLU D 117 12.82 14.31 -12.13
N LYS D 118 13.95 14.88 -11.73
CA LYS D 118 15.29 14.26 -11.95
C LYS D 118 15.31 12.87 -11.30
N PHE D 119 14.95 12.79 -10.02
CA PHE D 119 15.01 11.51 -9.26
C PHE D 119 14.17 10.45 -9.99
N VAL D 120 12.95 10.83 -10.37
CA VAL D 120 11.96 9.88 -10.95
C VAL D 120 12.44 9.40 -12.32
N ARG D 121 12.90 10.31 -13.18
CA ARG D 121 13.28 9.91 -14.57
C ARG D 121 14.57 9.09 -14.52
N GLU D 122 15.50 9.46 -13.67
CA GLU D 122 16.77 8.69 -13.52
C GLU D 122 16.48 7.31 -12.92
N ALA D 123 15.54 7.20 -11.97
CA ALA D 123 15.16 5.91 -11.36
C ALA D 123 14.55 5.01 -12.45
N GLU D 124 13.68 5.59 -13.27
CA GLU D 124 13.03 4.92 -14.43
C GLU D 124 14.10 4.39 -15.38
N ALA D 125 15.09 5.20 -15.73
CA ALA D 125 16.15 4.84 -16.71
C ALA D 125 17.24 4.00 -16.05
N ARG D 126 17.34 4.03 -14.71
CA ARG D 126 18.44 3.40 -13.95
C ARG D 126 19.78 3.97 -14.42
N ARG D 127 19.86 5.27 -14.68
CA ARG D 127 21.14 5.94 -15.02
C ARG D 127 20.96 7.45 -14.87
N SER D 128 22.07 8.17 -14.65
CA SER D 128 22.06 9.64 -14.56
C SER D 128 21.72 10.22 -15.95
N LEU D 129 20.89 11.25 -15.94
CA LEU D 129 20.42 11.96 -17.15
C LEU D 129 20.68 13.45 -16.99
N LEU D 130 20.52 14.01 -15.79
CA LEU D 130 20.80 15.44 -15.55
C LEU D 130 22.32 15.63 -15.51
N GLY D 131 22.81 16.69 -16.15
CA GLY D 131 24.25 16.93 -16.33
C GLY D 131 24.81 17.84 -15.26
N LYS D 132 25.54 18.87 -15.68
CA LYS D 132 26.29 19.78 -14.79
C LYS D 132 25.32 20.62 -13.97
N TYR D 133 25.77 20.99 -12.77
CA TYR D 133 25.08 21.92 -11.87
C TYR D 133 24.55 23.11 -12.66
N ARG D 134 23.22 23.25 -12.69
CA ARG D 134 22.48 24.42 -13.24
C ARG D 134 22.90 24.69 -14.68
N ASN D 135 23.23 23.65 -15.45
CA ASN D 135 23.53 23.80 -16.89
C ASN D 135 22.69 22.81 -17.70
N ARG D 136 21.49 23.25 -18.12
CA ARG D 136 20.53 22.41 -18.88
C ARG D 136 21.14 22.01 -20.24
N TYR D 137 22.14 22.74 -20.76
CA TYR D 137 22.76 22.42 -22.07
C TYR D 137 23.55 21.12 -21.98
N THR D 138 23.80 20.57 -20.79
CA THR D 138 24.58 19.33 -20.60
C THR D 138 23.67 18.14 -20.24
N ASP D 139 22.36 18.36 -20.11
CA ASP D 139 21.37 17.29 -19.77
C ASP D 139 21.21 16.33 -20.95
N LEU D 140 20.98 15.05 -20.68
CA LEU D 140 20.84 14.02 -21.73
C LEU D 140 19.40 13.97 -22.23
N VAL D 141 18.49 14.56 -21.49
CA VAL D 141 17.04 14.66 -21.85
C VAL D 141 16.62 16.05 -21.38
N GLU D 142 15.47 16.51 -21.84
CA GLU D 142 14.97 17.84 -21.48
C GLU D 142 14.15 17.72 -20.21
N PHE D 143 14.52 18.44 -19.16
CA PHE D 143 13.80 18.51 -17.86
C PHE D 143 12.95 19.77 -17.87
N LYS D 144 11.73 19.71 -17.35
CA LYS D 144 10.91 20.91 -17.01
C LYS D 144 11.47 21.49 -15.73
N ILE D 145 11.72 20.66 -14.72
CA ILE D 145 12.23 21.10 -13.38
C ILE D 145 13.54 20.36 -13.15
N ARG D 146 14.60 21.08 -12.82
CA ARG D 146 15.96 20.50 -12.64
C ARG D 146 16.29 20.37 -11.14
N SER D 147 15.40 20.78 -10.24
CA SER D 147 15.60 20.70 -8.77
C SER D 147 16.16 19.34 -8.35
N THR D 148 17.15 19.36 -7.47
CA THR D 148 17.55 18.21 -6.62
C THR D 148 16.91 18.34 -5.23
N ALA D 149 16.24 19.48 -4.95
CA ALA D 149 15.52 19.73 -3.68
C ALA D 149 16.43 19.37 -2.48
N ASN D 150 17.67 19.83 -2.48
CA ASN D 150 18.72 19.23 -1.62
C ASN D 150 19.34 20.23 -0.63
N THR D 151 18.76 21.42 -0.48
CA THR D 151 19.46 22.53 0.21
C THR D 151 18.82 22.81 1.58
N ASN D 152 17.50 22.92 1.62
CA ASN D 152 16.80 23.16 2.91
C ASN D 152 15.47 22.40 2.92
N ILE D 153 14.95 22.17 4.10
CA ILE D 153 13.68 21.44 4.34
C ILE D 153 12.98 22.17 5.48
N VAL D 154 11.92 22.89 5.13
CA VAL D 154 11.20 23.80 6.06
C VAL D 154 9.76 23.33 6.15
N TYR D 155 9.09 23.80 7.19
CA TYR D 155 7.69 23.47 7.50
C TYR D 155 6.83 24.67 7.15
N TRP D 156 5.76 24.44 6.42
CA TRP D 156 4.82 25.53 6.04
C TRP D 156 3.43 24.94 5.87
N ARG D 157 2.48 25.42 6.69
CA ARG D 157 1.03 25.10 6.58
C ARG D 157 0.86 23.59 6.39
N GLY D 158 1.46 22.77 7.29
CA GLY D 158 1.20 21.33 7.40
C GLY D 158 1.94 20.49 6.38
N GLN D 159 2.83 21.09 5.57
CA GLN D 159 3.68 20.33 4.62
C GLN D 159 5.15 20.64 4.93
N LEU D 160 6.05 19.78 4.50
CA LEU D 160 7.48 20.16 4.35
C LEU D 160 7.64 20.76 2.95
N LEU D 161 8.51 21.74 2.82
CA LEU D 161 8.98 22.26 1.51
C LEU D 161 10.48 21.97 1.40
N ALA D 162 10.83 21.14 0.42
CA ALA D 162 12.21 20.76 0.09
C ALA D 162 12.71 21.77 -0.96
N LEU D 163 13.70 22.60 -0.58
CA LEU D 163 14.06 23.84 -1.29
C LEU D 163 15.33 23.67 -2.11
N LYS D 164 15.34 24.34 -3.26
CA LYS D 164 16.54 24.44 -4.14
C LYS D 164 16.35 25.71 -4.97
N GLU D 165 17.33 26.61 -4.90
CA GLU D 165 17.18 28.03 -5.29
C GLU D 165 17.04 28.19 -6.81
N ASP D 166 17.18 27.12 -7.59
CA ASP D 166 16.97 27.16 -9.07
C ASP D 166 15.54 26.75 -9.43
N SER D 167 14.66 26.55 -8.44
CA SER D 167 13.39 25.82 -8.65
C SER D 167 12.32 26.27 -7.68
N PRO D 168 11.04 25.93 -7.94
CA PRO D 168 10.01 25.97 -6.90
C PRO D 168 10.33 24.92 -5.83
N PRO D 169 9.67 24.99 -4.65
CA PRO D 169 9.78 23.93 -3.66
C PRO D 169 9.13 22.63 -4.14
N TYR D 170 9.52 21.50 -3.55
CA TYR D 170 8.75 20.24 -3.58
C TYR D 170 8.05 20.09 -2.22
N ALA D 171 6.74 19.86 -2.26
CA ALA D 171 5.91 19.69 -1.04
C ALA D 171 5.95 18.22 -0.63
N MET D 172 6.09 17.98 0.66
CA MET D 172 6.24 16.61 1.22
C MET D 172 5.40 16.46 2.50
N ASP D 173 5.05 15.23 2.81
CA ASP D 173 4.29 14.86 4.04
C ASP D 173 5.25 14.82 5.23
N PRO D 174 5.05 15.63 6.27
CA PRO D 174 5.96 15.64 7.44
C PRO D 174 6.02 14.31 8.20
N GLU D 175 4.97 13.49 8.07
CA GLU D 175 4.86 12.23 8.85
C GLU D 175 5.50 11.08 8.07
N THR D 176 5.22 10.96 6.77
CA THR D 176 5.67 9.80 5.94
C THR D 176 6.83 10.18 5.01
N LEU D 177 7.12 11.48 4.83
CA LEU D 177 8.13 12.00 3.87
C LEU D 177 7.77 11.60 2.42
N GLU D 178 6.52 11.23 2.18
CA GLU D 178 5.99 11.12 0.79
C GLU D 178 6.15 12.49 0.12
N THR D 179 6.52 12.51 -1.14
CA THR D 179 6.56 13.74 -1.98
C THR D 179 5.19 13.94 -2.64
N PHE D 180 4.53 15.06 -2.42
CA PHE D 180 3.26 15.40 -3.10
C PHE D 180 3.55 15.88 -4.53
N GLY D 181 4.58 16.71 -4.71
CA GLY D 181 5.04 17.18 -6.04
C GLY D 181 5.53 18.62 -5.99
N VAL D 182 5.96 19.15 -7.12
CA VAL D 182 6.44 20.56 -7.16
C VAL D 182 5.28 21.44 -6.69
N TYR D 183 5.55 22.45 -5.89
CA TYR D 183 4.52 23.22 -5.16
C TYR D 183 4.50 24.67 -5.69
N ASP D 184 3.31 25.19 -6.03
CA ASP D 184 3.18 26.56 -6.61
C ASP D 184 2.24 27.43 -5.75
N PHE D 185 2.01 27.05 -4.48
CA PHE D 185 1.22 27.84 -3.50
C PHE D 185 -0.16 28.20 -4.09
N ASP D 186 -0.88 27.18 -4.58
CA ASP D 186 -2.27 27.30 -5.11
C ASP D 186 -2.22 28.23 -6.32
N GLY D 187 -1.23 28.05 -7.18
CA GLY D 187 -1.02 28.83 -8.41
C GLY D 187 -0.58 30.27 -8.15
N GLN D 188 -0.22 30.66 -6.92
CA GLN D 188 0.18 32.06 -6.61
C GLN D 188 1.69 32.31 -6.83
N LEU D 189 2.52 31.27 -6.91
CA LEU D 189 3.99 31.44 -7.00
C LEU D 189 4.30 32.31 -8.22
N PRO D 190 4.86 33.53 -8.06
CA PRO D 190 5.11 34.40 -9.21
C PRO D 190 6.45 34.19 -9.93
N SER D 191 7.32 33.35 -9.36
CA SER D 191 8.76 33.22 -9.70
C SER D 191 9.05 31.80 -10.19
N LEU D 192 10.01 31.62 -11.10
CA LEU D 192 10.51 30.27 -11.48
C LEU D 192 11.35 29.69 -10.33
N THR D 193 11.77 30.52 -9.37
CA THR D 193 12.77 30.13 -8.36
C THR D 193 12.28 30.54 -6.97
N PHE D 194 12.62 29.71 -5.98
CA PHE D 194 12.24 29.91 -4.57
C PHE D 194 13.50 29.66 -3.74
N THR D 195 13.94 30.67 -3.01
CA THR D 195 15.18 30.64 -2.19
C THR D 195 15.17 29.42 -1.24
N ALA D 196 16.36 28.91 -0.95
CA ALA D 196 16.57 27.90 0.10
C ALA D 196 16.46 28.52 1.50
N HIS D 197 16.38 29.85 1.62
CA HIS D 197 16.43 30.54 2.93
C HIS D 197 15.29 31.52 3.09
N PRO D 198 14.02 31.06 3.06
CA PRO D 198 12.90 31.93 3.41
C PRO D 198 13.00 32.26 4.90
N LYS D 199 12.40 33.36 5.34
CA LYS D 199 12.41 33.76 6.77
C LYS D 199 10.99 33.68 7.30
N PHE D 200 10.84 33.19 8.54
CA PHE D 200 9.54 33.08 9.24
C PHE D 200 9.46 34.20 10.27
N ASP D 201 8.61 35.19 9.99
CA ASP D 201 8.38 36.32 10.94
C ASP D 201 7.60 35.77 12.13
N PRO D 202 8.18 35.73 13.35
CA PRO D 202 7.50 35.12 14.49
C PRO D 202 6.29 35.94 14.98
N VAL D 203 6.22 37.22 14.63
CA VAL D 203 5.10 38.11 15.05
C VAL D 203 4.00 38.04 13.99
N THR D 204 4.28 38.23 12.71
CA THR D 204 3.23 38.30 11.65
C THR D 204 2.90 36.90 11.16
N ARG D 205 3.74 35.90 11.44
CA ARG D 205 3.58 34.49 10.99
C ARG D 205 3.67 34.42 9.45
N GLU D 206 4.25 35.43 8.81
CA GLU D 206 4.47 35.43 7.35
C GLU D 206 5.70 34.58 7.04
N MET D 207 5.66 33.91 5.90
CA MET D 207 6.89 33.35 5.27
C MET D 207 7.37 34.37 4.24
N VAL D 208 8.58 34.91 4.45
CA VAL D 208 9.15 35.96 3.56
C VAL D 208 10.16 35.28 2.64
N CYS D 209 9.96 35.46 1.34
CA CYS D 209 10.64 34.69 0.26
C CYS D 209 11.23 35.62 -0.80
N PHE D 210 12.05 35.04 -1.65
CA PHE D 210 12.45 35.61 -2.95
C PHE D 210 12.95 34.48 -3.82
N GLY D 211 13.13 34.76 -5.10
CA GLY D 211 13.98 33.97 -6.01
C GLY D 211 14.80 34.90 -6.88
N TYR D 212 16.03 34.50 -7.21
CA TYR D 212 16.90 35.21 -8.19
C TYR D 212 16.95 34.33 -9.44
N GLU D 213 17.48 34.86 -10.54
CA GLU D 213 17.31 34.27 -11.90
C GLU D 213 15.84 33.88 -12.05
N ALA D 214 14.96 34.78 -11.58
CA ALA D 214 13.52 34.53 -11.38
C ALA D 214 12.80 34.41 -12.73
N LYS D 215 13.45 34.79 -13.85
CA LYS D 215 12.86 34.62 -15.20
C LYS D 215 13.70 33.66 -16.06
N GLY D 216 14.63 32.94 -15.46
CA GLY D 216 15.38 31.92 -16.22
C GLY D 216 16.86 32.12 -16.14
N ASP D 217 17.59 31.19 -16.75
CA ASP D 217 19.08 31.16 -16.72
C ASP D 217 19.61 32.55 -17.10
N GLY D 218 20.47 33.09 -16.26
CA GLY D 218 21.24 34.30 -16.57
C GLY D 218 20.45 35.58 -16.38
N THR D 219 19.15 35.52 -16.03
CA THR D 219 18.34 36.74 -15.82
C THR D 219 18.79 37.43 -14.52
N ARG D 220 18.68 38.76 -14.49
CA ARG D 220 19.05 39.61 -13.33
C ARG D 220 17.79 39.92 -12.52
N ASP D 221 16.67 39.31 -12.89
CA ASP D 221 15.37 39.48 -12.20
C ASP D 221 15.40 38.77 -10.84
N ILE D 222 15.11 39.55 -9.81
CA ILE D 222 14.78 39.07 -8.45
C ILE D 222 13.29 39.30 -8.24
N CYS D 223 12.58 38.26 -7.81
CA CYS D 223 11.18 38.39 -7.36
C CYS D 223 11.15 38.24 -5.84
N TYR D 224 10.79 39.31 -5.15
CA TYR D 224 10.57 39.35 -3.69
C TYR D 224 9.08 39.08 -3.47
N TYR D 225 8.74 38.09 -2.64
CA TYR D 225 7.32 37.72 -2.39
C TYR D 225 7.17 37.11 -1.00
N SER D 226 5.98 37.23 -0.43
CA SER D 226 5.67 36.78 0.95
C SER D 226 4.30 36.11 0.96
N PHE D 227 4.08 35.25 1.94
CA PHE D 227 2.78 34.56 2.17
C PHE D 227 2.38 34.80 3.61
N GLY D 228 1.14 35.22 3.81
CA GLY D 228 0.55 35.32 5.15
C GLY D 228 0.31 33.94 5.73
N PRO D 229 0.03 33.82 7.04
CA PRO D 229 -0.15 32.53 7.67
C PRO D 229 -1.34 31.72 7.08
N ASP D 230 -2.28 32.40 6.43
CA ASP D 230 -3.45 31.75 5.76
C ASP D 230 -3.05 31.23 4.37
N GLY D 231 -1.81 31.41 3.92
CA GLY D 231 -1.35 30.90 2.61
C GLY D 231 -1.58 31.86 1.45
N LYS D 232 -2.14 33.06 1.69
CA LYS D 232 -2.37 34.06 0.61
C LYS D 232 -1.09 34.86 0.35
N ILE D 233 -0.74 35.03 -0.91
CA ILE D 233 0.43 35.87 -1.29
C ILE D 233 0.14 37.30 -0.82
N ALA D 234 1.13 37.96 -0.23
CA ALA D 234 1.04 39.36 0.23
C ALA D 234 1.93 40.22 -0.69
N GLU D 235 3.23 40.33 -0.40
CA GLU D 235 4.16 41.09 -1.27
C GLU D 235 4.42 40.31 -2.58
N THR D 236 4.56 41.03 -3.69
CA THR D 236 5.21 40.54 -4.94
C THR D 236 5.85 41.74 -5.65
N VAL D 237 7.18 41.85 -5.61
CA VAL D 237 7.93 43.00 -6.17
C VAL D 237 9.03 42.42 -7.07
N TRP D 238 9.06 42.84 -8.32
CA TRP D 238 10.15 42.53 -9.27
C TRP D 238 11.22 43.61 -9.17
N LEU D 239 12.48 43.23 -8.95
CA LEU D 239 13.61 44.17 -9.02
C LEU D 239 14.72 43.53 -9.86
N VAL D 240 15.79 44.29 -10.06
CA VAL D 240 16.90 43.97 -10.98
C VAL D 240 18.21 44.05 -10.18
N SER D 241 18.94 42.94 -10.21
CA SER D 241 20.30 42.76 -9.64
C SER D 241 21.29 43.53 -10.53
N PRO D 242 22.31 44.23 -10.01
CA PRO D 242 23.31 44.87 -10.87
C PRO D 242 24.06 43.87 -11.77
N VAL D 243 24.28 42.66 -11.27
CA VAL D 243 24.94 41.53 -12.02
C VAL D 243 24.05 40.30 -11.87
N CYS D 244 24.22 39.30 -12.73
CA CYS D 244 23.56 37.99 -12.53
C CYS D 244 24.43 37.20 -11.56
N GLY D 245 24.29 37.52 -10.28
CA GLY D 245 25.08 36.97 -9.18
C GLY D 245 24.24 36.05 -8.31
N MET D 246 24.90 35.14 -7.61
CA MET D 246 24.24 34.17 -6.71
C MET D 246 23.77 34.91 -5.45
N ILE D 247 22.46 34.95 -5.22
CA ILE D 247 21.85 35.45 -3.96
C ILE D 247 21.32 34.24 -3.19
N HIS D 248 22.20 33.61 -2.43
CA HIS D 248 21.93 32.34 -1.73
C HIS D 248 21.05 32.57 -0.52
N ASP D 249 21.30 33.67 0.20
CA ASP D 249 20.60 33.95 1.46
C ASP D 249 20.14 35.40 1.40
N PHE D 250 19.27 35.80 2.31
CA PHE D 250 18.79 37.19 2.45
C PHE D 250 18.38 37.38 3.90
N ALA D 251 18.01 38.62 4.23
CA ALA D 251 17.73 39.05 5.61
C ALA D 251 16.45 39.88 5.56
N VAL D 252 15.71 39.80 6.66
CA VAL D 252 14.39 40.45 6.82
C VAL D 252 14.42 41.12 8.19
N THR D 253 14.05 42.40 8.21
CA THR D 253 13.86 43.22 9.44
C THR D 253 12.40 43.65 9.43
N GLU D 254 11.97 44.42 10.43
CA GLU D 254 10.57 44.89 10.54
C GLU D 254 10.16 45.60 9.23
N ASN D 255 11.03 46.42 8.64
CA ASN D 255 10.67 47.35 7.54
C ASN D 255 11.50 47.12 6.26
N PHE D 256 12.49 46.23 6.26
CA PHE D 256 13.38 46.05 5.08
C PHE D 256 13.60 44.55 4.80
N VAL D 257 13.90 44.28 3.52
CA VAL D 257 14.51 43.01 3.08
C VAL D 257 15.85 43.33 2.40
N ILE D 258 16.85 42.49 2.62
CA ILE D 258 18.27 42.75 2.31
C ILE D 258 18.82 41.57 1.51
N PHE D 259 19.38 41.85 0.33
CA PHE D 259 19.90 40.86 -0.65
C PHE D 259 21.41 40.97 -0.81
N PRO D 260 22.20 40.17 -0.07
CA PRO D 260 23.64 40.09 -0.26
C PRO D 260 23.97 39.19 -1.45
N ILE D 261 24.74 39.73 -2.41
CA ILE D 261 25.12 39.02 -3.67
C ILE D 261 26.54 38.49 -3.54
N ILE D 262 26.67 37.17 -3.65
CA ILE D 262 27.99 36.49 -3.81
C ILE D 262 28.51 36.84 -5.20
N PRO D 263 29.77 37.33 -5.31
CA PRO D 263 30.39 37.59 -6.61
C PRO D 263 30.66 36.35 -7.48
N LEU D 264 29.75 35.36 -7.45
CA LEU D 264 29.66 34.31 -8.48
C LEU D 264 28.71 34.81 -9.55
N VAL D 265 29.11 34.77 -10.82
CA VAL D 265 28.33 35.44 -11.88
C VAL D 265 28.05 34.42 -12.98
N CYS D 266 26.86 34.51 -13.55
CA CYS D 266 26.36 33.58 -14.59
C CYS D 266 26.44 34.25 -15.97
N ASP D 267 27.02 33.56 -16.94
CA ASP D 267 27.01 33.94 -18.39
C ASP D 267 26.47 32.74 -19.18
N VAL D 268 25.30 32.88 -19.78
CA VAL D 268 24.62 31.78 -20.52
C VAL D 268 25.49 31.34 -21.70
N GLU D 269 26.26 32.25 -22.32
CA GLU D 269 27.13 31.89 -23.48
C GLU D 269 28.19 30.89 -23.01
N ARG D 270 28.79 31.10 -21.82
CA ARG D 270 29.71 30.09 -21.25
C ARG D 270 28.97 28.75 -21.03
N MET D 271 27.74 28.80 -20.53
CA MET D 271 26.94 27.57 -20.24
C MET D 271 26.69 26.82 -21.55
N LYS D 272 26.34 27.53 -22.63
CA LYS D 272 26.06 26.91 -23.96
C LYS D 272 27.28 26.16 -24.48
N GLN D 273 28.49 26.52 -24.07
CA GLN D 273 29.72 25.80 -24.52
C GLN D 273 30.06 24.69 -23.53
N GLY D 274 29.21 24.42 -22.53
CA GLY D 274 29.44 23.35 -21.55
C GLY D 274 30.16 23.85 -20.31
N GLY D 275 30.32 25.16 -20.15
CA GLY D 275 30.99 25.75 -18.98
C GLY D 275 30.09 25.79 -17.75
N ASP D 276 30.63 26.27 -16.63
CA ASP D 276 29.92 26.34 -15.34
C ASP D 276 28.89 27.46 -15.37
N HIS D 277 27.77 27.24 -14.69
CA HIS D 277 26.76 28.29 -14.42
C HIS D 277 27.45 29.45 -13.70
N TRP D 278 28.31 29.16 -12.73
CA TRP D 278 28.89 30.17 -11.81
C TRP D 278 30.39 30.32 -12.06
N GLN D 279 30.86 31.56 -12.05
CA GLN D 279 32.29 31.90 -12.23
C GLN D 279 32.60 33.13 -11.37
N TRP D 280 33.59 33.01 -10.49
CA TRP D 280 34.00 34.11 -9.59
C TRP D 280 34.45 35.31 -10.42
N ASP D 281 34.10 36.50 -9.95
CA ASP D 281 34.46 37.81 -10.53
C ASP D 281 35.16 38.63 -9.44
N TYR D 282 36.50 38.76 -9.52
CA TYR D 282 37.34 39.46 -8.52
C TYR D 282 37.11 40.98 -8.60
N SER D 283 36.43 41.46 -9.63
CA SER D 283 36.36 42.90 -10.01
C SER D 283 35.16 43.60 -9.36
N ILE D 284 34.24 42.88 -8.71
CA ILE D 284 32.97 43.54 -8.23
C ILE D 284 32.95 43.57 -6.72
N PRO D 285 32.16 44.49 -6.14
CA PRO D 285 31.93 44.50 -4.72
C PRO D 285 31.02 43.34 -4.33
N MET D 286 30.89 43.08 -3.02
CA MET D 286 29.76 42.28 -2.50
C MET D 286 28.58 43.23 -2.38
N TYR D 287 27.72 43.25 -3.39
CA TYR D 287 26.49 44.09 -3.38
C TYR D 287 25.60 43.63 -2.23
N ILE D 288 24.95 44.59 -1.57
CA ILE D 288 23.91 44.35 -0.55
C ILE D 288 22.74 45.26 -0.89
N GLY D 289 21.70 44.71 -1.51
CA GLY D 289 20.47 45.45 -1.87
C GLY D 289 19.56 45.63 -0.66
N VAL D 290 18.97 46.81 -0.50
CA VAL D 290 17.98 47.09 0.58
C VAL D 290 16.71 47.60 -0.09
N LEU D 291 15.58 46.98 0.23
CA LEU D 291 14.24 47.25 -0.34
C LEU D 291 13.28 47.38 0.83
N PRO D 292 12.36 48.37 0.82
CA PRO D 292 11.33 48.45 1.84
C PRO D 292 10.52 47.14 1.79
N ARG D 293 10.20 46.59 2.96
CA ARG D 293 9.57 45.26 3.09
C ARG D 293 8.16 45.27 2.49
N ARG D 294 7.45 46.39 2.58
CA ARG D 294 6.00 46.48 2.24
C ARG D 294 5.75 47.64 1.30
N GLY D 295 5.01 47.39 0.20
CA GLY D 295 4.46 48.46 -0.66
C GLY D 295 5.46 49.00 -1.67
N ALA D 296 6.69 48.47 -1.75
CA ALA D 296 7.78 49.01 -2.60
C ALA D 296 7.52 48.68 -4.07
N GLN D 297 8.19 49.45 -4.95
CA GLN D 297 8.43 49.10 -6.38
C GLN D 297 9.89 48.66 -6.50
N GLY D 298 10.22 48.01 -7.62
CA GLY D 298 11.59 47.52 -7.91
C GLY D 298 12.63 48.62 -7.86
N SER D 299 12.27 49.82 -8.34
CA SER D 299 13.17 51.01 -8.40
C SER D 299 13.52 51.50 -6.99
N ASP D 300 12.82 51.05 -5.93
CA ASP D 300 13.10 51.50 -4.54
C ASP D 300 14.34 50.80 -3.96
N VAL D 301 14.85 49.77 -4.62
CA VAL D 301 16.03 49.03 -4.08
C VAL D 301 17.25 49.95 -4.18
N LYS D 302 18.08 49.95 -3.13
CA LYS D 302 19.41 50.61 -3.10
C LYS D 302 20.47 49.51 -3.07
N TRP D 303 21.38 49.48 -4.04
CA TRP D 303 22.47 48.48 -4.12
C TRP D 303 23.73 49.04 -3.47
N PHE D 304 23.82 48.91 -2.14
CA PHE D 304 25.04 49.23 -1.36
C PHE D 304 26.16 48.28 -1.82
N GLU D 305 27.40 48.73 -1.64
CA GLU D 305 28.60 48.02 -2.15
C GLU D 305 29.53 47.81 -0.98
N ALA D 306 29.52 46.60 -0.43
CA ALA D 306 30.44 46.17 0.64
C ALA D 306 31.75 45.79 -0.02
N PRO D 307 32.88 45.86 0.70
CA PRO D 307 34.15 45.37 0.17
C PRO D 307 33.99 43.95 -0.42
N HIS D 308 34.64 43.73 -1.56
CA HIS D 308 34.67 42.44 -2.26
C HIS D 308 34.84 41.31 -1.24
N GLY D 309 33.97 40.31 -1.34
CA GLY D 309 34.01 39.14 -0.45
C GLY D 309 32.83 38.23 -0.69
N PHE D 310 32.81 37.14 0.08
CA PHE D 310 31.80 36.07 -0.02
C PHE D 310 30.70 36.34 1.01
N ALA D 311 29.45 36.50 0.55
CA ALA D 311 28.24 36.54 1.40
C ALA D 311 27.89 35.11 1.85
N GLY D 312 28.24 34.77 3.09
CA GLY D 312 27.86 33.50 3.74
C GLY D 312 26.46 33.61 4.30
N HIS D 313 26.08 32.67 5.15
CA HIS D 313 24.69 32.60 5.66
C HIS D 313 24.43 33.78 6.60
N VAL D 314 23.20 34.29 6.55
CA VAL D 314 22.70 35.34 7.48
C VAL D 314 22.35 34.67 8.82
N ALA D 315 22.86 35.20 9.92
CA ALA D 315 22.42 34.80 11.27
C ALA D 315 21.02 35.38 11.45
N ASN D 316 20.91 36.68 11.25
CA ASN D 316 19.70 37.50 11.50
C ASN D 316 20.05 38.95 11.19
N ALA D 317 19.03 39.75 10.87
CA ALA D 317 19.16 41.21 10.76
C ALA D 317 18.02 41.85 11.56
N PHE D 318 18.24 43.07 12.04
CA PHE D 318 17.24 43.87 12.78
C PHE D 318 17.54 45.36 12.63
N GLU D 319 16.51 46.19 12.79
CA GLU D 319 16.63 47.66 12.95
C GLU D 319 16.94 48.01 14.41
N ASP D 320 17.95 48.86 14.64
CA ASP D 320 18.24 49.50 15.96
C ASP D 320 17.33 50.74 16.11
N ASP D 321 17.48 51.48 17.21
CA ASP D 321 16.66 52.68 17.56
C ASP D 321 16.71 53.75 16.46
N LYS D 322 17.87 53.96 15.82
CA LYS D 322 18.03 54.97 14.73
C LYS D 322 17.43 54.45 13.42
N GLY D 323 16.90 53.22 13.41
CA GLY D 323 16.32 52.58 12.21
C GLY D 323 17.38 52.11 11.23
N HIS D 324 18.62 51.96 11.69
CA HIS D 324 19.75 51.40 10.89
C HIS D 324 19.70 49.86 10.95
N ILE D 325 19.94 49.20 9.82
CA ILE D 325 19.92 47.72 9.72
C ILE D 325 21.26 47.18 10.24
N GLN D 326 21.20 46.35 11.28
CA GLN D 326 22.35 45.54 11.75
C GLN D 326 22.22 44.16 11.07
N LEU D 327 23.06 43.89 10.07
CA LEU D 327 23.04 42.64 9.29
C LEU D 327 24.20 41.79 9.80
N GLN D 328 23.90 40.65 10.42
CA GLN D 328 24.94 39.77 11.00
C GLN D 328 24.96 38.49 10.17
N MET D 329 26.12 38.14 9.63
CA MET D 329 26.25 37.06 8.61
C MET D 329 27.72 36.62 8.55
N ALA D 330 27.93 35.39 8.11
CA ALA D 330 29.28 34.91 7.78
C ALA D 330 29.76 35.71 6.57
N TYR D 331 31.03 36.10 6.56
CA TYR D 331 31.66 36.93 5.51
C TYR D 331 33.11 36.51 5.37
N ALA D 332 33.52 36.18 4.14
CA ALA D 332 34.91 35.80 3.81
C ALA D 332 35.46 36.80 2.79
N LYS D 333 36.78 36.83 2.66
CA LYS D 333 37.51 37.78 1.78
C LYS D 333 37.86 37.08 0.46
N ASP D 334 37.50 35.81 0.32
CA ASP D 334 37.73 35.07 -0.95
C ASP D 334 36.59 34.06 -1.18
N ASN D 335 36.67 33.37 -2.32
CA ASN D 335 35.65 32.45 -2.86
C ASN D 335 35.59 31.17 -2.03
N VAL D 336 34.63 31.10 -1.10
CA VAL D 336 34.33 29.88 -0.30
C VAL D 336 33.99 28.72 -1.24
N PHE D 337 33.29 28.98 -2.35
CA PHE D 337 32.91 27.94 -3.34
C PHE D 337 34.02 27.84 -4.39
N PHE D 338 35.19 27.38 -3.94
CA PHE D 338 36.48 27.43 -4.69
C PHE D 338 36.43 26.52 -5.91
N TRP D 339 35.51 25.56 -5.96
CA TRP D 339 35.31 24.64 -7.11
C TRP D 339 34.70 25.42 -8.29
N TRP D 340 34.24 26.67 -8.08
CA TRP D 340 33.78 27.58 -9.17
C TRP D 340 34.69 28.80 -9.22
N PRO D 341 35.89 28.64 -9.81
CA PRO D 341 36.92 29.66 -9.74
C PRO D 341 36.66 30.79 -10.75
N ASP D 342 37.62 31.70 -10.93
CA ASP D 342 37.47 32.83 -11.89
C ASP D 342 37.71 32.30 -13.31
N ALA D 343 37.63 33.17 -14.31
CA ALA D 343 37.75 32.81 -15.75
C ALA D 343 39.09 32.13 -16.02
N ASN D 344 40.12 32.36 -15.19
CA ASN D 344 41.47 31.77 -15.39
C ASN D 344 41.68 30.53 -14.52
N GLY D 345 40.61 30.00 -13.89
CA GLY D 345 40.69 28.81 -13.02
C GLY D 345 41.36 29.14 -11.70
N LYS D 346 41.50 30.42 -11.36
CA LYS D 346 42.20 30.91 -10.15
C LYS D 346 41.17 30.91 -9.00
N GLY D 347 41.58 30.39 -7.84
CA GLY D 347 40.96 30.74 -6.56
C GLY D 347 41.58 29.95 -5.41
N PRO D 348 40.94 29.93 -4.23
CA PRO D 348 41.50 29.28 -3.06
C PRO D 348 41.60 27.75 -3.19
N ARG D 349 42.37 27.11 -2.30
CA ARG D 349 42.43 25.65 -2.12
C ARG D 349 41.41 25.24 -1.06
N PRO D 350 41.04 23.94 -0.98
CA PRO D 350 40.18 23.45 0.10
C PRO D 350 40.77 23.80 1.47
N GLY D 351 39.95 24.26 2.41
CA GLY D 351 40.34 24.50 3.82
C GLY D 351 41.08 25.81 4.00
N GLU D 352 41.24 26.62 2.96
CA GLU D 352 42.10 27.83 2.99
C GLU D 352 41.29 29.07 3.40
N VAL D 353 40.04 29.17 2.97
CA VAL D 353 39.23 30.41 3.15
C VAL D 353 38.52 30.31 4.49
N GLU D 354 38.73 31.33 5.32
CA GLU D 354 38.02 31.50 6.60
C GLU D 354 36.86 32.47 6.37
N ALA D 355 35.72 32.19 6.98
CA ALA D 355 34.58 33.13 7.06
C ALA D 355 34.44 33.56 8.51
N HIS D 356 34.08 34.81 8.71
CA HIS D 356 34.04 35.46 10.05
C HIS D 356 32.66 36.06 10.25
N PHE D 357 32.24 36.10 11.50
CA PHE D 357 30.90 36.55 11.92
C PHE D 357 30.90 38.07 11.87
N ALA D 358 30.35 38.62 10.79
CA ALA D 358 30.44 40.04 10.46
C ALA D 358 29.14 40.75 10.86
N ASN D 359 29.27 42.02 11.26
CA ASN D 359 28.16 42.98 11.41
C ASN D 359 28.36 44.09 10.37
N PHE D 360 27.43 44.19 9.42
CA PHE D 360 27.33 45.31 8.45
C PHE D 360 26.23 46.23 8.96
N VAL D 361 26.47 47.55 8.88
CA VAL D 361 25.45 48.59 9.24
C VAL D 361 24.98 49.21 7.93
N LEU D 362 23.67 49.23 7.71
CA LEU D 362 23.07 49.80 6.48
C LEU D 362 22.01 50.80 6.90
N ASP D 363 22.00 51.94 6.22
CA ASP D 363 21.01 53.03 6.40
C ASP D 363 20.35 53.20 5.04
N TYR D 364 19.09 52.80 4.91
CA TYR D 364 18.32 52.92 3.65
C TYR D 364 18.32 54.37 3.19
N GLN D 365 18.34 55.33 4.14
CA GLN D 365 18.25 56.80 3.86
C GLN D 365 19.55 57.27 3.18
N SER D 366 20.70 56.68 3.51
CA SER D 366 22.04 57.07 2.98
C SER D 366 22.05 56.97 1.46
N ASP D 367 22.83 57.86 0.83
CA ASP D 367 23.08 57.86 -0.64
C ASP D 367 24.53 57.45 -0.88
N LYS D 368 25.32 57.26 0.19
CA LYS D 368 26.68 56.67 0.09
C LYS D 368 26.49 55.18 -0.19
N LEU D 369 26.85 54.71 -1.40
CA LEU D 369 26.67 53.29 -1.79
C LEU D 369 27.78 52.45 -1.17
N PRO D 370 29.07 52.85 -1.26
CA PRO D 370 30.14 52.07 -0.62
C PRO D 370 29.90 51.95 0.89
N LEU D 371 30.21 50.79 1.47
CA LEU D 371 30.03 50.50 2.92
C LEU D 371 31.39 50.24 3.53
N ALA D 372 31.56 50.63 4.79
CA ALA D 372 32.78 50.33 5.58
C ALA D 372 32.94 48.80 5.67
N GLU D 373 34.19 48.35 5.81
CA GLU D 373 34.53 47.01 6.35
C GLU D 373 33.57 46.74 7.51
N PRO D 374 33.06 45.51 7.67
CA PRO D 374 32.21 45.19 8.82
C PRO D 374 33.07 45.04 10.08
N THR D 375 32.45 45.15 11.26
CA THR D 375 33.03 44.68 12.54
C THR D 375 32.79 43.18 12.62
N TYR D 376 33.60 42.49 13.42
CA TYR D 376 33.55 41.02 13.61
C TYR D 376 33.21 40.73 15.07
N LEU D 377 32.27 39.82 15.31
CA LEU D 377 31.68 39.57 16.65
C LEU D 377 32.54 38.55 17.41
N VAL D 378 33.30 37.71 16.70
CA VAL D 378 34.23 36.72 17.30
C VAL D 378 35.37 36.51 16.29
N ASP D 379 36.43 35.80 16.69
CA ASP D 379 37.62 35.54 15.85
C ASP D 379 37.46 34.22 15.07
N ASP D 380 36.57 33.33 15.51
CA ASP D 380 36.47 31.95 14.99
C ASP D 380 36.22 31.96 13.48
N ASP D 381 36.86 31.03 12.77
CA ASP D 381 36.41 30.60 11.42
C ASP D 381 35.06 29.90 11.64
N MET D 382 33.99 30.44 11.06
CA MET D 382 32.61 29.99 11.40
C MET D 382 31.72 29.95 10.16
N GLU D 383 30.52 29.37 10.31
CA GLU D 383 29.42 29.36 9.30
C GLU D 383 28.18 28.71 9.94
N PHE D 384 27.08 28.61 9.18
CA PHE D 384 25.81 27.96 9.56
C PHE D 384 25.33 28.53 10.90
N PRO D 385 25.18 29.87 10.98
CA PRO D 385 24.68 30.51 12.18
C PRO D 385 23.17 30.31 12.32
N ARG D 386 22.75 29.99 13.53
CA ARG D 386 21.32 29.89 13.93
C ARG D 386 21.09 30.83 15.11
N ILE D 387 19.92 31.42 15.15
CA ILE D 387 19.45 32.19 16.33
C ILE D 387 18.24 31.45 16.91
N ASP D 388 17.70 32.00 17.99
CA ASP D 388 16.35 31.67 18.49
C ASP D 388 15.35 32.32 17.54
N ASP D 389 14.70 31.54 16.70
CA ASP D 389 13.84 32.08 15.60
C ASP D 389 12.61 32.77 16.19
N ARG D 390 12.42 32.69 17.51
CA ARG D 390 11.36 33.47 18.20
C ARG D 390 11.66 34.98 18.11
N VAL D 391 12.91 35.39 17.83
CA VAL D 391 13.28 36.83 17.67
C VAL D 391 13.76 37.12 16.24
N ALA D 392 13.56 36.20 15.28
CA ALA D 392 13.94 36.43 13.87
C ALA D 392 13.32 37.75 13.39
N THR D 393 14.13 38.56 12.68
CA THR D 393 13.78 39.90 12.12
C THR D 393 13.82 40.99 13.22
N ARG D 394 14.11 40.63 14.47
CA ARG D 394 14.21 41.55 15.63
C ARG D 394 15.59 41.37 16.28
N LYS D 395 15.90 42.24 17.23
CA LYS D 395 17.17 42.20 18.00
C LYS D 395 17.31 40.78 18.59
N HIS D 396 18.38 40.09 18.25
CA HIS D 396 18.76 38.79 18.85
C HIS D 396 20.00 39.02 19.70
N LYS D 397 20.22 38.22 20.74
CA LYS D 397 21.42 38.33 21.60
C LYS D 397 22.05 36.96 21.81
N HIS D 398 21.59 35.94 21.06
CA HIS D 398 22.21 34.60 21.04
C HIS D 398 22.40 34.15 19.60
N THR D 399 23.57 33.60 19.29
CA THR D 399 23.87 32.94 18.00
C THR D 399 24.60 31.65 18.30
N PHE D 400 24.17 30.57 17.65
CA PHE D 400 24.84 29.26 17.65
C PHE D 400 25.40 29.08 16.24
N PHE D 401 26.63 28.60 16.11
CA PHE D 401 27.25 28.47 14.78
C PHE D 401 28.31 27.38 14.78
N CYS D 402 28.57 26.88 13.58
CA CYS D 402 29.71 25.97 13.30
C CYS D 402 31.01 26.76 13.38
N ILE D 403 32.07 26.13 13.88
CA ILE D 403 33.44 26.69 13.92
C ILE D 403 34.37 25.64 13.32
N PHE D 404 35.46 26.12 12.71
CA PHE D 404 36.57 25.26 12.24
C PHE D 404 37.84 25.78 12.90
N ASP D 405 38.32 25.06 13.90
CA ASP D 405 39.46 25.47 14.78
C ASP D 405 40.69 24.68 14.31
N ARG D 406 41.68 25.42 13.78
CA ARG D 406 42.91 24.83 13.20
C ARG D 406 43.98 24.63 14.29
N LYS D 407 43.74 25.06 15.54
CA LYS D 407 44.68 24.86 16.68
C LYS D 407 45.15 23.41 16.68
N PRO D 408 46.46 23.12 16.69
CA PRO D 408 46.95 21.74 16.51
C PRO D 408 46.31 20.74 17.48
N GLY D 409 45.83 19.60 16.97
CA GLY D 409 45.25 18.51 17.77
C GLY D 409 43.73 18.50 17.82
N VAL D 410 43.06 19.66 17.67
CA VAL D 410 41.57 19.77 17.82
C VAL D 410 40.90 18.83 16.81
N THR D 411 41.38 18.81 15.56
CA THR D 411 41.05 17.75 14.58
C THR D 411 42.31 16.96 14.26
N ASP D 412 42.24 15.65 14.41
CA ASP D 412 43.30 14.71 13.97
C ASP D 412 43.21 14.60 12.44
N PHE D 413 43.69 15.61 11.72
CA PHE D 413 43.64 15.70 10.24
C PHE D 413 44.30 14.48 9.61
N GLU D 414 45.37 13.97 10.21
CA GLU D 414 46.14 12.83 9.68
C GLU D 414 45.18 11.61 9.57
N PHE D 415 44.28 11.45 10.54
CA PHE D 415 43.30 10.34 10.60
C PHE D 415 42.08 10.65 9.72
N VAL D 416 41.54 11.87 9.84
CA VAL D 416 40.24 12.28 9.23
C VAL D 416 40.38 12.46 7.71
N MET D 417 41.32 13.26 7.23
CA MET D 417 41.39 13.68 5.81
C MET D 417 41.40 12.47 4.87
N PRO D 418 42.20 11.41 5.08
CA PRO D 418 42.13 10.25 4.18
C PRO D 418 40.75 9.56 4.16
N ARG D 419 39.89 9.81 5.15
CA ARG D 419 38.57 9.14 5.29
C ARG D 419 37.42 10.10 4.90
N ALA D 420 37.71 11.37 4.63
CA ALA D 420 36.70 12.45 4.57
C ALA D 420 36.11 12.62 3.17
N GLY D 421 36.81 12.20 2.12
CA GLY D 421 36.45 12.57 0.73
C GLY D 421 36.53 14.08 0.57
N GLY D 422 35.89 14.63 -0.46
CA GLY D 422 36.01 16.06 -0.79
C GLY D 422 34.67 16.66 -1.15
N GLY D 423 34.63 17.99 -1.26
CA GLY D 423 33.52 18.74 -1.87
C GLY D 423 32.66 19.45 -0.84
N ALA D 424 32.83 19.15 0.45
CA ALA D 424 32.00 19.69 1.54
C ALA D 424 32.91 20.40 2.53
N PRO D 425 32.68 21.70 2.84
CA PRO D 425 33.46 22.39 3.87
C PRO D 425 33.29 21.75 5.25
N MET D 426 34.25 21.98 6.14
CA MET D 426 34.42 21.25 7.41
C MET D 426 34.14 22.14 8.62
N SER D 427 33.53 21.55 9.64
CA SER D 427 33.23 22.18 10.93
C SER D 427 33.66 21.19 12.02
N ASN D 428 34.46 21.59 13.01
CA ASN D 428 34.91 20.66 14.08
C ASN D 428 34.34 21.06 15.44
N GLY D 429 33.38 21.97 15.47
CA GLY D 429 32.72 22.36 16.72
C GLY D 429 31.52 23.26 16.48
N LEU D 430 30.77 23.55 17.55
CA LEU D 430 29.78 24.64 17.61
C LEU D 430 30.25 25.65 18.64
N ALA D 431 29.82 26.89 18.49
CA ALA D 431 30.00 27.94 19.50
C ALA D 431 28.65 28.58 19.79
N HIS D 432 28.42 28.94 21.06
CA HIS D 432 27.29 29.80 21.51
C HIS D 432 27.88 31.15 21.90
N LEU D 433 27.55 32.19 21.16
CA LEU D 433 27.90 33.58 21.52
C LEU D 433 26.69 34.19 22.22
N ASN D 434 26.90 34.64 23.46
CA ASN D 434 26.00 35.58 24.17
C ASN D 434 26.42 36.99 23.75
N HIS D 435 25.58 37.73 23.02
CA HIS D 435 25.93 39.05 22.42
C HIS D 435 26.00 40.12 23.51
N GLU D 436 25.26 39.98 24.61
CA GLU D 436 25.25 40.95 25.74
C GLU D 436 26.51 40.78 26.58
N THR D 437 26.78 39.58 27.10
CA THR D 437 27.95 39.32 27.99
C THR D 437 29.24 39.16 27.16
N GLY D 438 29.14 38.82 25.88
CA GLY D 438 30.31 38.49 25.02
C GLY D 438 30.88 37.11 25.33
N ASP D 439 30.30 36.35 26.27
CA ASP D 439 30.68 34.95 26.60
C ASP D 439 30.48 34.03 25.39
N ILE D 440 31.48 33.19 25.13
CA ILE D 440 31.46 32.13 24.09
C ILE D 440 31.64 30.80 24.80
N GLN D 441 30.75 29.84 24.53
CA GLN D 441 30.94 28.42 24.88
C GLN D 441 31.21 27.65 23.60
N ARG D 442 32.15 26.71 23.62
CA ARG D 442 32.52 25.91 22.44
C ARG D 442 32.26 24.45 22.76
N TYR D 443 31.49 23.79 21.87
CA TYR D 443 31.30 22.32 21.86
C TYR D 443 32.29 21.71 20.87
N LEU D 444 33.18 20.82 21.32
CA LEU D 444 34.10 20.08 20.45
C LEU D 444 33.79 18.60 20.60
N PRO D 445 33.13 17.98 19.60
CA PRO D 445 32.73 16.58 19.70
C PRO D 445 33.95 15.63 19.83
N GLY D 446 35.12 16.04 19.34
CA GLY D 446 36.33 15.19 19.46
C GLY D 446 37.25 15.33 18.26
N PRO D 447 38.49 14.85 18.38
CA PRO D 447 39.49 14.98 17.34
C PRO D 447 39.16 14.22 16.04
N ARG D 448 38.30 13.20 16.10
CA ARG D 448 37.95 12.40 14.91
C ARG D 448 36.46 12.55 14.57
N LYS D 449 35.85 13.68 14.94
CA LYS D 449 34.44 13.97 14.60
C LYS D 449 34.32 15.38 14.01
N LEU D 450 33.40 15.56 13.05
CA LEU D 450 33.02 16.89 12.49
C LEU D 450 31.51 17.06 12.61
N THR D 451 31.04 18.30 12.50
CA THR D 451 29.63 18.68 12.77
C THR D 451 28.96 19.17 11.47
N GLY D 452 27.65 19.03 11.42
CA GLY D 452 26.79 19.76 10.48
C GLY D 452 26.22 20.99 11.14
N GLU D 453 25.25 21.62 10.48
CA GLU D 453 24.47 22.76 11.00
C GLU D 453 23.61 22.29 12.18
N CYS D 454 23.59 23.10 13.23
CA CYS D 454 22.84 22.77 14.47
C CYS D 454 21.41 23.29 14.32
N ILE D 455 20.53 22.81 15.19
CA ILE D 455 19.20 23.42 15.45
C ILE D 455 19.15 23.84 16.92
N PHE D 456 18.36 24.87 17.19
CA PHE D 456 17.99 25.30 18.54
C PHE D 456 16.51 24.97 18.83
N ILE D 457 16.27 24.45 20.02
CA ILE D 457 14.92 24.04 20.53
C ILE D 457 14.67 24.80 21.83
N PRO D 458 13.67 25.70 21.88
CA PRO D 458 13.28 26.33 23.15
C PRO D 458 13.03 25.26 24.23
N ARG D 459 13.52 25.47 25.45
CA ARG D 459 13.32 24.51 26.56
C ARG D 459 11.82 24.20 26.70
N ASN D 460 10.98 25.21 26.51
CA ASN D 460 9.49 25.13 26.59
C ASN D 460 8.97 26.48 26.11
N SER D 461 7.65 26.69 26.04
CA SER D 461 7.08 27.93 25.45
C SER D 461 7.31 29.14 26.39
N GLU D 462 7.82 28.93 27.62
CA GLU D 462 8.11 30.04 28.59
C GLU D 462 9.60 30.43 28.54
N ALA D 463 10.44 29.65 27.86
CA ALA D 463 11.92 29.75 27.96
C ALA D 463 12.38 31.12 27.44
N ALA D 464 13.39 31.68 28.09
CA ALA D 464 14.09 32.91 27.67
C ALA D 464 14.78 32.65 26.33
N GLU D 465 15.05 33.71 25.59
CA GLU D 465 15.80 33.63 24.32
C GLU D 465 17.03 32.75 24.51
N GLY D 466 17.22 31.78 23.61
CA GLY D 466 18.48 31.00 23.54
C GLY D 466 18.61 30.00 24.67
N ASP D 467 17.54 29.79 25.45
CA ASP D 467 17.52 28.79 26.55
C ASP D 467 16.80 27.52 26.08
N GLY D 468 17.52 26.40 26.09
CA GLY D 468 16.93 25.10 25.73
C GLY D 468 17.99 24.14 25.26
N TYR D 469 17.74 23.49 24.12
CA TYR D 469 18.59 22.38 23.63
C TYR D 469 19.12 22.75 22.23
N VAL D 470 20.32 22.25 21.96
CA VAL D 470 20.93 22.31 20.61
C VAL D 470 21.15 20.88 20.18
N MET D 471 20.78 20.55 18.95
CA MET D 471 21.12 19.24 18.35
C MET D 471 22.01 19.48 17.13
N VAL D 472 22.90 18.55 16.89
CA VAL D 472 23.83 18.64 15.75
C VAL D 472 24.21 17.22 15.35
N LEU D 473 24.25 16.99 14.06
CA LEU D 473 24.65 15.70 13.49
C LEU D 473 26.17 15.68 13.39
N LEU D 474 26.78 14.60 13.87
CA LEU D 474 28.25 14.42 13.87
C LEU D 474 28.59 13.36 12.83
N ALA D 475 29.66 13.59 12.09
CA ALA D 475 30.38 12.56 11.32
C ALA D 475 31.49 12.01 12.22
N ASN D 476 31.41 10.72 12.58
CA ASN D 476 32.41 10.02 13.42
C ASN D 476 33.31 9.21 12.48
N TYR D 477 34.51 9.72 12.19
CA TYR D 477 35.44 9.13 11.22
C TYR D 477 36.09 7.87 11.80
N GLU D 478 36.06 7.68 13.13
CA GLU D 478 36.57 6.41 13.75
C GLU D 478 35.63 5.26 13.42
N ASP D 479 34.34 5.47 13.59
CA ASP D 479 33.29 4.41 13.41
C ASP D 479 32.83 4.42 11.95
N MET D 480 33.11 5.49 11.21
CA MET D 480 32.45 5.79 9.91
C MET D 480 30.92 5.65 10.11
N CYS D 481 30.42 6.27 11.17
CA CYS D 481 28.99 6.34 11.52
C CYS D 481 28.65 7.79 11.81
N SER D 482 27.37 8.11 11.73
CA SER D 482 26.83 9.41 12.16
C SER D 482 26.29 9.27 13.58
N GLU D 483 26.27 10.38 14.30
CA GLU D 483 25.70 10.48 15.66
C GLU D 483 24.88 11.77 15.70
N LEU D 484 23.83 11.81 16.51
CA LEU D 484 23.06 13.05 16.75
C LEU D 484 23.28 13.44 18.21
N ALA D 485 23.98 14.55 18.42
CA ALA D 485 24.32 15.08 19.75
C ALA D 485 23.19 15.98 20.23
N VAL D 486 22.80 15.82 21.49
CA VAL D 486 21.84 16.73 22.17
C VAL D 486 22.60 17.44 23.30
N LEU D 487 22.60 18.76 23.23
CA LEU D 487 23.31 19.66 24.16
C LEU D 487 22.26 20.52 24.88
N ASP D 488 22.53 20.87 26.12
CA ASP D 488 21.75 21.86 26.90
C ASP D 488 22.52 23.18 26.81
N THR D 489 21.83 24.27 26.49
CA THR D 489 22.43 25.63 26.33
C THR D 489 23.07 26.10 27.64
N LYS D 490 22.69 25.54 28.80
CA LYS D 490 23.31 25.89 30.11
C LYS D 490 24.77 25.45 30.12
N ASP D 491 25.16 24.44 29.33
CA ASP D 491 26.57 23.99 29.19
C ASP D 491 26.76 23.28 27.85
N LEU D 492 27.14 24.04 26.81
CA LEU D 492 27.26 23.52 25.44
C LEU D 492 28.37 22.46 25.35
N THR D 493 29.29 22.41 26.32
CA THR D 493 30.48 21.53 26.25
C THR D 493 30.08 20.08 26.50
N ASN D 494 28.91 19.84 27.10
CA ASN D 494 28.49 18.50 27.59
C ASN D 494 27.36 17.97 26.70
N GLU D 495 27.55 16.76 26.17
CA GLU D 495 26.50 15.99 25.50
C GLU D 495 25.58 15.43 26.58
N VAL D 496 24.31 15.84 26.59
CA VAL D 496 23.29 15.23 27.50
C VAL D 496 22.91 13.87 26.92
N ALA D 497 22.89 13.74 25.59
CA ALA D 497 22.64 12.47 24.91
C ALA D 497 23.45 12.44 23.63
N LEU D 498 23.91 11.25 23.27
CA LEU D 498 24.56 10.99 21.98
C LEU D 498 23.79 9.83 21.37
N ILE D 499 23.07 10.11 20.29
CA ILE D 499 22.25 9.15 19.54
C ILE D 499 23.18 8.52 18.48
N LYS D 500 23.35 7.21 18.52
CA LYS D 500 24.38 6.49 17.74
C LYS D 500 23.70 5.83 16.55
N LEU D 501 23.81 6.42 15.36
CA LEU D 501 23.29 5.81 14.09
C LEU D 501 24.30 4.75 13.64
N PRO D 502 23.83 3.58 13.21
CA PRO D 502 24.71 2.54 12.67
C PRO D 502 25.01 2.67 11.17
N VAL D 503 24.53 3.75 10.56
CA VAL D 503 24.78 4.08 9.12
C VAL D 503 25.43 5.47 9.08
N ARG D 504 25.97 5.86 7.94
CA ARG D 504 26.42 7.25 7.69
C ARG D 504 25.24 8.00 7.09
N LEU D 505 24.97 9.18 7.64
CA LEU D 505 24.30 10.28 6.92
C LEU D 505 25.43 11.17 6.38
N ARG D 506 25.57 11.13 5.05
CA ARG D 506 26.52 11.97 4.28
C ARG D 506 26.39 13.41 4.73
N PRO D 507 27.49 14.18 4.82
CA PRO D 507 27.41 15.60 5.12
C PRO D 507 26.31 16.27 4.29
N GLY D 508 25.50 17.05 4.98
CA GLY D 508 24.31 17.68 4.40
C GLY D 508 24.36 19.17 4.55
N LEU D 509 23.23 19.80 4.28
CA LEU D 509 23.09 21.25 4.33
C LEU D 509 22.13 21.56 5.47
N HIS D 510 21.01 22.20 5.19
CA HIS D 510 20.20 22.86 6.24
C HIS D 510 19.17 21.89 6.83
N GLY D 511 18.69 22.25 8.01
CA GLY D 511 17.71 21.49 8.79
C GLY D 511 16.95 22.38 9.72
N ASN D 512 15.83 21.89 10.23
CA ASN D 512 14.88 22.70 11.03
C ASN D 512 14.21 21.80 12.06
N TRP D 513 13.90 22.41 13.20
CA TRP D 513 13.12 21.80 14.29
C TRP D 513 11.66 22.18 14.10
N VAL D 514 10.78 21.18 14.14
CA VAL D 514 9.31 21.41 14.17
C VAL D 514 8.82 20.89 15.52
N ASP D 515 8.50 21.80 16.44
CA ASP D 515 8.08 21.42 17.81
C ASP D 515 6.62 20.94 17.81
N LYS D 516 6.34 19.87 18.53
CA LYS D 516 4.98 19.29 18.61
C LYS D 516 4.01 20.29 19.26
N SER D 517 4.50 21.18 20.11
CA SER D 517 3.66 22.21 20.81
C SER D 517 3.30 23.37 19.87
N ASP D 518 3.95 23.51 18.71
CA ASP D 518 3.64 24.59 17.72
C ASP D 518 2.73 24.00 16.64
N VAL D 519 1.45 24.33 16.65
CA VAL D 519 0.47 23.76 15.69
C VAL D 519 0.89 24.09 14.26
N ASP D 520 1.41 25.30 13.99
CA ASP D 520 1.80 25.73 12.62
C ASP D 520 3.30 25.45 12.37
N GLY D 521 3.96 24.75 13.30
CA GLY D 521 5.33 24.23 13.12
C GLY D 521 6.40 25.23 13.47
N HIS D 522 6.03 26.46 13.84
CA HIS D 522 6.97 27.59 14.10
C HIS D 522 6.74 28.12 15.50
N PRO D 523 7.82 28.47 16.23
CA PRO D 523 7.67 28.91 17.62
C PRO D 523 7.01 30.29 17.72
N ALA D 524 6.38 30.54 18.87
CA ALA D 524 5.64 31.77 19.21
C ALA D 524 6.63 32.88 19.49
N PRO D 525 6.26 34.16 19.23
CA PRO D 525 7.17 35.28 19.43
C PRO D 525 7.51 35.39 20.92
N LEU D 526 8.68 35.94 21.25
CA LEU D 526 9.08 36.22 22.65
C LEU D 526 8.25 37.40 23.16
FE FE2 E . -26.46 11.30 16.02
CL CL F . -7.76 -1.52 6.95
FE FE2 G . 20.00 -24.29 9.75
CL CL H . 3.87 -5.74 7.83
FE FE2 I . -15.84 -14.55 -28.53
CL CL J . -3.15 -2.45 -11.44
FE FE2 K . 22.55 27.73 2.46
CL CL L . 6.61 9.63 -2.90
#